data_6K5E
#
_entry.id   6K5E
#
_cell.length_a   107.642
_cell.length_b   109.531
_cell.length_c   292.857
_cell.angle_alpha   90.00
_cell.angle_beta   90.00
_cell.angle_gamma   90.00
#
_symmetry.space_group_name_H-M   'C 2 2 21'
#
loop_
_entity.id
_entity.type
_entity.pdbx_description
1 polymer 'Pimeloyl-[acyl-carrier protein] methyl ester esterase'
2 water water
#
_entity_poly.entity_id   1
_entity_poly.type   'polypeptide(L)'
_entity_poly.pdbx_seq_one_letter_code
;MNDIWWQTIGEGDCHLVLLHGWGLNAQVWDCITPQLASHFTLHLVDLPGYGRSGGFGAMSLEAMAQRVLEQAPPQAVWLG
WSLGGLVASQVAIMRPERVQALVTVASSPCFAARDDWPGIKPEVLAGFQQQLSDDFQRTVERFLALQTMGTESARQDARA
LKQAVLSLPMPSAEALNGGLEILRTVDLRQALVRLPMPFLRLYGRLDGLVPRKIVPLLDDLWPESESILFDKAAHAPFVS
HPAAFCEPLLALKTRLG
;
_entity_poly.pdbx_strand_id   A,B,C,D,E,F
#
# COMPACT_ATOMS: atom_id res chain seq x y z
N ASP A 3 -4.13 30.69 26.17
CA ASP A 3 -3.37 30.90 24.94
C ASP A 3 -2.86 29.56 24.41
N ILE A 4 -1.69 29.17 24.89
CA ILE A 4 -1.01 27.92 24.54
C ILE A 4 -1.26 26.93 25.68
N TRP A 5 -1.83 25.77 25.36
CA TRP A 5 -2.06 24.76 26.39
C TRP A 5 -0.72 24.37 26.98
N TRP A 6 -0.60 24.54 28.29
CA TRP A 6 0.67 24.36 29.01
C TRP A 6 0.35 23.71 30.36
N GLN A 7 0.97 22.58 30.64
CA GLN A 7 0.70 21.85 31.88
C GLN A 7 2.02 21.51 32.54
N THR A 8 2.12 21.79 33.82
CA THR A 8 3.34 21.62 34.58
C THR A 8 3.11 20.50 35.58
N ILE A 9 4.09 19.60 35.71
CA ILE A 9 3.94 18.36 36.47
C ILE A 9 5.22 18.09 37.22
N GLY A 10 5.10 17.51 38.40
CA GLY A 10 6.26 17.11 39.17
C GLY A 10 6.93 18.29 39.83
N GLU A 11 8.02 17.99 40.55
CA GLU A 11 8.79 19.06 41.15
C GLU A 11 10.21 18.63 41.47
N GLY A 12 11.02 18.46 40.43
CA GLY A 12 12.46 18.56 40.58
C GLY A 12 12.94 19.99 40.35
N ASP A 13 14.20 20.25 40.69
CA ASP A 13 14.73 21.60 40.45
C ASP A 13 15.13 21.82 39.01
N CYS A 14 15.26 20.74 38.22
CA CYS A 14 15.55 20.88 36.80
C CYS A 14 14.25 20.85 36.02
N HIS A 15 13.96 21.96 35.34
CA HIS A 15 12.82 22.03 34.46
C HIS A 15 13.14 21.37 33.12
N LEU A 16 12.15 20.65 32.58
CA LEU A 16 12.26 19.98 31.29
C LEU A 16 11.02 20.35 30.49
N VAL A 17 11.23 21.03 29.36
CA VAL A 17 10.17 21.40 28.42
C VAL A 17 10.12 20.34 27.32
N LEU A 18 8.96 19.74 27.14
CA LEU A 18 8.76 18.68 26.17
C LEU A 18 7.89 19.21 25.06
N LEU A 19 8.44 19.25 23.84
CA LEU A 19 7.70 19.72 22.67
C LEU A 19 7.48 18.54 21.73
N HIS A 20 6.22 18.25 21.42
CA HIS A 20 5.83 17.17 20.52
C HIS A 20 6.09 17.55 19.07
N GLY A 21 5.74 16.63 18.18
CA GLY A 21 5.95 16.82 16.76
C GLY A 21 4.66 17.15 16.01
N TRP A 22 4.78 17.12 14.69
CA TRP A 22 3.73 17.66 13.84
C TRP A 22 2.46 16.82 13.92
N GLY A 23 1.33 17.52 14.04
CA GLY A 23 0.02 16.93 14.04
C GLY A 23 -0.43 16.40 15.38
N LEU A 24 0.43 16.44 16.40
CA LEU A 24 0.11 15.75 17.64
C LEU A 24 -0.02 16.73 18.79
N ASN A 25 0.17 16.25 20.01
CA ASN A 25 -0.01 17.09 21.19
C ASN A 25 0.79 16.47 22.33
N ALA A 26 0.69 17.09 23.51
CA ALA A 26 1.43 16.66 24.68
C ALA A 26 1.04 15.28 25.17
N GLN A 27 -0.15 14.77 24.80
CA GLN A 27 -0.53 13.46 25.31
C GLN A 27 0.43 12.36 24.86
N VAL A 28 1.25 12.61 23.83
CA VAL A 28 2.26 11.63 23.41
C VAL A 28 3.25 11.30 24.51
N TRP A 29 3.37 12.14 25.54
CA TRP A 29 4.33 11.93 26.63
C TRP A 29 3.71 11.20 27.83
N ASP A 30 2.47 10.72 27.70
CA ASP A 30 1.79 10.12 28.86
C ASP A 30 2.59 8.99 29.50
N CYS A 31 3.29 8.20 28.69
CA CYS A 31 3.94 6.98 29.19
C CYS A 31 5.34 7.23 29.76
N ILE A 32 5.98 8.33 29.39
CA ILE A 32 7.29 8.66 29.95
C ILE A 32 7.23 9.77 31.00
N THR A 33 6.15 10.55 31.06
CA THR A 33 6.01 11.51 32.15
C THR A 33 6.10 10.85 33.53
N PRO A 34 5.55 9.66 33.77
CA PRO A 34 5.71 9.07 35.13
C PRO A 34 7.14 8.77 35.47
N GLN A 35 7.93 8.33 34.48
CA GLN A 35 9.34 8.04 34.69
C GLN A 35 10.20 9.28 34.85
N LEU A 36 9.68 10.46 34.49
CA LEU A 36 10.45 11.70 34.55
C LEU A 36 10.02 12.64 35.67
N ALA A 37 8.74 12.63 36.03
CA ALA A 37 8.21 13.71 36.85
C ALA A 37 8.81 13.76 38.25
N SER A 38 9.44 12.67 38.69
CA SER A 38 10.11 12.66 39.98
C SER A 38 11.51 13.22 39.90
N HIS A 39 12.01 13.49 38.69
CA HIS A 39 13.33 14.00 38.50
C HIS A 39 13.34 15.40 37.93
N PHE A 40 12.20 15.89 37.44
CA PHE A 40 12.11 17.20 36.80
C PHE A 40 10.78 17.82 37.15
N THR A 41 10.74 19.14 37.11
CA THR A 41 9.49 19.81 36.78
C THR A 41 9.33 19.69 35.28
N LEU A 42 8.20 19.15 34.85
CA LEU A 42 7.93 18.80 33.45
C LEU A 42 6.91 19.76 32.86
N HIS A 43 7.19 20.28 31.69
CA HIS A 43 6.28 21.22 31.02
C HIS A 43 5.78 20.53 29.76
N LEU A 44 4.49 20.18 29.77
CA LEU A 44 3.87 19.53 28.63
C LEU A 44 3.18 20.61 27.82
N VAL A 45 3.54 20.71 26.55
CA VAL A 45 3.12 21.82 25.72
C VAL A 45 2.44 21.27 24.48
N ASP A 46 1.23 21.73 24.20
CA ASP A 46 0.66 21.64 22.86
C ASP A 46 1.14 22.84 22.06
N LEU A 47 1.85 22.60 20.95
CA LEU A 47 2.40 23.69 20.17
C LEU A 47 1.28 24.59 19.64
N PRO A 48 1.56 25.88 19.43
CA PRO A 48 0.54 26.80 18.88
C PRO A 48 0.04 26.34 17.52
N GLY A 49 -1.28 26.16 17.42
CA GLY A 49 -1.92 25.57 16.27
C GLY A 49 -2.21 24.09 16.41
N TYR A 50 -1.71 23.43 17.45
CA TYR A 50 -1.82 22.00 17.58
C TYR A 50 -2.60 21.67 18.85
N GLY A 51 -3.15 20.46 18.87
CA GLY A 51 -3.86 19.95 20.05
C GLY A 51 -4.82 20.95 20.67
N ARG A 52 -4.77 21.03 22.00
CA ARG A 52 -5.63 21.96 22.72
C ARG A 52 -5.21 23.41 22.57
N SER A 53 -4.22 23.70 21.73
CA SER A 53 -3.79 25.06 21.43
C SER A 53 -4.32 25.49 20.07
N GLY A 54 -5.52 25.04 19.70
CA GLY A 54 -6.14 25.48 18.47
C GLY A 54 -6.39 26.98 18.48
N GLY A 55 -6.78 27.50 17.33
CA GLY A 55 -6.99 28.93 17.23
C GLY A 55 -5.74 29.72 16.99
N PHE A 56 -4.68 29.09 16.51
CA PHE A 56 -3.59 29.73 15.81
C PHE A 56 -3.58 29.16 14.40
N GLY A 57 -3.19 29.98 13.44
CA GLY A 57 -3.00 29.52 12.09
C GLY A 57 -1.56 29.18 11.81
N ALA A 58 -1.15 29.38 10.57
CA ALA A 58 0.25 29.22 10.23
C ALA A 58 1.06 30.33 10.90
N MET A 59 2.37 30.07 11.03
CA MET A 59 3.33 31.02 11.56
C MET A 59 4.71 30.49 11.26
N SER A 60 5.70 31.39 11.29
CA SER A 60 7.08 31.00 11.07
C SER A 60 7.62 30.26 12.29
N LEU A 61 8.67 29.46 12.08
CA LEU A 61 9.28 28.73 13.19
C LEU A 61 9.70 29.69 14.28
N GLU A 62 10.40 30.77 13.91
CA GLU A 62 10.76 31.83 14.83
C GLU A 62 9.58 32.25 15.70
N ALA A 63 8.44 32.52 15.05
CA ALA A 63 7.25 32.95 15.78
C ALA A 63 6.72 31.85 16.68
N MET A 64 6.73 30.59 16.20
CA MET A 64 6.30 29.49 17.06
C MET A 64 7.17 29.43 18.30
N ALA A 65 8.47 29.64 18.13
CA ALA A 65 9.41 29.59 19.24
C ALA A 65 9.23 30.78 20.19
N GLN A 66 8.86 31.95 19.67
CA GLN A 66 8.61 33.10 20.54
C GLN A 66 7.38 32.91 21.40
N ARG A 67 6.36 32.23 20.88
CA ARG A 67 5.14 32.05 21.67
C ARG A 67 5.34 31.01 22.77
N VAL A 68 6.09 29.95 22.49
CA VAL A 68 6.36 28.94 23.52
C VAL A 68 7.34 29.50 24.54
N LEU A 69 8.32 30.27 24.07
CA LEU A 69 9.27 30.91 24.97
C LEU A 69 8.57 31.83 25.97
N GLU A 70 7.51 32.51 25.52
CA GLU A 70 6.84 33.50 26.35
C GLU A 70 6.09 32.89 27.51
N GLN A 71 5.95 31.56 27.55
CA GLN A 71 5.31 30.89 28.68
C GLN A 71 6.23 29.91 29.39
N ALA A 72 7.49 29.85 29.02
CA ALA A 72 8.41 28.88 29.59
C ALA A 72 8.97 29.35 30.94
N PRO A 73 9.53 28.44 31.74
CA PRO A 73 10.24 28.87 32.94
C PRO A 73 11.48 29.67 32.55
N PRO A 74 12.13 30.30 33.54
CA PRO A 74 13.38 31.02 33.26
C PRO A 74 14.50 30.19 32.64
N GLN A 75 14.87 29.06 33.26
CA GLN A 75 15.84 28.14 32.68
C GLN A 75 15.27 26.74 32.65
N ALA A 76 15.70 25.96 31.65
CA ALA A 76 15.18 24.60 31.49
C ALA A 76 15.96 23.88 30.40
N VAL A 77 15.97 22.55 30.52
CA VAL A 77 16.34 21.70 29.41
C VAL A 77 15.19 21.74 28.44
N TRP A 78 15.50 21.84 27.17
CA TRP A 78 14.49 21.90 26.11
C TRP A 78 14.60 20.63 25.26
N LEU A 79 13.53 19.86 25.20
CA LEU A 79 13.51 18.63 24.44
C LEU A 79 12.44 18.76 23.37
N GLY A 80 12.86 18.64 22.11
CA GLY A 80 11.92 18.68 21.01
C GLY A 80 11.94 17.40 20.18
N TRP A 81 10.76 16.84 19.95
CA TRP A 81 10.59 15.65 19.12
C TRP A 81 10.18 16.11 17.73
N SER A 82 10.96 15.71 16.72
CA SER A 82 10.60 15.89 15.32
C SER A 82 10.41 17.37 15.02
N LEU A 83 9.26 17.80 14.51
CA LEU A 83 9.01 19.23 14.36
C LEU A 83 9.30 19.97 15.66
N GLY A 84 8.88 19.38 16.78
CA GLY A 84 9.21 19.96 18.07
C GLY A 84 10.70 20.13 18.26
N GLY A 85 11.50 19.28 17.61
CA GLY A 85 12.95 19.43 17.67
C GLY A 85 13.44 20.71 17.02
N LEU A 86 12.74 21.19 15.99
CA LEU A 86 13.11 22.45 15.34
C LEU A 86 12.73 23.63 16.21
N VAL A 87 11.56 23.55 16.84
CA VAL A 87 11.15 24.62 17.75
C VAL A 87 12.15 24.75 18.89
N ALA A 88 12.47 23.62 19.53
CA ALA A 88 13.41 23.65 20.65
C ALA A 88 14.78 24.16 20.19
N SER A 89 15.15 23.85 18.94
CA SER A 89 16.40 24.35 18.36
C SER A 89 16.33 25.88 18.18
N GLN A 90 15.24 26.36 17.62
CA GLN A 90 15.08 27.80 17.38
C GLN A 90 15.20 28.59 18.68
N VAL A 91 14.61 28.07 19.77
CA VAL A 91 14.70 28.71 21.07
C VAL A 91 16.15 28.79 21.54
N ALA A 92 16.91 27.70 21.38
CA ALA A 92 18.31 27.75 21.77
C ALA A 92 19.07 28.77 20.94
N ILE A 93 18.69 28.96 19.69
CA ILE A 93 19.38 29.92 18.85
C ILE A 93 19.05 31.34 19.31
N MET A 94 17.77 31.60 19.60
CA MET A 94 17.28 32.94 19.91
C MET A 94 17.64 33.39 21.32
N ARG A 95 17.51 32.51 22.31
CA ARG A 95 17.73 32.90 23.70
C ARG A 95 18.54 31.83 24.43
N PRO A 96 19.84 31.73 24.13
CA PRO A 96 20.66 30.65 24.73
C PRO A 96 20.67 30.64 26.25
N GLU A 97 20.56 31.80 26.89
CA GLU A 97 20.53 31.87 28.35
C GLU A 97 19.34 31.13 28.97
N ARG A 98 18.32 30.77 28.18
CA ARG A 98 17.12 30.08 28.66
C ARG A 98 17.18 28.56 28.58
N VAL A 99 18.09 28.04 27.77
CA VAL A 99 18.20 26.64 27.45
C VAL A 99 19.47 26.16 28.13
N GLN A 100 19.33 25.49 29.28
CA GLN A 100 20.47 24.86 29.93
C GLN A 100 21.06 23.78 29.03
N ALA A 101 20.23 23.15 28.21
CA ALA A 101 20.70 22.10 27.33
C ALA A 101 19.60 21.83 26.33
N LEU A 102 20.00 21.46 25.11
CA LEU A 102 19.05 21.19 24.04
C LEU A 102 19.07 19.70 23.75
N VAL A 103 17.90 19.06 23.77
CA VAL A 103 17.75 17.68 23.35
C VAL A 103 16.75 17.63 22.20
N THR A 104 17.16 17.07 21.06
CA THR A 104 16.23 16.77 19.98
C THR A 104 16.07 15.26 19.87
N VAL A 105 14.84 14.81 19.60
CA VAL A 105 14.53 13.39 19.48
C VAL A 105 14.03 13.16 18.06
N ALA A 106 14.72 12.30 17.31
CA ALA A 106 14.32 11.97 15.94
C ALA A 106 13.97 13.23 15.15
N SER A 107 14.88 14.18 15.17
CA SER A 107 14.71 15.44 14.49
C SER A 107 15.90 15.65 13.58
N SER A 108 15.70 16.54 12.62
CA SER A 108 16.75 16.94 11.70
C SER A 108 16.81 18.46 11.64
N PRO A 109 18.02 19.05 11.63
CA PRO A 109 18.11 20.51 11.50
C PRO A 109 17.60 20.97 10.16
N CYS A 110 17.37 20.03 9.24
CA CYS A 110 17.04 20.35 7.86
C CYS A 110 16.34 19.11 7.29
N PHE A 111 15.01 19.06 7.46
CA PHE A 111 14.23 17.88 7.11
C PHE A 111 14.29 17.56 5.63
N ALA A 112 14.26 18.57 4.77
CA ALA A 112 14.22 18.31 3.33
C ALA A 112 15.60 17.99 2.82
N ALA A 113 15.69 16.97 1.97
CA ALA A 113 16.95 16.65 1.30
C ALA A 113 17.48 17.86 0.56
N ARG A 114 18.68 18.30 0.92
CA ARG A 114 19.45 19.27 0.19
C ARG A 114 20.66 18.57 -0.43
N ASP A 115 21.46 19.34 -1.16
CA ASP A 115 22.52 18.75 -1.96
C ASP A 115 23.60 18.12 -1.06
N ASP A 116 23.80 16.81 -1.24
CA ASP A 116 24.64 15.95 -0.40
C ASP A 116 24.27 16.06 1.08
N TRP A 117 22.95 16.19 1.34
CA TRP A 117 22.37 16.14 2.68
C TRP A 117 21.13 15.24 2.68
N PRO A 118 21.17 14.09 3.39
CA PRO A 118 20.02 13.17 3.40
C PRO A 118 18.77 13.82 3.99
N GLY A 119 17.62 13.38 3.49
CA GLY A 119 16.38 13.98 3.93
C GLY A 119 15.21 13.46 3.10
N ILE A 120 14.08 14.12 3.29
CA ILE A 120 12.87 13.83 2.51
C ILE A 120 12.92 14.65 1.24
N LYS A 121 12.39 14.09 0.14
CA LYS A 121 12.33 14.83 -1.12
C LYS A 121 11.40 16.04 -0.97
N PRO A 122 11.88 17.26 -1.29
CA PRO A 122 11.07 18.46 -1.04
C PRO A 122 9.68 18.39 -1.65
N GLU A 123 9.49 17.56 -2.68
CA GLU A 123 8.19 17.45 -3.32
C GLU A 123 7.33 16.34 -2.72
N VAL A 124 7.94 15.34 -2.09
CA VAL A 124 7.15 14.46 -1.24
C VAL A 124 6.38 15.27 -0.21
N LEU A 125 7.09 16.12 0.52
CA LEU A 125 6.46 16.94 1.56
C LEU A 125 5.51 17.96 0.95
N ALA A 126 5.91 18.57 -0.18
CA ALA A 126 5.01 19.48 -0.88
C ALA A 126 3.72 18.77 -1.28
N GLY A 127 3.83 17.52 -1.75
CA GLY A 127 2.64 16.73 -2.06
C GLY A 127 1.82 16.40 -0.83
N PHE A 128 2.46 16.28 0.34
CA PHE A 128 1.69 16.03 1.55
C PHE A 128 0.80 17.22 1.91
N GLN A 129 1.21 18.44 1.52
CA GLN A 129 0.38 19.62 1.77
C GLN A 129 -0.81 19.66 0.83
N GLN A 130 -0.63 19.23 -0.43
CA GLN A 130 -1.75 19.12 -1.37
C GLN A 130 -2.76 18.08 -0.91
N GLN A 131 -2.29 16.86 -0.56
CA GLN A 131 -3.21 15.84 -0.06
C GLN A 131 -4.02 16.35 1.14
N LEU A 132 -3.45 17.24 1.94
CA LEU A 132 -4.16 17.75 3.11
C LEU A 132 -5.36 18.60 2.70
N SER A 133 -5.21 19.35 1.59
CA SER A 133 -6.35 20.05 1.01
C SER A 133 -7.46 19.08 0.64
N ASP A 134 -7.11 18.01 -0.10
CA ASP A 134 -8.09 17.10 -0.73
C ASP A 134 -8.67 16.10 0.26
N ASP A 135 -7.84 15.59 1.17
CA ASP A 135 -8.23 14.62 2.19
C ASP A 135 -7.54 15.10 3.48
N PHE A 136 -8.28 15.80 4.34
CA PHE A 136 -7.65 16.36 5.53
C PHE A 136 -7.39 15.29 6.58
N GLN A 137 -8.47 14.66 7.07
CA GLN A 137 -8.37 13.69 8.16
C GLN A 137 -7.37 12.57 7.83
N ARG A 138 -7.49 11.98 6.64
CA ARG A 138 -6.70 10.80 6.35
C ARG A 138 -5.26 11.13 5.98
N THR A 139 -4.96 12.38 5.57
CA THR A 139 -3.57 12.76 5.32
C THR A 139 -2.78 12.87 6.62
N VAL A 140 -3.39 13.39 7.68
CA VAL A 140 -2.71 13.45 8.98
C VAL A 140 -2.46 12.04 9.51
N GLU A 141 -3.47 11.18 9.43
CA GLU A 141 -3.28 9.80 9.88
C GLU A 141 -2.22 9.08 9.05
N ARG A 142 -2.15 9.35 7.74
CA ARG A 142 -1.16 8.66 6.94
C ARG A 142 0.25 9.18 7.20
N PHE A 143 0.39 10.48 7.49
CA PHE A 143 1.71 11.01 7.82
C PHE A 143 2.20 10.47 9.16
N LEU A 144 1.29 10.31 10.14
CA LEU A 144 1.68 9.74 11.43
C LEU A 144 1.96 8.24 11.32
N ALA A 145 1.27 7.55 10.42
CA ALA A 145 1.54 6.12 10.22
C ALA A 145 2.97 5.90 9.75
N LEU A 146 3.58 6.90 9.10
CA LEU A 146 4.94 6.78 8.58
C LEU A 146 5.99 6.68 9.69
N GLN A 147 5.67 7.22 10.87
CA GLN A 147 6.67 7.47 11.89
C GLN A 147 6.95 6.26 12.78
N THR A 148 6.07 5.27 12.79
CA THR A 148 6.30 4.07 13.59
C THR A 148 6.64 2.87 12.73
N MET A 149 6.70 3.04 11.41
CA MET A 149 6.94 1.91 10.52
C MET A 149 8.31 1.27 10.80
N GLY A 150 8.41 -0.01 10.50
CA GLY A 150 9.70 -0.68 10.46
C GLY A 150 10.13 -1.39 11.72
N THR A 151 9.42 -1.20 12.84
CA THR A 151 9.88 -1.70 14.13
C THR A 151 9.09 -2.93 14.55
N GLU A 152 9.66 -3.68 15.49
CA GLU A 152 8.96 -4.81 16.14
C GLU A 152 8.05 -4.29 17.25
N SER A 153 7.13 -3.41 16.86
CA SER A 153 6.23 -2.72 17.78
C SER A 153 5.32 -1.78 17.01
N ALA A 154 5.41 -1.81 15.68
CA ALA A 154 4.80 -0.78 14.85
C ALA A 154 3.29 -0.64 15.09
N ARG A 155 2.60 -1.74 15.37
CA ARG A 155 1.13 -1.68 15.47
C ARG A 155 0.70 -0.97 16.73
N GLN A 156 1.23 -1.37 17.88
CA GLN A 156 0.86 -0.70 19.11
C GLN A 156 1.37 0.74 19.15
N ASP A 157 2.48 1.00 18.46
CA ASP A 157 3.02 2.35 18.49
C ASP A 157 2.23 3.28 17.58
N ALA A 158 1.87 2.81 16.37
CA ALA A 158 1.02 3.61 15.49
C ALA A 158 -0.30 3.95 16.17
N ARG A 159 -0.84 3.00 16.95
CA ARG A 159 -2.10 3.27 17.66
C ARG A 159 -1.92 4.27 18.79
N ALA A 160 -0.78 4.26 19.48
CA ALA A 160 -0.54 5.27 20.50
C ALA A 160 -0.55 6.67 19.89
N LEU A 161 0.15 6.85 18.76
CA LEU A 161 0.11 8.15 18.11
C LEU A 161 -1.29 8.48 17.61
N LYS A 162 -1.93 7.52 16.94
CA LYS A 162 -3.25 7.76 16.36
C LYS A 162 -4.29 8.10 17.42
N GLN A 163 -4.24 7.40 18.56
CA GLN A 163 -5.12 7.74 19.67
C GLN A 163 -4.91 9.17 20.13
N ALA A 164 -3.64 9.61 20.15
CA ALA A 164 -3.35 10.92 20.71
C ALA A 164 -3.83 12.05 19.80
N VAL A 165 -3.89 11.83 18.49
CA VAL A 165 -4.48 12.87 17.63
C VAL A 165 -6.02 12.79 17.65
N LEU A 166 -6.59 11.58 17.80
CA LEU A 166 -8.04 11.42 17.76
C LEU A 166 -8.73 11.68 19.11
N SER A 167 -8.01 11.77 20.22
CA SER A 167 -8.63 12.10 21.51
C SER A 167 -8.90 13.59 21.68
N LEU A 168 -8.58 14.39 20.67
CA LEU A 168 -8.75 15.84 20.70
C LEU A 168 -9.30 16.26 19.35
N PRO A 169 -9.99 17.40 19.28
CA PRO A 169 -10.48 17.87 17.96
C PRO A 169 -9.31 18.17 17.06
N MET A 170 -9.46 17.83 15.78
CA MET A 170 -8.39 18.07 14.81
C MET A 170 -7.95 19.52 14.86
N PRO A 171 -6.65 19.80 14.76
CA PRO A 171 -6.22 21.20 14.64
C PRO A 171 -6.60 21.73 13.26
N SER A 172 -6.43 23.05 13.09
CA SER A 172 -6.84 23.70 11.86
C SER A 172 -5.99 23.19 10.70
N ALA A 173 -6.58 23.19 9.50
CA ALA A 173 -5.78 22.74 8.36
C ALA A 173 -4.70 23.75 7.99
N GLU A 174 -4.89 25.02 8.34
CA GLU A 174 -3.85 26.03 8.07
C GLU A 174 -2.67 25.92 9.03
N ALA A 175 -2.92 25.55 10.29
CA ALA A 175 -1.83 25.29 11.22
C ALA A 175 -0.96 24.13 10.73
N LEU A 176 -1.59 23.04 10.32
CA LEU A 176 -0.84 21.87 9.87
C LEU A 176 -0.07 22.15 8.57
N ASN A 177 -0.72 22.78 7.59
CA ASN A 177 0.00 23.07 6.36
C ASN A 177 1.20 23.94 6.65
N GLY A 178 1.04 24.93 7.53
CA GLY A 178 2.19 25.71 7.96
C GLY A 178 3.27 24.84 8.60
N GLY A 179 2.86 23.89 9.46
CA GLY A 179 3.83 22.94 9.97
C GLY A 179 4.61 22.24 8.87
N LEU A 180 3.90 21.78 7.83
CA LEU A 180 4.58 21.09 6.76
C LEU A 180 5.55 22.02 6.05
N GLU A 181 5.18 23.29 5.94
CA GLU A 181 6.03 24.28 5.27
C GLU A 181 7.31 24.51 6.07
N ILE A 182 7.20 24.65 7.39
CA ILE A 182 8.39 24.76 8.22
C ILE A 182 9.34 23.60 7.93
N LEU A 183 8.82 22.37 7.92
CA LEU A 183 9.70 21.22 7.67
C LEU A 183 10.33 21.32 6.28
N ARG A 184 9.53 21.77 5.30
CA ARG A 184 9.98 21.83 3.91
C ARG A 184 11.12 22.81 3.73
N THR A 185 11.06 23.96 4.42
CA THR A 185 11.96 25.06 4.11
C THR A 185 13.04 25.35 5.16
N VAL A 186 12.93 24.81 6.39
CA VAL A 186 13.84 25.20 7.49
C VAL A 186 15.15 24.43 7.37
N ASP A 187 16.24 25.12 7.74
CA ASP A 187 17.59 24.57 7.60
C ASP A 187 18.46 25.25 8.67
N LEU A 188 18.65 24.57 9.80
CA LEU A 188 19.36 25.14 10.93
C LEU A 188 20.78 24.58 11.08
N ARG A 189 21.28 23.84 10.07
CA ARG A 189 22.57 23.17 10.22
C ARG A 189 23.65 24.14 10.66
N GLN A 190 23.74 25.28 9.98
CA GLN A 190 24.78 26.26 10.30
C GLN A 190 24.50 26.94 11.63
N ALA A 191 23.26 27.39 11.86
CA ALA A 191 22.97 28.18 13.04
C ALA A 191 23.30 27.46 14.33
N LEU A 192 23.31 26.12 14.32
CA LEU A 192 23.62 25.32 15.49
C LEU A 192 25.10 24.92 15.57
N VAL A 193 25.91 25.29 14.57
CA VAL A 193 27.32 24.89 14.55
C VAL A 193 28.03 25.29 15.83
N ARG A 194 27.60 26.38 16.45
CA ARG A 194 28.30 26.91 17.62
C ARG A 194 27.35 27.16 18.79
N LEU A 195 26.43 26.23 19.05
CA LEU A 195 25.54 26.37 20.20
C LEU A 195 26.36 26.44 21.49
N PRO A 196 26.07 27.39 22.39
CA PRO A 196 26.88 27.54 23.61
C PRO A 196 26.52 26.62 24.75
N MET A 197 25.57 25.71 24.59
CA MET A 197 25.12 24.87 25.69
C MET A 197 25.14 23.41 25.28
N PRO A 198 25.08 22.51 26.25
CA PRO A 198 25.02 21.08 25.94
C PRO A 198 23.90 20.68 24.98
N PHE A 199 24.25 19.88 23.98
CA PHE A 199 23.36 19.55 22.87
C PHE A 199 23.32 18.03 22.75
N LEU A 200 22.16 17.42 23.02
CA LEU A 200 22.02 15.97 22.95
C LEU A 200 21.04 15.61 21.85
N ARG A 201 21.50 14.79 20.89
CA ARG A 201 20.65 14.40 19.76
C ARG A 201 20.35 12.91 19.83
N LEU A 202 19.06 12.56 19.88
CA LEU A 202 18.60 11.17 19.90
C LEU A 202 17.92 10.82 18.59
N TYR A 203 18.25 9.64 18.04
CA TYR A 203 17.77 9.19 16.74
C TYR A 203 17.27 7.76 16.85
N GLY A 204 16.40 7.41 15.90
CA GLY A 204 16.02 6.02 15.62
C GLY A 204 16.62 5.53 14.31
N ARG A 205 17.13 4.28 14.34
CA ARG A 205 17.88 3.74 13.21
C ARG A 205 16.98 3.49 12.02
N LEU A 206 15.75 3.05 12.28
CA LEU A 206 14.77 2.76 11.24
C LEU A 206 13.87 3.96 10.92
N ASP A 207 14.30 5.17 11.28
CA ASP A 207 13.50 6.37 11.05
C ASP A 207 13.36 6.62 9.55
N GLY A 208 12.14 6.55 9.04
CA GLY A 208 11.86 6.82 7.64
C GLY A 208 11.78 8.28 7.26
N LEU A 209 11.77 9.20 8.23
CA LEU A 209 11.74 10.63 7.96
C LEU A 209 13.10 11.29 8.17
N VAL A 210 13.81 10.87 9.20
CA VAL A 210 15.10 11.45 9.55
C VAL A 210 16.14 10.37 9.26
N PRO A 211 16.82 10.43 8.11
CA PRO A 211 17.75 9.35 7.73
C PRO A 211 18.99 9.33 8.60
N ARG A 212 19.26 8.18 9.20
CA ARG A 212 20.42 8.02 10.04
C ARG A 212 21.70 8.39 9.31
N ILE A 214 23.43 11.62 10.81
CA ILE A 214 23.90 11.58 12.20
C ILE A 214 25.41 11.68 12.25
N VAL A 215 26.07 10.77 11.55
CA VAL A 215 27.52 10.83 11.37
C VAL A 215 27.94 12.22 10.90
N PRO A 216 27.21 12.86 9.96
CA PRO A 216 27.60 14.22 9.55
C PRO A 216 27.39 15.28 10.61
N LEU A 217 26.28 15.21 11.35
CA LEU A 217 26.08 16.20 12.41
C LEU A 217 27.03 15.94 13.56
N LEU A 218 27.42 14.68 13.77
CA LEU A 218 28.50 14.37 14.69
C LEU A 218 29.75 15.13 14.32
N ASP A 219 30.05 15.19 13.04
CA ASP A 219 31.20 15.96 12.58
C ASP A 219 30.89 17.45 12.54
N TRP A 222 28.79 19.14 14.21
CA TRP A 222 28.50 19.64 15.55
C TRP A 222 29.38 18.92 16.57
N PRO A 223 30.69 19.20 16.59
CA PRO A 223 31.61 18.37 17.36
C PRO A 223 31.39 18.42 18.86
N GLU A 224 30.70 19.44 19.38
CA GLU A 224 30.44 19.53 20.81
C GLU A 224 29.20 18.78 21.23
N SER A 225 28.29 18.52 20.29
CA SER A 225 27.07 17.80 20.59
C SER A 225 27.35 16.32 20.74
N GLU A 226 26.44 15.63 21.42
CA GLU A 226 26.51 14.20 21.53
C GLU A 226 25.25 13.60 20.90
N SER A 227 25.36 12.36 20.50
CA SER A 227 24.30 11.71 19.76
C SER A 227 24.18 10.29 20.25
N ILE A 228 22.95 9.81 20.31
CA ILE A 228 22.67 8.41 20.58
C ILE A 228 21.75 7.92 19.50
N LEU A 229 22.10 6.79 18.89
CA LEU A 229 21.31 6.15 17.85
C LEU A 229 20.58 4.94 18.45
N PHE A 230 19.25 4.91 18.36
CA PHE A 230 18.46 3.81 18.87
C PHE A 230 18.32 2.76 17.77
N ASP A 231 18.92 1.59 18.01
CA ASP A 231 19.18 0.66 16.92
C ASP A 231 17.90 -0.03 16.43
N LYS A 232 16.88 -0.14 17.30
CA LYS A 232 15.65 -0.85 16.94
C LYS A 232 14.41 0.05 16.96
N ALA A 233 14.59 1.36 17.01
CA ALA A 233 13.51 2.33 17.02
C ALA A 233 13.43 3.06 15.68
N ALA A 234 12.24 3.58 15.37
CA ALA A 234 12.03 4.40 14.17
C ALA A 234 11.86 5.87 14.61
N HIS A 235 10.87 6.60 14.09
N HIS A 235 10.87 6.60 14.10
CA HIS A 235 10.76 8.04 14.33
CA HIS A 235 10.75 8.04 14.33
C HIS A 235 10.22 8.40 15.72
C HIS A 235 10.20 8.40 15.70
N ALA A 236 9.74 7.44 16.50
CA ALA A 236 9.20 7.74 17.83
C ALA A 236 9.88 6.85 18.86
N PRO A 237 11.18 7.06 19.08
CA PRO A 237 11.90 6.19 20.03
C PRO A 237 11.36 6.22 21.45
N PHE A 238 10.71 7.31 21.89
CA PHE A 238 10.25 7.37 23.27
C PHE A 238 8.96 6.61 23.48
N VAL A 239 8.29 6.23 22.40
CA VAL A 239 7.14 5.36 22.49
C VAL A 239 7.56 3.90 22.50
N SER A 240 8.43 3.51 21.55
CA SER A 240 8.87 2.13 21.44
C SER A 240 9.96 1.77 22.44
N HIS A 241 10.73 2.75 22.90
CA HIS A 241 11.84 2.51 23.83
C HIS A 241 11.82 3.56 24.93
N PRO A 242 10.75 3.58 25.76
CA PRO A 242 10.64 4.62 26.81
C PRO A 242 11.74 4.61 27.85
N ALA A 243 12.23 3.43 28.21
CA ALA A 243 13.19 3.30 29.30
C ALA A 243 14.60 3.66 28.84
N ALA A 244 14.98 3.24 27.63
CA ALA A 244 16.26 3.72 27.10
C ALA A 244 16.20 5.20 26.80
N PHE A 245 15.02 5.71 26.43
CA PHE A 245 14.86 7.12 26.11
C PHE A 245 15.11 8.00 27.33
N CYS A 246 14.55 7.64 28.49
CA CYS A 246 14.64 8.51 29.67
C CYS A 246 16.05 8.56 30.22
N GLU A 247 16.76 7.45 30.20
CA GLU A 247 17.98 7.34 30.99
C GLU A 247 19.04 8.37 30.59
N PRO A 248 19.30 8.65 29.31
CA PRO A 248 20.22 9.74 28.97
C PRO A 248 19.72 11.09 29.42
N LEU A 249 18.42 11.25 29.68
CA LEU A 249 17.93 12.51 30.21
C LEU A 249 18.26 12.64 31.68
N LEU A 250 18.09 11.56 32.43
CA LEU A 250 18.51 11.55 33.83
C LEU A 250 20.01 11.77 33.93
N ALA A 251 20.78 11.11 33.07
CA ALA A 251 22.22 11.35 33.06
C ALA A 251 22.52 12.80 32.74
N LEU A 252 21.70 13.42 31.90
CA LEU A 252 21.96 14.79 31.49
C LEU A 252 21.69 15.76 32.63
N LYS A 253 20.59 15.57 33.36
CA LYS A 253 20.34 16.40 34.54
C LYS A 253 21.56 16.38 35.46
N THR A 254 22.10 15.18 35.70
CA THR A 254 23.28 15.01 36.57
C THR A 254 24.48 15.79 36.05
N ARG A 255 24.83 15.61 34.77
N ARG A 255 24.82 15.62 34.77
CA ARG A 255 25.99 16.30 34.20
CA ARG A 255 25.98 16.31 34.20
C ARG A 255 25.87 17.82 34.34
C ARG A 255 25.87 17.82 34.34
N LEU A 256 24.66 18.36 34.21
CA LEU A 256 24.45 19.79 34.40
C LEU A 256 24.76 20.19 35.84
N GLY A 257 24.01 19.63 36.80
CA GLY A 257 24.30 19.71 38.22
C GLY A 257 24.48 21.09 38.83
N ASN B 2 47.26 10.31 37.68
CA ASN B 2 46.19 9.44 37.19
C ASN B 2 46.10 9.48 35.66
N ASP B 3 46.94 8.71 34.95
CA ASP B 3 46.73 8.45 33.53
C ASP B 3 46.96 6.97 33.24
N ILE B 4 46.24 6.49 32.22
CA ILE B 4 46.08 5.07 31.93
C ILE B 4 46.93 4.73 30.71
N TRP B 5 47.54 3.55 30.70
CA TRP B 5 48.32 3.18 29.52
C TRP B 5 47.38 2.93 28.36
N TRP B 6 47.66 3.59 27.23
CA TRP B 6 46.74 3.61 26.09
C TRP B 6 47.55 3.73 24.81
N GLN B 7 47.50 2.69 23.97
CA GLN B 7 48.19 2.65 22.69
C GLN B 7 47.16 2.57 21.57
N THR B 8 47.21 3.53 20.65
CA THR B 8 46.34 3.54 19.48
C THR B 8 47.14 3.01 18.30
N ILE B 9 46.68 1.93 17.69
CA ILE B 9 47.36 1.39 16.50
C ILE B 9 46.35 1.30 15.37
N GLY B 10 46.80 0.75 14.25
CA GLY B 10 45.94 0.51 13.11
C GLY B 10 45.61 1.78 12.38
N GLU B 11 45.12 1.61 11.15
CA GLU B 11 44.76 2.72 10.26
C GLU B 11 43.34 2.59 9.75
N GLY B 12 42.40 2.18 10.63
CA GLY B 12 41.08 1.78 10.20
C GLY B 12 39.97 2.82 10.39
N ASP B 13 38.91 2.64 9.60
CA ASP B 13 37.81 3.60 9.48
C ASP B 13 37.12 3.86 10.82
N CYS B 14 36.93 2.81 11.61
CA CYS B 14 36.04 2.78 12.75
C CYS B 14 36.89 2.55 14.00
N HIS B 15 36.45 3.07 15.15
CA HIS B 15 37.25 2.95 16.37
C HIS B 15 36.81 1.73 17.19
N LEU B 16 37.80 1.02 17.73
CA LEU B 16 37.55 -0.21 18.49
C LEU B 16 38.40 -0.16 19.75
N VAL B 17 37.76 0.04 20.89
CA VAL B 17 38.41 -0.05 22.19
C VAL B 17 38.40 -1.51 22.63
N LEU B 18 39.56 -2.03 23.03
CA LEU B 18 39.69 -3.42 23.47
C LEU B 18 40.10 -3.40 24.94
N LEU B 19 39.44 -4.21 25.77
CA LEU B 19 39.70 -4.24 27.20
C LEU B 19 39.97 -5.66 27.66
N HIS B 20 41.19 -5.90 28.18
CA HIS B 20 41.63 -7.22 28.67
C HIS B 20 40.90 -7.58 29.96
N GLY B 21 41.04 -8.83 30.37
CA GLY B 21 40.43 -9.33 31.59
C GLY B 21 41.36 -9.27 32.80
N TRP B 22 40.83 -9.80 33.90
CA TRP B 22 41.48 -9.67 35.19
C TRP B 22 42.85 -10.33 35.17
N GLY B 23 43.85 -9.62 35.70
CA GLY B 23 45.20 -10.13 35.86
C GLY B 23 46.11 -9.97 34.65
N LEU B 24 45.57 -9.56 33.49
CA LEU B 24 46.31 -9.50 32.25
C LEU B 24 46.53 -8.05 31.84
N ASN B 25 46.69 -7.81 30.53
CA ASN B 25 47.06 -6.51 29.98
C ASN B 25 46.82 -6.55 28.49
N ALA B 26 46.98 -5.40 27.84
CA ALA B 26 46.66 -5.24 26.42
C ALA B 26 47.54 -6.08 25.50
N GLN B 27 48.57 -6.75 25.99
CA GLN B 27 49.36 -7.62 25.11
C GLN B 27 48.59 -8.88 24.72
N VAL B 28 47.53 -9.22 25.47
CA VAL B 28 46.68 -10.35 25.11
C VAL B 28 46.09 -10.21 23.72
N TRP B 29 46.11 -9.00 23.14
CA TRP B 29 45.58 -8.75 21.81
C TRP B 29 46.66 -8.72 20.72
N ASP B 30 47.91 -9.02 21.06
CA ASP B 30 49.03 -8.88 20.13
C ASP B 30 48.75 -9.54 18.79
N CYS B 31 48.15 -10.73 18.80
CA CYS B 31 47.97 -11.54 17.60
C CYS B 31 46.54 -11.58 17.08
N ILE B 32 45.76 -10.51 17.25
CA ILE B 32 44.59 -10.31 16.38
C ILE B 32 44.64 -8.89 15.85
N THR B 33 45.49 -8.05 16.44
CA THR B 33 45.53 -6.65 16.02
C THR B 33 45.95 -6.50 14.55
N PRO B 34 46.91 -7.27 14.02
CA PRO B 34 47.22 -7.12 12.58
C PRO B 34 46.07 -7.44 11.64
N GLN B 35 45.19 -8.38 12.01
CA GLN B 35 44.02 -8.69 11.19
C GLN B 35 42.90 -7.66 11.34
N LEU B 36 42.90 -6.88 12.42
CA LEU B 36 41.92 -5.81 12.62
C LEU B 36 42.44 -4.45 12.21
N ALA B 37 43.74 -4.32 11.97
CA ALA B 37 44.35 -3.00 11.84
C ALA B 37 43.81 -2.23 10.64
N SER B 38 43.47 -2.93 9.57
CA SER B 38 42.99 -2.27 8.36
C SER B 38 41.51 -1.95 8.40
N HIS B 39 40.77 -2.47 9.39
CA HIS B 39 39.35 -2.19 9.51
C HIS B 39 39.00 -1.27 10.67
N PHE B 40 39.85 -1.20 11.70
CA PHE B 40 39.61 -0.35 12.85
C PHE B 40 40.87 0.42 13.20
N THR B 41 40.68 1.64 13.70
CA THR B 41 41.63 2.25 14.61
C THR B 41 41.46 1.56 15.96
N LEU B 42 42.53 0.94 16.43
CA LEU B 42 42.48 0.04 17.58
C LEU B 42 43.05 0.72 18.81
N HIS B 43 42.28 0.71 19.90
CA HIS B 43 42.67 1.35 21.16
C HIS B 43 42.95 0.28 22.21
N LEU B 44 44.24 0.01 22.43
CA LEU B 44 44.70 -1.06 23.30
C LEU B 44 45.00 -0.46 24.67
N VAL B 45 44.21 -0.85 25.68
CA VAL B 45 44.22 -0.19 26.99
C VAL B 45 44.63 -1.19 28.07
N ASP B 46 45.45 -0.74 29.01
CA ASP B 46 45.71 -1.49 30.24
C ASP B 46 44.81 -0.92 31.34
N LEU B 47 43.93 -1.76 31.89
CA LEU B 47 42.93 -1.26 32.83
C LEU B 47 43.61 -0.63 34.05
N PRO B 48 43.03 0.44 34.63
CA PRO B 48 43.63 1.07 35.82
C PRO B 48 44.04 0.08 36.90
N GLY B 49 45.34 0.04 37.22
CA GLY B 49 45.86 -0.88 38.20
C GLY B 49 46.48 -2.12 37.61
N TYR B 50 46.44 -2.29 36.29
CA TYR B 50 46.90 -3.49 35.61
C TYR B 50 48.00 -3.17 34.61
N GLY B 51 49.01 -4.04 34.55
CA GLY B 51 50.03 -3.92 33.53
C GLY B 51 50.75 -2.60 33.63
N ARG B 52 50.63 -1.78 32.58
CA ARG B 52 51.37 -0.53 32.48
C ARG B 52 50.63 0.69 33.06
N SER B 53 49.37 0.57 33.45
CA SER B 53 48.78 1.68 34.18
C SER B 53 48.89 1.41 35.68
N GLY B 54 50.14 1.54 36.14
CA GLY B 54 50.49 1.26 37.51
C GLY B 54 49.91 2.25 38.49
N GLY B 55 49.99 1.88 39.76
CA GLY B 55 49.73 2.82 40.82
C GLY B 55 48.30 3.00 41.18
N PHE B 56 47.39 2.24 40.59
CA PHE B 56 46.01 2.25 41.03
C PHE B 56 45.82 1.04 41.95
N GLY B 57 45.04 1.24 42.99
CA GLY B 57 44.62 0.17 43.89
C GLY B 57 43.25 -0.36 43.51
N ALA B 58 42.50 -0.80 44.52
CA ALA B 58 41.16 -1.32 44.27
C ALA B 58 40.20 -0.16 44.03
N MET B 59 39.27 -0.34 43.08
CA MET B 59 38.24 0.66 42.81
C MET B 59 36.95 -0.04 42.41
N SER B 60 35.86 0.72 42.42
CA SER B 60 34.60 0.18 41.97
C SER B 60 34.61 0.05 40.45
N LEU B 61 33.68 -0.76 39.93
CA LEU B 61 33.54 -0.86 38.49
C LEU B 61 33.18 0.49 37.89
N GLU B 62 32.43 1.29 38.65
CA GLU B 62 32.05 2.62 38.19
C GLU B 62 33.27 3.52 38.03
N ALA B 63 34.13 3.58 39.06
CA ALA B 63 35.32 4.42 38.96
C ALA B 63 36.26 3.91 37.89
N MET B 64 36.36 2.58 37.77
CA MET B 64 37.22 2.00 36.75
C MET B 64 36.76 2.40 35.36
N ALA B 65 35.46 2.27 35.09
CA ALA B 65 34.94 2.61 33.77
C ALA B 65 35.02 4.10 33.47
N GLN B 66 34.90 4.94 34.51
CA GLN B 66 35.06 6.37 34.34
C GLN B 66 36.50 6.74 33.97
N ARG B 67 37.49 6.13 34.64
CA ARG B 67 38.87 6.45 34.33
C ARG B 67 39.24 6.06 32.90
N VAL B 68 38.80 4.87 32.44
CA VAL B 68 39.04 4.45 31.06
C VAL B 68 38.38 5.40 30.06
N LEU B 69 37.12 5.74 30.30
CA LEU B 69 36.34 6.59 29.39
C LEU B 69 36.97 7.96 29.21
N GLU B 70 37.79 8.39 30.18
CA GLU B 70 38.38 9.73 30.15
C GLU B 70 39.42 9.88 29.05
N GLN B 71 40.15 8.82 28.73
CA GLN B 71 41.11 8.82 27.64
C GLN B 71 40.55 8.19 26.37
N ALA B 72 39.25 7.92 26.33
CA ALA B 72 38.59 7.26 25.21
C ALA B 72 38.27 8.24 24.11
N PRO B 73 38.15 7.76 22.87
CA PRO B 73 37.77 8.64 21.77
C PRO B 73 36.30 9.00 21.86
N PRO B 74 35.87 10.07 21.19
CA PRO B 74 34.46 10.51 21.35
C PRO B 74 33.46 9.40 21.12
N GLN B 75 33.64 8.59 20.08
CA GLN B 75 32.71 7.51 19.76
C GLN B 75 33.51 6.32 19.28
N ALA B 76 33.28 5.17 19.91
CA ALA B 76 34.01 3.96 19.54
C ALA B 76 33.09 2.77 19.74
N VAL B 77 33.51 1.65 19.16
CA VAL B 77 32.97 0.35 19.54
C VAL B 77 33.79 -0.14 20.72
N TRP B 78 33.14 -0.64 21.76
CA TRP B 78 33.84 -1.09 22.95
C TRP B 78 33.72 -2.61 23.05
N LEU B 79 34.85 -3.29 23.13
CA LEU B 79 34.92 -4.74 23.25
C LEU B 79 35.59 -5.10 24.57
N GLY B 80 34.91 -5.84 25.41
CA GLY B 80 35.45 -6.24 26.69
C GLY B 80 35.58 -7.75 26.78
N TRP B 81 36.73 -8.20 27.28
CA TRP B 81 36.96 -9.62 27.54
C TRP B 81 36.90 -9.85 29.04
N SER B 82 36.09 -10.83 29.46
CA SER B 82 36.04 -11.25 30.86
C SER B 82 35.73 -10.03 31.74
N LEU B 83 36.62 -9.63 32.65
CA LEU B 83 36.34 -8.45 33.48
C LEU B 83 36.26 -7.18 32.63
N GLY B 84 37.18 -7.03 31.67
CA GLY B 84 37.04 -5.96 30.68
C GLY B 84 35.65 -5.88 30.08
N GLY B 85 34.94 -7.02 30.00
CA GLY B 85 33.57 -6.99 29.55
C GLY B 85 32.64 -6.25 30.49
N LEU B 86 32.84 -6.42 31.81
CA LEU B 86 32.06 -5.63 32.78
C LEU B 86 32.40 -4.15 32.68
N VAL B 87 33.69 -3.81 32.50
CA VAL B 87 34.07 -2.41 32.30
C VAL B 87 33.38 -1.83 31.07
N ALA B 88 33.43 -2.53 29.93
CA ALA B 88 32.83 -2.01 28.71
C ALA B 88 31.31 -1.91 28.86
N SER B 89 30.69 -2.89 29.51
CA SER B 89 29.27 -2.83 29.79
C SER B 89 28.93 -1.62 30.66
N GLN B 90 29.68 -1.42 31.75
CA GLN B 90 29.49 -0.26 32.61
C GLN B 90 29.58 1.03 31.82
N VAL B 91 30.57 1.14 30.92
CA VAL B 91 30.68 2.31 30.06
C VAL B 91 29.42 2.47 29.21
N ALA B 92 28.94 1.37 28.62
CA ALA B 92 27.74 1.43 27.80
C ALA B 92 26.60 2.07 28.57
N ILE B 93 26.38 1.58 29.80
CA ILE B 93 25.30 2.03 30.65
C ILE B 93 25.47 3.50 31.00
N MET B 94 26.67 3.88 31.45
CA MET B 94 26.87 5.22 31.97
C MET B 94 26.88 6.25 30.86
N ARG B 95 27.52 5.94 29.74
CA ARG B 95 27.81 6.92 28.69
C ARG B 95 27.46 6.34 27.34
N PRO B 96 26.16 6.06 27.08
CA PRO B 96 25.80 5.48 25.76
C PRO B 96 26.23 6.33 24.58
N GLU B 97 26.34 7.65 24.73
CA GLU B 97 26.77 8.51 23.63
C GLU B 97 28.21 8.25 23.22
N ARG B 98 29.02 7.61 24.07
CA ARG B 98 30.39 7.29 23.70
C ARG B 98 30.52 5.93 23.04
N VAL B 99 29.47 5.11 23.07
CA VAL B 99 29.57 3.68 22.72
C VAL B 99 28.76 3.44 21.44
N GLN B 100 29.46 3.25 20.32
CA GLN B 100 28.75 2.97 19.07
C GLN B 100 28.07 1.61 19.13
N ALA B 101 28.67 0.66 19.84
CA ALA B 101 28.22 -0.72 19.96
C ALA B 101 29.00 -1.36 21.09
N LEU B 102 28.35 -2.29 21.80
CA LEU B 102 28.95 -3.04 22.89
C LEU B 102 29.21 -4.48 22.47
N VAL B 103 30.45 -4.94 22.67
CA VAL B 103 30.86 -6.33 22.45
C VAL B 103 31.49 -6.87 23.71
N THR B 104 31.05 -8.03 24.17
CA THR B 104 31.75 -8.73 25.24
C THR B 104 32.18 -10.10 24.74
N VAL B 105 33.36 -10.54 25.20
CA VAL B 105 33.93 -11.84 24.88
C VAL B 105 34.16 -12.60 26.18
N ALA B 106 33.67 -13.83 26.25
CA ALA B 106 33.96 -14.75 27.35
C ALA B 106 33.70 -14.06 28.68
N SER B 107 32.52 -13.48 28.78
CA SER B 107 32.21 -12.46 29.78
C SER B 107 30.77 -12.68 30.23
N SER B 108 30.50 -12.34 31.49
CA SER B 108 29.18 -12.56 32.07
C SER B 108 28.77 -11.31 32.83
N PRO B 109 27.47 -10.98 32.82
CA PRO B 109 27.01 -9.79 33.55
C PRO B 109 27.04 -9.96 35.06
N CYS B 110 27.25 -11.18 35.53
CA CYS B 110 27.12 -11.53 36.96
C CYS B 110 27.94 -12.80 37.14
N PHE B 111 29.21 -12.65 37.54
CA PHE B 111 30.15 -13.76 37.37
C PHE B 111 29.89 -14.84 38.39
N ALA B 112 29.41 -14.46 39.57
CA ALA B 112 29.17 -15.43 40.65
C ALA B 112 27.78 -16.03 40.47
N ALA B 113 27.68 -17.33 40.74
CA ALA B 113 26.37 -17.99 40.77
C ALA B 113 25.46 -17.32 41.81
N ARG B 114 24.22 -17.05 41.40
CA ARG B 114 23.16 -16.61 42.28
C ARG B 114 21.98 -17.56 42.08
N ASP B 115 20.87 -17.26 42.72
CA ASP B 115 19.76 -18.20 42.69
C ASP B 115 19.12 -18.18 41.30
N ASP B 116 18.93 -19.37 40.75
CA ASP B 116 18.44 -19.56 39.39
C ASP B 116 19.37 -18.93 38.34
N TRP B 117 20.62 -18.62 38.70
CA TRP B 117 21.56 -17.97 37.79
C TRP B 117 22.89 -18.72 37.79
N PRO B 118 23.28 -19.36 36.68
CA PRO B 118 24.54 -20.11 36.68
C PRO B 118 25.75 -19.17 36.73
N GLY B 119 26.79 -19.60 37.44
CA GLY B 119 28.01 -18.82 37.55
C GLY B 119 29.00 -19.53 38.46
N ILE B 120 30.14 -18.86 38.70
CA ILE B 120 31.12 -19.39 39.65
C ILE B 120 30.50 -19.40 41.03
N LYS B 121 30.60 -20.54 41.72
CA LYS B 121 30.07 -20.59 43.08
C LYS B 121 30.90 -19.66 43.98
N PRO B 122 30.25 -18.87 44.83
CA PRO B 122 30.99 -17.96 45.70
C PRO B 122 32.15 -18.63 46.44
N GLU B 123 31.96 -19.86 46.93
CA GLU B 123 33.00 -20.49 47.74
C GLU B 123 34.15 -20.94 46.88
N VAL B 124 33.88 -21.31 45.64
CA VAL B 124 34.95 -21.58 44.71
C VAL B 124 35.74 -20.30 44.40
N LEU B 125 35.06 -19.16 44.21
CA LEU B 125 35.78 -17.90 44.04
C LEU B 125 36.60 -17.59 45.28
N ALA B 126 35.98 -17.72 46.45
CA ALA B 126 36.68 -17.44 47.71
C ALA B 126 37.92 -18.32 47.87
N GLY B 127 37.83 -19.58 47.46
CA GLY B 127 38.99 -20.45 47.51
C GLY B 127 40.10 -19.98 46.61
N PHE B 128 39.75 -19.50 45.41
CA PHE B 128 40.75 -18.97 44.49
C PHE B 128 41.46 -17.76 45.10
N GLN B 129 40.69 -16.88 45.73
CA GLN B 129 41.27 -15.70 46.37
C GLN B 129 42.31 -16.11 47.40
N GLN B 130 41.90 -16.89 48.40
CA GLN B 130 42.84 -17.36 49.43
C GLN B 130 44.05 -18.04 48.82
N GLN B 131 43.82 -18.87 47.80
CA GLN B 131 44.96 -19.48 47.11
C GLN B 131 45.89 -18.40 46.55
N LEU B 132 45.31 -17.36 45.93
CA LEU B 132 46.15 -16.30 45.38
C LEU B 132 46.94 -15.61 46.48
N SER B 133 46.34 -15.42 47.67
CA SER B 133 47.03 -14.70 48.73
C SER B 133 48.25 -15.48 49.25
N ASP B 134 48.08 -16.79 49.50
CA ASP B 134 49.08 -17.61 50.18
C ASP B 134 50.05 -18.29 49.25
N ASP B 135 49.79 -18.30 47.95
CA ASP B 135 50.57 -19.14 47.06
C ASP B 135 50.51 -18.52 45.67
N PHE B 136 51.17 -17.37 45.51
CA PHE B 136 50.84 -16.47 44.41
C PHE B 136 51.10 -17.10 43.06
N GLN B 137 52.33 -17.56 42.82
CA GLN B 137 52.72 -17.93 41.45
C GLN B 137 52.12 -19.26 41.03
N ARG B 138 51.97 -20.19 41.98
CA ARG B 138 51.20 -21.39 41.73
C ARG B 138 49.77 -21.04 41.31
N THR B 139 49.18 -20.01 41.93
CA THR B 139 47.81 -19.66 41.59
C THR B 139 47.70 -18.90 40.27
N VAL B 140 48.73 -18.15 39.90
CA VAL B 140 48.77 -17.57 38.55
C VAL B 140 48.73 -18.67 37.51
N GLU B 141 49.55 -19.71 37.70
CA GLU B 141 49.55 -20.81 36.74
C GLU B 141 48.21 -21.52 36.73
N ARG B 142 47.62 -21.74 37.92
CA ARG B 142 46.25 -22.28 37.98
C ARG B 142 45.31 -21.42 37.15
N PHE B 143 45.44 -20.10 37.25
CA PHE B 143 44.57 -19.18 36.55
C PHE B 143 44.76 -19.27 35.04
N LEU B 144 46.01 -19.20 34.58
CA LEU B 144 46.26 -19.27 33.15
C LEU B 144 45.73 -20.57 32.56
N ALA B 145 45.87 -21.68 33.29
CA ALA B 145 45.30 -22.94 32.79
C ALA B 145 43.78 -22.85 32.72
N LEU B 146 43.16 -22.15 33.66
CA LEU B 146 41.69 -22.05 33.72
C LEU B 146 41.07 -21.34 32.52
N GLN B 147 41.87 -20.62 31.73
CA GLN B 147 41.31 -19.84 30.63
C GLN B 147 41.41 -20.55 29.31
N THR B 148 42.21 -21.59 29.26
CA THR B 148 42.55 -22.27 28.04
C THR B 148 42.15 -23.74 28.09
N MET B 149 41.76 -24.22 29.26
CA MET B 149 41.53 -25.64 29.49
C MET B 149 40.43 -26.18 28.60
N GLY B 150 40.67 -27.34 27.99
CA GLY B 150 39.63 -28.05 27.26
C GLY B 150 39.72 -27.97 25.75
N THR B 151 40.52 -27.05 25.18
CA THR B 151 40.59 -26.86 23.74
C THR B 151 41.74 -27.63 23.11
N GLU B 152 41.59 -27.91 21.82
CA GLU B 152 42.66 -28.57 21.07
C GLU B 152 44.02 -27.92 21.32
N SER B 153 44.03 -26.62 21.59
CA SER B 153 45.25 -25.82 21.58
C SER B 153 45.72 -25.41 22.97
N ALA B 154 45.29 -26.13 24.02
CA ALA B 154 45.21 -25.52 25.36
C ALA B 154 46.57 -25.11 25.90
N ARG B 155 47.60 -25.95 25.74
CA ARG B 155 48.91 -25.62 26.29
C ARG B 155 49.50 -24.42 25.58
N GLN B 156 49.50 -24.43 24.24
CA GLN B 156 50.04 -23.31 23.49
C GLN B 156 49.34 -22.01 23.85
N ASP B 157 48.02 -22.06 24.09
CA ASP B 157 47.28 -20.83 24.38
C ASP B 157 47.61 -20.29 25.75
N ALA B 158 47.69 -21.17 26.76
CA ALA B 158 48.08 -20.72 28.09
C ALA B 158 49.50 -20.21 28.08
N ARG B 159 50.37 -20.79 27.24
CA ARG B 159 51.73 -20.25 27.12
C ARG B 159 51.70 -18.85 26.56
N ALA B 160 50.85 -18.61 25.54
CA ALA B 160 50.73 -17.28 24.96
C ALA B 160 50.23 -16.26 25.99
N LEU B 161 49.18 -16.61 26.74
CA LEU B 161 48.73 -15.75 27.83
C LEU B 161 49.84 -15.57 28.88
N LYS B 162 50.54 -16.65 29.24
CA LYS B 162 51.61 -16.56 30.22
C LYS B 162 52.72 -15.60 29.76
N GLN B 163 53.03 -15.59 28.46
CA GLN B 163 54.01 -14.63 27.96
C GLN B 163 53.59 -13.19 28.29
N ALA B 164 52.29 -12.87 28.14
CA ALA B 164 51.79 -11.51 28.41
C ALA B 164 51.85 -11.16 29.91
N VAL B 165 51.78 -12.17 30.77
CA VAL B 165 51.89 -12.00 32.22
C VAL B 165 53.34 -11.79 32.66
N LEU B 166 54.25 -12.64 32.17
CA LEU B 166 55.63 -12.65 32.65
C LEU B 166 56.40 -11.39 32.27
N SER B 167 55.97 -10.68 31.23
CA SER B 167 56.75 -9.63 30.61
C SER B 167 56.31 -8.23 31.00
N LEU B 168 55.31 -8.11 31.85
CA LEU B 168 54.91 -6.79 32.31
C LEU B 168 54.80 -6.82 33.82
N PRO B 169 54.77 -5.66 34.45
CA PRO B 169 54.45 -5.65 35.89
C PRO B 169 53.04 -6.20 36.11
N MET B 170 52.92 -7.09 37.09
CA MET B 170 51.62 -7.56 37.56
C MET B 170 50.90 -6.48 38.36
N PRO B 171 49.58 -6.57 38.49
CA PRO B 171 48.86 -5.57 39.28
C PRO B 171 49.15 -5.72 40.77
N SER B 172 48.96 -4.62 41.49
CA SER B 172 49.21 -4.62 42.92
C SER B 172 48.27 -5.61 43.62
N ALA B 173 48.68 -6.03 44.83
CA ALA B 173 47.84 -6.93 45.63
C ALA B 173 46.45 -6.36 45.82
N GLU B 174 46.36 -5.04 45.94
CA GLU B 174 45.08 -4.35 46.16
C GLU B 174 44.23 -4.34 44.89
N ALA B 175 44.86 -4.01 43.74
CA ALA B 175 44.15 -4.04 42.46
C ALA B 175 43.62 -5.45 42.17
N LEU B 176 44.45 -6.45 42.39
CA LEU B 176 44.02 -7.84 42.21
C LEU B 176 42.80 -8.14 43.05
N ASN B 177 42.86 -7.78 44.33
CA ASN B 177 41.77 -8.11 45.24
C ASN B 177 40.52 -7.35 44.90
N GLY B 178 40.66 -6.08 44.51
CA GLY B 178 39.48 -5.32 44.13
C GLY B 178 38.79 -5.89 42.90
N GLY B 179 39.57 -6.31 41.90
CA GLY B 179 38.99 -6.86 40.68
C GLY B 179 38.24 -8.15 40.92
N LEU B 180 38.81 -9.06 41.71
CA LEU B 180 38.04 -10.22 42.17
C LEU B 180 36.81 -9.79 42.93
N GLU B 181 36.85 -8.65 43.59
CA GLU B 181 35.68 -8.22 44.33
C GLU B 181 34.63 -7.65 43.41
N ILE B 182 35.05 -7.04 42.31
CA ILE B 182 34.11 -6.64 41.26
C ILE B 182 33.40 -7.87 40.70
N LEU B 183 34.16 -8.92 40.32
CA LEU B 183 33.54 -10.12 39.77
C LEU B 183 32.61 -10.78 40.80
N ARG B 184 32.99 -10.72 42.07
CA ARG B 184 32.17 -11.29 43.13
C ARG B 184 30.82 -10.58 43.27
N THR B 185 30.81 -9.26 43.16
CA THR B 185 29.66 -8.49 43.60
C THR B 185 28.78 -7.93 42.47
N VAL B 186 29.33 -7.72 41.27
CA VAL B 186 28.62 -6.96 40.23
C VAL B 186 27.59 -7.85 39.55
N ASP B 187 26.41 -7.28 39.28
CA ASP B 187 25.36 -7.95 38.53
C ASP B 187 24.76 -6.89 37.61
N LEU B 188 25.07 -6.95 36.32
CA LEU B 188 24.58 -5.97 35.35
C LEU B 188 23.43 -6.49 34.52
N ARG B 189 22.75 -7.55 34.97
CA ARG B 189 21.75 -8.22 34.14
C ARG B 189 20.59 -7.29 33.80
N GLN B 190 19.92 -6.76 34.81
CA GLN B 190 18.81 -5.86 34.53
C GLN B 190 19.31 -4.58 33.89
N ALA B 191 20.49 -4.12 34.28
CA ALA B 191 21.01 -2.84 33.81
C ALA B 191 21.13 -2.77 32.29
N LEU B 192 21.40 -3.90 31.63
CA LEU B 192 21.74 -3.93 30.22
C LEU B 192 20.56 -4.25 29.33
N VAL B 193 19.40 -4.50 29.93
CA VAL B 193 18.16 -4.70 29.19
C VAL B 193 17.85 -3.51 28.27
N ARG B 194 18.08 -2.29 28.76
CA ARG B 194 17.60 -1.08 28.09
C ARG B 194 18.70 -0.37 27.31
N LEU B 195 19.71 -1.11 26.87
CA LEU B 195 20.79 -0.52 26.07
C LEU B 195 20.25 -0.06 24.71
N PRO B 196 20.66 1.12 24.23
CA PRO B 196 20.09 1.63 22.97
C PRO B 196 20.85 1.18 21.72
N MET B 197 22.12 0.82 21.87
CA MET B 197 23.04 0.50 20.78
C MET B 197 23.18 -1.02 20.57
N PRO B 198 23.79 -1.45 19.45
CA PRO B 198 23.99 -2.88 19.23
C PRO B 198 24.84 -3.51 20.31
N PHE B 199 24.53 -4.78 20.62
CA PHE B 199 25.12 -5.52 21.73
C PHE B 199 25.41 -6.92 21.24
N LEU B 200 26.70 -7.27 21.13
CA LEU B 200 27.16 -8.53 20.60
C LEU B 200 27.89 -9.29 21.69
N ARG B 201 27.52 -10.54 21.90
CA ARG B 201 28.07 -11.34 22.99
C ARG B 201 28.73 -12.58 22.41
N LEU B 202 30.04 -12.70 22.57
CA LEU B 202 30.80 -13.85 22.08
C LEU B 202 31.17 -14.74 23.25
N TYR B 203 31.02 -16.05 23.04
CA TYR B 203 31.19 -17.02 24.10
C TYR B 203 31.92 -18.25 23.57
N GLY B 204 32.64 -18.91 24.45
CA GLY B 204 33.26 -20.20 24.15
C GLY B 204 32.47 -21.34 24.77
N ARG B 205 32.09 -22.30 23.94
CA ARG B 205 31.28 -23.42 24.41
C ARG B 205 31.91 -24.10 25.61
N LEU B 206 33.23 -24.21 25.61
CA LEU B 206 33.98 -24.92 26.65
C LEU B 206 34.46 -24.00 27.76
N ASP B 207 34.08 -22.73 27.75
CA ASP B 207 34.51 -21.80 28.79
C ASP B 207 34.08 -22.32 30.16
N GLY B 208 35.04 -22.45 31.07
CA GLY B 208 34.80 -23.00 32.39
C GLY B 208 34.59 -21.92 33.42
N LEU B 209 34.81 -20.67 33.04
CA LEU B 209 34.57 -19.56 33.94
C LEU B 209 33.25 -18.86 33.65
N VAL B 210 32.77 -18.91 32.40
CA VAL B 210 31.50 -18.34 32.00
C VAL B 210 30.66 -19.46 31.38
N PRO B 211 29.73 -20.02 32.13
CA PRO B 211 29.03 -21.24 31.66
C PRO B 211 28.12 -20.93 30.48
N ARG B 212 28.20 -21.79 29.46
CA ARG B 212 27.20 -21.90 28.39
C ARG B 212 25.80 -21.40 28.75
N ILE B 214 23.81 -18.31 28.55
CA ILE B 214 23.74 -17.85 27.15
C ILE B 214 22.30 -17.77 26.64
N VAL B 215 21.56 -18.84 26.85
CA VAL B 215 20.18 -18.82 26.41
C VAL B 215 19.34 -18.01 27.40
N PRO B 216 19.62 -18.00 28.72
CA PRO B 216 18.99 -16.97 29.55
C PRO B 216 19.26 -15.55 29.10
N LEU B 217 20.49 -15.24 28.67
CA LEU B 217 20.74 -13.84 28.33
C LEU B 217 20.10 -13.48 26.99
N LEU B 218 19.99 -14.45 26.08
CA LEU B 218 19.31 -14.18 24.81
C LEU B 218 17.88 -13.74 25.05
N ASP B 219 17.23 -14.31 26.07
CA ASP B 219 15.85 -13.95 26.39
C ASP B 219 15.77 -12.71 27.28
N TRP B 222 17.98 -10.25 27.17
CA TRP B 222 18.42 -9.17 26.29
C TRP B 222 17.97 -9.48 24.86
N PRO B 223 16.67 -9.39 24.57
CA PRO B 223 16.18 -9.76 23.22
C PRO B 223 16.74 -8.94 22.07
N GLU B 224 17.24 -7.73 22.32
CA GLU B 224 17.83 -6.92 21.26
C GLU B 224 19.31 -7.19 21.00
N SER B 225 19.99 -7.93 21.88
CA SER B 225 21.39 -8.28 21.68
C SER B 225 21.48 -9.55 20.85
N GLU B 226 22.69 -9.84 20.39
CA GLU B 226 22.94 -11.07 19.67
C GLU B 226 24.12 -11.80 20.31
N SER B 227 24.15 -13.10 20.09
CA SER B 227 25.13 -13.91 20.77
C SER B 227 25.70 -14.91 19.77
N ILE B 228 26.95 -15.30 20.00
CA ILE B 228 27.63 -16.27 19.16
C ILE B 228 28.43 -17.17 20.07
N LEU B 229 28.29 -18.49 19.89
CA LEU B 229 29.01 -19.50 20.65
C LEU B 229 29.96 -20.27 19.73
N PHE B 230 31.26 -20.15 20.01
CA PHE B 230 32.30 -20.92 19.31
C PHE B 230 32.42 -22.29 19.95
N ASP B 231 31.99 -23.32 19.22
CA ASP B 231 31.91 -24.67 19.75
C ASP B 231 33.21 -25.15 20.37
N LYS B 232 34.36 -24.69 19.86
CA LYS B 232 35.65 -25.28 20.23
C LYS B 232 36.53 -24.34 21.05
N ALA B 233 36.07 -23.13 21.34
CA ALA B 233 36.85 -22.21 22.15
C ALA B 233 36.44 -22.31 23.61
N ALA B 234 37.34 -21.87 24.48
CA ALA B 234 37.09 -21.78 25.91
C ALA B 234 37.02 -20.31 26.29
N HIS B 235 37.79 -19.82 27.26
CA HIS B 235 37.67 -18.45 27.75
C HIS B 235 38.47 -17.43 26.94
N ALA B 236 39.29 -17.86 25.98
CA ALA B 236 40.12 -16.95 25.19
C ALA B 236 39.95 -17.22 23.69
N PRO B 237 38.73 -17.10 23.16
CA PRO B 237 38.51 -17.47 21.75
C PRO B 237 39.25 -16.60 20.75
N PHE B 238 39.76 -15.43 21.15
CA PHE B 238 40.60 -14.66 20.24
C PHE B 238 42.03 -15.19 20.20
N VAL B 239 42.43 -15.95 21.21
CA VAL B 239 43.68 -16.72 21.13
C VAL B 239 43.45 -18.01 20.36
N SER B 240 42.50 -18.82 20.80
CA SER B 240 42.35 -20.16 20.24
C SER B 240 41.85 -20.13 18.80
N HIS B 241 40.99 -19.19 18.46
CA HIS B 241 40.33 -19.16 17.15
C HIS B 241 40.30 -17.74 16.63
N PRO B 242 41.49 -17.17 16.32
CA PRO B 242 41.53 -15.77 15.88
C PRO B 242 40.62 -15.46 14.71
N ALA B 243 40.58 -16.34 13.70
CA ALA B 243 39.88 -16.00 12.47
C ALA B 243 38.38 -15.90 12.72
N ALA B 244 37.84 -16.85 13.48
CA ALA B 244 36.40 -16.77 13.72
C ALA B 244 36.06 -15.63 14.67
N PHE B 245 37.03 -15.20 15.49
CA PHE B 245 36.74 -14.13 16.44
C PHE B 245 36.49 -12.80 15.73
N CYS B 246 37.23 -12.53 14.64
CA CYS B 246 37.15 -11.24 13.95
C CYS B 246 35.96 -11.12 13.04
N GLU B 247 35.45 -12.25 12.52
CA GLU B 247 34.38 -12.22 11.55
C GLU B 247 33.17 -11.46 12.10
N PRO B 248 32.66 -11.79 13.28
CA PRO B 248 31.50 -11.04 13.77
C PRO B 248 31.81 -9.58 14.06
N LEU B 249 33.07 -9.22 14.26
CA LEU B 249 33.41 -7.80 14.36
C LEU B 249 33.31 -7.10 13.01
N LEU B 250 33.76 -7.75 11.93
CA LEU B 250 33.52 -7.19 10.61
C LEU B 250 32.02 -7.07 10.33
N ALA B 251 31.25 -8.12 10.66
CA ALA B 251 29.79 -8.06 10.48
C ALA B 251 29.18 -6.91 11.25
N LEU B 252 29.71 -6.61 12.44
CA LEU B 252 29.22 -5.47 13.21
C LEU B 252 29.51 -4.15 12.50
N LYS B 253 30.75 -3.96 12.04
CA LYS B 253 31.06 -2.78 11.23
C LYS B 253 30.10 -2.65 10.05
N THR B 254 29.76 -3.77 9.40
CA THR B 254 28.78 -3.72 8.31
C THR B 254 27.46 -3.15 8.79
N ARG B 255 26.97 -3.66 9.93
CA ARG B 255 25.70 -3.21 10.51
C ARG B 255 25.73 -1.74 10.88
N LEU B 256 26.81 -1.29 11.52
CA LEU B 256 26.90 0.12 11.91
C LEU B 256 27.01 1.04 10.70
N GLY B 257 27.69 0.57 9.65
CA GLY B 257 27.83 1.35 8.43
C GLY B 257 29.10 2.17 8.43
N ASP C 3 4.08 1.78 1.59
CA ASP C 3 3.85 0.33 1.66
C ASP C 3 3.06 -0.23 0.46
N ILE C 4 1.95 0.43 0.11
CA ILE C 4 1.14 0.06 -1.03
C ILE C 4 1.53 0.98 -2.18
N TRP C 5 1.95 0.41 -3.30
CA TRP C 5 2.18 1.23 -4.50
C TRP C 5 0.89 1.91 -4.92
N TRP C 6 0.95 3.22 -5.18
CA TRP C 6 -0.28 3.97 -5.45
C TRP C 6 0.04 5.14 -6.37
N GLN C 7 -0.35 5.05 -7.63
CA GLN C 7 -0.08 6.11 -8.59
C GLN C 7 -1.36 6.82 -8.93
N THR C 8 -1.38 8.13 -8.75
CA THR C 8 -2.55 8.93 -9.05
C THR C 8 -2.26 9.75 -10.31
N ILE C 9 -3.23 9.72 -11.25
CA ILE C 9 -3.08 10.20 -12.62
C ILE C 9 -4.29 11.03 -12.98
N GLY C 10 -4.06 12.02 -13.86
CA GLY C 10 -5.14 12.81 -14.40
C GLY C 10 -5.85 13.57 -13.31
N GLU C 11 -6.93 14.26 -13.68
CA GLU C 11 -7.83 14.87 -12.71
C GLU C 11 -9.22 14.82 -13.31
N GLY C 12 -10.16 15.46 -12.64
CA GLY C 12 -11.56 15.38 -13.04
C GLY C 12 -12.30 15.21 -11.74
N ASP C 13 -13.55 15.67 -11.73
CA ASP C 13 -14.39 15.59 -10.53
C ASP C 13 -14.42 14.17 -9.95
N CYS C 14 -14.53 13.18 -10.83
CA CYS C 14 -14.76 11.80 -10.45
C CYS C 14 -13.44 11.07 -10.25
N HIS C 15 -13.28 10.47 -9.07
CA HIS C 15 -12.16 9.59 -8.78
C HIS C 15 -12.53 8.16 -9.14
N LEU C 16 -11.54 7.40 -9.60
CA LEU C 16 -11.74 6.05 -10.10
C LEU C 16 -10.57 5.20 -9.63
N VAL C 17 -10.85 4.22 -8.76
CA VAL C 17 -9.82 3.31 -8.26
C VAL C 17 -9.79 2.07 -9.15
N LEU C 18 -8.63 1.79 -9.75
CA LEU C 18 -8.42 0.62 -10.59
C LEU C 18 -7.65 -0.46 -9.80
N LEU C 19 -8.27 -1.63 -9.63
CA LEU C 19 -7.63 -2.77 -8.97
C LEU C 19 -7.47 -3.92 -9.95
N HIS C 20 -6.27 -4.48 -10.02
CA HIS C 20 -5.88 -5.51 -10.96
C HIS C 20 -6.22 -6.89 -10.40
N GLY C 21 -5.89 -7.94 -11.14
CA GLY C 21 -6.19 -9.31 -10.74
C GLY C 21 -5.03 -10.07 -10.10
N TRP C 22 -5.30 -11.34 -9.79
CA TRP C 22 -4.35 -12.19 -9.10
C TRP C 22 -3.03 -12.26 -9.87
N GLY C 23 -1.92 -12.00 -9.18
CA GLY C 23 -0.60 -12.11 -9.76
C GLY C 23 -0.13 -10.90 -10.53
N LEU C 24 -0.99 -9.95 -10.85
CA LEU C 24 -0.64 -8.82 -11.68
C LEU C 24 -0.38 -7.58 -10.83
N ASN C 25 -0.50 -6.41 -11.46
CA ASN C 25 -0.15 -5.13 -10.84
C ASN C 25 -0.71 -4.04 -11.73
N ALA C 26 -0.54 -2.79 -11.31
CA ALA C 26 -1.24 -1.69 -11.98
C ALA C 26 -0.72 -1.41 -13.39
N GLN C 27 0.40 -2.00 -13.82
CA GLN C 27 0.85 -1.78 -15.19
C GLN C 27 -0.06 -2.45 -16.21
N VAL C 28 -0.92 -3.37 -15.76
CA VAL C 28 -1.92 -3.99 -16.62
C VAL C 28 -2.80 -2.95 -17.28
N TRP C 29 -2.96 -1.79 -16.65
CA TRP C 29 -3.82 -0.72 -17.12
C TRP C 29 -3.09 0.26 -18.04
N ASP C 30 -1.88 -0.09 -18.48
CA ASP C 30 -1.01 0.86 -19.16
C ASP C 30 -1.62 1.39 -20.45
N CYS C 31 -2.48 0.61 -21.10
CA CYS C 31 -3.04 1.07 -22.36
C CYS C 31 -4.41 1.70 -22.25
N ILE C 32 -5.16 1.49 -21.16
CA ILE C 32 -6.44 2.19 -21.05
C ILE C 32 -6.34 3.47 -20.26
N THR C 33 -5.28 3.69 -19.50
CA THR C 33 -5.29 4.91 -18.70
C THR C 33 -5.19 6.21 -19.52
N PRO C 34 -4.58 6.21 -20.71
CA PRO C 34 -4.69 7.41 -21.57
C PRO C 34 -6.11 7.71 -22.04
N GLN C 35 -6.94 6.70 -22.27
CA GLN C 35 -8.32 6.99 -22.63
C GLN C 35 -9.14 7.48 -21.45
N LEU C 36 -8.73 7.18 -20.22
CA LEU C 36 -9.53 7.54 -19.07
C LEU C 36 -9.05 8.79 -18.36
N ALA C 37 -7.75 9.07 -18.44
CA ALA C 37 -7.14 10.09 -17.58
C ALA C 37 -7.73 11.46 -17.79
N SER C 38 -8.29 11.73 -18.97
CA SER C 38 -8.90 13.01 -19.22
C SER C 38 -10.30 13.10 -18.62
N HIS C 39 -10.83 11.99 -18.11
CA HIS C 39 -12.20 11.96 -17.61
C HIS C 39 -12.30 11.68 -16.11
N PHE C 40 -11.28 11.07 -15.51
CA PHE C 40 -11.24 10.70 -14.11
C PHE C 40 -9.92 11.12 -13.51
N THR C 41 -9.89 11.29 -12.18
CA THR C 41 -8.66 11.13 -11.42
C THR C 41 -8.49 9.63 -11.20
N LEU C 42 -7.44 9.07 -11.78
CA LEU C 42 -7.26 7.64 -11.80
C LEU C 42 -6.39 7.24 -10.63
N HIS C 43 -6.74 6.15 -9.96
CA HIS C 43 -5.92 5.59 -8.89
C HIS C 43 -5.50 4.18 -9.28
N LEU C 44 -4.19 3.99 -9.50
CA LEU C 44 -3.60 2.73 -9.94
C LEU C 44 -2.90 2.06 -8.76
N VAL C 45 -3.41 0.90 -8.34
CA VAL C 45 -2.99 0.28 -7.09
C VAL C 45 -2.33 -1.05 -7.40
N ASP C 46 -1.28 -1.36 -6.64
CA ASP C 46 -0.72 -2.70 -6.50
C ASP C 46 -1.30 -3.27 -5.22
N LEU C 47 -2.12 -4.31 -5.36
CA LEU C 47 -2.80 -4.83 -4.18
C LEU C 47 -1.73 -5.23 -3.16
N PRO C 48 -2.00 -5.05 -1.86
CA PRO C 48 -1.05 -5.54 -0.83
C PRO C 48 -0.67 -6.99 -1.09
N GLY C 49 0.64 -7.26 -1.24
CA GLY C 49 1.15 -8.57 -1.59
C GLY C 49 1.60 -8.72 -3.04
N TYR C 50 1.25 -7.78 -3.90
CA TYR C 50 1.45 -7.93 -5.34
C TYR C 50 2.37 -6.83 -5.88
N GLY C 51 2.93 -7.11 -7.05
CA GLY C 51 3.82 -6.16 -7.72
C GLY C 51 4.78 -5.43 -6.80
N ARG C 52 4.64 -4.11 -6.75
CA ARG C 52 5.46 -3.23 -5.93
C ARG C 52 4.92 -3.04 -4.50
N SER C 53 3.83 -3.70 -4.15
CA SER C 53 3.37 -3.72 -2.75
C SER C 53 3.79 -5.03 -2.08
N GLY C 54 5.07 -5.39 -2.26
CA GLY C 54 5.54 -6.73 -1.97
C GLY C 54 5.69 -7.06 -0.51
N GLY C 55 5.67 -6.05 0.37
CA GLY C 55 5.90 -6.31 1.79
C GLY C 55 4.86 -7.19 2.46
N PHE C 56 3.71 -7.35 1.84
CA PHE C 56 2.61 -8.07 2.48
C PHE C 56 2.71 -9.58 2.21
N GLY C 57 2.04 -10.36 3.09
CA GLY C 57 1.84 -11.79 2.91
C GLY C 57 0.36 -12.15 2.71
N ALA C 58 -0.07 -13.35 3.09
CA ALA C 58 -1.48 -13.70 2.92
C ALA C 58 -2.36 -12.90 3.86
N MET C 59 -3.58 -12.59 3.41
CA MET C 59 -4.54 -11.88 4.23
C MET C 59 -5.95 -12.29 3.80
N SER C 60 -6.92 -11.94 4.64
CA SER C 60 -8.30 -12.19 4.28
C SER C 60 -8.76 -11.10 3.30
N LEU C 61 -9.90 -11.36 2.64
CA LEU C 61 -10.43 -10.37 1.71
C LEU C 61 -10.69 -9.05 2.42
N GLU C 62 -11.36 -9.11 3.57
CA GLU C 62 -11.67 -7.93 4.38
C GLU C 62 -10.42 -7.13 4.72
N ALA C 63 -9.36 -7.81 5.19
CA ALA C 63 -8.12 -7.14 5.57
C ALA C 63 -7.44 -6.49 4.37
N MET C 64 -7.42 -7.20 3.24
CA MET C 64 -6.85 -6.59 2.04
C MET C 64 -7.67 -5.39 1.62
N ALA C 65 -9.01 -5.54 1.64
CA ALA C 65 -9.88 -4.44 1.25
C ALA C 65 -9.72 -3.26 2.20
N GLN C 66 -9.54 -3.56 3.50
CA GLN C 66 -9.38 -2.51 4.51
C GLN C 66 -8.05 -1.81 4.33
N ARG C 67 -7.01 -2.55 3.93
CA ARG C 67 -5.74 -1.87 3.79
C ARG C 67 -5.69 -1.00 2.55
N VAL C 68 -6.44 -1.37 1.50
CA VAL C 68 -6.54 -0.49 0.33
C VAL C 68 -7.41 0.73 0.64
N LEU C 69 -8.50 0.50 1.38
CA LEU C 69 -9.38 1.58 1.81
C LEU C 69 -8.63 2.64 2.62
N GLU C 70 -7.61 2.25 3.38
CA GLU C 70 -6.89 3.23 4.19
C GLU C 70 -6.14 4.24 3.33
N GLN C 71 -5.86 3.92 2.07
CA GLN C 71 -5.09 4.79 1.19
C GLN C 71 -5.91 5.42 0.05
N ALA C 72 -7.22 5.24 0.03
CA ALA C 72 -8.06 5.65 -1.09
C ALA C 72 -8.61 7.07 -0.89
N PRO C 73 -9.11 7.72 -1.93
CA PRO C 73 -9.69 9.05 -1.77
C PRO C 73 -10.99 8.99 -0.99
N PRO C 74 -11.53 10.14 -0.58
CA PRO C 74 -12.79 10.14 0.21
C PRO C 74 -13.91 9.34 -0.42
N GLN C 75 -14.23 9.62 -1.68
CA GLN C 75 -15.25 8.94 -2.46
C GLN C 75 -14.72 8.71 -3.87
N ALA C 76 -14.94 7.52 -4.40
CA ALA C 76 -14.55 7.24 -5.78
C ALA C 76 -15.47 6.17 -6.36
N VAL C 77 -15.41 6.05 -7.68
CA VAL C 77 -15.80 4.81 -8.33
C VAL C 77 -14.71 3.78 -8.10
N TRP C 78 -15.09 2.63 -7.54
CA TRP C 78 -14.18 1.51 -7.36
C TRP C 78 -14.40 0.53 -8.50
N LEU C 79 -13.37 0.32 -9.31
CA LEU C 79 -13.41 -0.64 -10.39
C LEU C 79 -12.42 -1.75 -10.06
N GLY C 80 -12.86 -3.00 -10.18
CA GLY C 80 -11.98 -4.10 -9.89
C GLY C 80 -12.02 -5.18 -10.95
N TRP C 81 -10.85 -5.57 -11.43
CA TRP C 81 -10.72 -6.64 -12.41
C TRP C 81 -10.38 -7.94 -11.70
N SER C 82 -11.17 -8.98 -11.96
CA SER C 82 -10.88 -10.34 -11.51
C SER C 82 -10.78 -10.33 -9.98
N LEU C 83 -9.67 -10.82 -9.39
CA LEU C 83 -9.53 -10.77 -7.93
C LEU C 83 -9.80 -9.37 -7.41
N GLY C 84 -9.38 -8.36 -8.16
CA GLY C 84 -9.64 -6.96 -7.77
C GLY C 84 -11.11 -6.60 -7.72
N GLY C 85 -11.98 -7.39 -8.35
CA GLY C 85 -13.41 -7.14 -8.25
C GLY C 85 -14.02 -7.60 -6.95
N LEU C 86 -13.47 -8.66 -6.34
CA LEU C 86 -13.90 -9.04 -5.00
C LEU C 86 -13.45 -8.00 -3.98
N VAL C 87 -12.24 -7.48 -4.13
CA VAL C 87 -11.75 -6.44 -3.24
C VAL C 87 -12.63 -5.20 -3.35
N ALA C 88 -12.84 -4.72 -4.59
CA ALA C 88 -13.73 -3.59 -4.82
C ALA C 88 -15.13 -3.87 -4.30
N SER C 89 -15.61 -5.12 -4.43
CA SER C 89 -16.95 -5.45 -3.93
C SER C 89 -16.96 -5.40 -2.41
N GLN C 90 -15.94 -5.99 -1.80
CA GLN C 90 -15.81 -6.01 -0.34
C GLN C 90 -15.66 -4.60 0.22
N VAL C 91 -14.96 -3.73 -0.49
CA VAL C 91 -14.95 -2.33 -0.10
C VAL C 91 -16.34 -1.75 -0.19
N ALA C 92 -17.12 -2.17 -1.20
CA ALA C 92 -18.47 -1.64 -1.36
C ALA C 92 -19.37 -2.08 -0.21
N ILE C 93 -19.21 -3.34 0.22
CA ILE C 93 -20.01 -3.86 1.32
C ILE C 93 -19.69 -3.14 2.64
N MET C 94 -18.39 -3.02 2.97
CA MET C 94 -17.97 -2.41 4.25
C MET C 94 -18.34 -0.93 4.36
N ARG C 95 -17.83 -0.11 3.44
CA ARG C 95 -17.90 1.36 3.55
C ARG C 95 -18.63 1.96 2.35
N PRO C 96 -19.93 1.67 2.19
CA PRO C 96 -20.66 2.21 1.02
C PRO C 96 -20.54 3.72 0.86
N GLU C 97 -20.46 4.47 1.95
CA GLU C 97 -20.43 5.93 1.84
C GLU C 97 -19.17 6.44 1.14
N ARG C 98 -18.17 5.57 0.93
CA ARG C 98 -16.93 5.88 0.19
C ARG C 98 -17.01 5.49 -1.28
N VAL C 99 -18.05 4.78 -1.68
CA VAL C 99 -18.08 4.04 -2.95
C VAL C 99 -19.23 4.62 -3.75
N GLN C 100 -18.92 5.55 -4.67
CA GLN C 100 -19.97 6.12 -5.53
C GLN C 100 -20.54 5.08 -6.49
N ALA C 101 -19.74 4.12 -6.93
CA ALA C 101 -20.23 3.11 -7.88
C ALA C 101 -19.28 1.92 -7.81
N LEU C 102 -19.84 0.72 -7.98
CA LEU C 102 -19.03 -0.49 -8.08
C LEU C 102 -18.97 -0.91 -9.55
N VAL C 103 -17.77 -1.19 -10.04
CA VAL C 103 -17.58 -1.82 -11.35
C VAL C 103 -16.75 -3.09 -11.16
N THR C 104 -17.20 -4.19 -11.73
CA THR C 104 -16.36 -5.37 -11.79
C THR C 104 -16.16 -5.78 -13.25
N VAL C 105 -14.93 -6.18 -13.56
CA VAL C 105 -14.58 -6.62 -14.90
C VAL C 105 -14.14 -8.06 -14.80
N ALA C 106 -14.78 -8.94 -15.58
CA ALA C 106 -14.40 -10.34 -15.67
C ALA C 106 -14.12 -10.88 -14.28
N SER C 107 -15.06 -10.63 -13.39
CA SER C 107 -14.96 -11.02 -12.00
C SER C 107 -16.22 -11.76 -11.58
N SER C 108 -16.07 -12.64 -10.57
CA SER C 108 -17.18 -13.40 -10.02
C SER C 108 -17.37 -13.07 -8.54
N PRO C 109 -18.61 -13.08 -8.03
CA PRO C 109 -18.80 -12.91 -6.58
C PRO C 109 -18.45 -14.16 -5.80
N CYS C 110 -18.38 -15.30 -6.52
CA CYS C 110 -18.05 -16.61 -5.94
C CYS C 110 -17.32 -17.40 -7.03
N PHE C 111 -15.98 -17.38 -6.99
CA PHE C 111 -15.20 -17.88 -8.12
C PHE C 111 -15.25 -19.39 -8.24
N ALA C 112 -15.47 -20.11 -7.14
CA ALA C 112 -15.48 -21.57 -7.14
C ALA C 112 -16.87 -22.05 -7.48
N ALA C 113 -16.96 -23.04 -8.37
CA ALA C 113 -18.25 -23.64 -8.71
C ALA C 113 -18.94 -24.13 -7.44
N ARG C 114 -20.23 -23.83 -7.32
CA ARG C 114 -21.06 -24.40 -6.26
C ARG C 114 -22.25 -25.02 -6.94
N ASP C 116 -25.26 -25.54 -7.98
CA ASP C 116 -26.08 -24.87 -8.99
C ASP C 116 -25.44 -23.56 -9.45
N TRP C 117 -24.16 -23.38 -9.15
CA TRP C 117 -23.49 -22.13 -9.48
C TRP C 117 -22.26 -22.42 -10.33
N PRO C 118 -22.19 -21.87 -11.55
CA PRO C 118 -21.05 -22.14 -12.43
C PRO C 118 -19.78 -21.45 -11.96
N GLY C 119 -18.64 -22.07 -12.24
CA GLY C 119 -17.38 -21.52 -11.82
C GLY C 119 -16.26 -22.50 -12.01
N ILE C 120 -15.14 -22.21 -11.36
CA ILE C 120 -13.98 -23.07 -11.39
C ILE C 120 -14.18 -24.19 -10.37
N LYS C 121 -13.95 -25.43 -10.81
CA LYS C 121 -14.03 -26.58 -9.92
C LYS C 121 -13.08 -26.40 -8.75
N PRO C 122 -13.52 -26.56 -7.50
CA PRO C 122 -12.65 -26.21 -6.36
C PRO C 122 -11.38 -27.05 -6.27
N GLU C 123 -11.39 -28.27 -6.81
CA GLU C 123 -10.19 -29.09 -6.88
C GLU C 123 -9.11 -28.48 -7.78
N VAL C 124 -9.50 -27.65 -8.75
CA VAL C 124 -8.55 -27.05 -9.67
C VAL C 124 -7.86 -25.84 -9.04
N LEU C 125 -8.61 -25.06 -8.26
CA LEU C 125 -8.00 -23.95 -7.53
C LEU C 125 -7.04 -24.47 -6.46
N ALA C 126 -7.45 -25.50 -5.73
CA ALA C 126 -6.52 -26.16 -4.80
C ALA C 126 -5.34 -26.76 -5.57
N GLY C 127 -5.60 -27.30 -6.76
CA GLY C 127 -4.52 -27.83 -7.59
C GLY C 127 -3.48 -26.79 -7.94
N PHE C 128 -3.90 -25.58 -8.29
CA PHE C 128 -2.96 -24.49 -8.50
C PHE C 128 -2.09 -24.27 -7.26
N GLN C 129 -2.70 -24.30 -6.07
CA GLN C 129 -1.96 -24.08 -4.83
C GLN C 129 -0.96 -25.21 -4.57
N ASP C 134 5.92 -27.30 -6.31
CA ASP C 134 6.01 -25.85 -6.17
C ASP C 134 6.92 -25.24 -7.23
N ASP C 135 6.42 -25.26 -8.46
CA ASP C 135 7.08 -24.76 -9.64
C ASP C 135 6.31 -23.52 -10.11
N PHE C 136 6.87 -22.33 -9.93
CA PHE C 136 6.15 -21.11 -10.34
C PHE C 136 7.03 -20.02 -10.94
N THR C 139 3.31 -22.65 -11.98
CA THR C 139 1.92 -22.36 -11.70
C THR C 139 1.49 -20.97 -12.24
N VAL C 140 2.21 -19.87 -11.92
CA VAL C 140 1.80 -18.55 -12.42
C VAL C 140 1.73 -18.53 -13.95
N GLU C 141 2.73 -19.13 -14.60
CA GLU C 141 2.77 -19.36 -16.03
C GLU C 141 1.39 -19.65 -16.64
N PHE C 143 -1.59 -20.05 -14.92
CA PHE C 143 -2.86 -19.51 -14.45
C PHE C 143 -3.12 -18.24 -15.22
N LEU C 144 -2.06 -17.64 -15.75
CA LEU C 144 -2.22 -16.46 -16.58
C LEU C 144 -2.63 -16.82 -18.02
N ALA C 145 -2.06 -17.91 -18.56
CA ALA C 145 -2.35 -18.28 -19.94
C ALA C 145 -3.83 -18.57 -20.13
N LEU C 146 -4.50 -19.06 -19.08
CA LEU C 146 -5.92 -19.38 -19.11
C LEU C 146 -6.80 -18.17 -19.38
N GLN C 147 -6.25 -16.94 -19.34
CA GLN C 147 -7.03 -15.72 -19.31
C GLN C 147 -7.16 -15.00 -20.64
N THR C 148 -6.41 -15.39 -21.67
CA THR C 148 -6.47 -14.69 -22.94
C THR C 148 -6.79 -15.57 -24.15
N MET C 149 -7.05 -16.87 -23.97
CA MET C 149 -7.29 -17.74 -25.11
C MET C 149 -8.76 -17.75 -25.49
N GLY C 150 -9.02 -18.21 -26.72
CA GLY C 150 -10.30 -18.12 -27.39
C GLY C 150 -10.38 -16.81 -28.12
N THR C 151 -9.78 -15.77 -27.53
CA THR C 151 -9.77 -14.46 -28.14
C THR C 151 -8.85 -14.47 -29.36
N GLU C 152 -9.28 -13.78 -30.42
CA GLU C 152 -8.43 -13.66 -31.61
C GLU C 152 -7.24 -12.74 -31.40
N SER C 153 -7.23 -11.91 -30.34
CA SER C 153 -6.03 -11.16 -29.96
C SER C 153 -5.18 -11.89 -28.93
N ALA C 154 -5.39 -13.20 -28.76
CA ALA C 154 -4.82 -13.97 -27.64
C ALA C 154 -3.33 -13.77 -27.48
N ARG C 155 -2.57 -13.91 -28.58
CA ARG C 155 -1.12 -13.92 -28.49
C ARG C 155 -0.57 -12.59 -28.01
N GLN C 156 -1.09 -11.48 -28.53
CA GLN C 156 -0.67 -10.17 -28.04
C GLN C 156 -1.09 -9.97 -26.59
N ASP C 157 -2.32 -10.35 -26.23
CA ASP C 157 -2.84 -10.08 -24.88
C ASP C 157 -2.14 -10.89 -23.82
N ALA C 158 -1.51 -12.01 -24.21
CA ALA C 158 -0.77 -12.86 -23.29
C ALA C 158 0.65 -12.40 -23.08
N ARG C 159 1.28 -11.84 -24.12
CA ARG C 159 2.57 -11.19 -23.94
C ARG C 159 2.43 -9.87 -23.19
N ALA C 160 1.26 -9.22 -23.27
CA ALA C 160 1.07 -7.96 -22.54
C ALA C 160 0.99 -8.20 -21.04
N LEU C 161 0.34 -9.29 -20.61
CA LEU C 161 0.24 -9.58 -19.18
C LEU C 161 1.48 -10.28 -18.64
N LYS C 162 2.09 -11.17 -19.45
CA LYS C 162 3.34 -11.80 -19.04
C LYS C 162 4.45 -10.77 -18.88
N GLN C 163 4.48 -9.76 -19.75
CA GLN C 163 5.42 -8.67 -19.54
C GLN C 163 5.05 -7.80 -18.34
N ALA C 164 3.77 -7.78 -17.94
CA ALA C 164 3.42 -7.03 -16.73
C ALA C 164 3.88 -7.75 -15.46
N VAL C 165 3.82 -9.09 -15.44
CA VAL C 165 4.30 -9.85 -14.29
C VAL C 165 5.80 -9.74 -14.15
N LEU C 166 6.52 -9.73 -15.28
CA LEU C 166 7.95 -10.01 -15.28
C LEU C 166 8.83 -8.77 -15.17
N SER C 167 8.31 -7.57 -15.47
CA SER C 167 9.08 -6.35 -15.28
C SER C 167 9.13 -5.91 -13.81
N LEU C 168 8.75 -6.78 -12.88
CA LEU C 168 8.67 -6.46 -11.48
C LEU C 168 9.08 -7.68 -10.67
N PRO C 169 9.52 -7.47 -9.43
CA PRO C 169 9.81 -8.61 -8.56
C PRO C 169 8.56 -9.45 -8.35
N MET C 170 8.70 -10.75 -8.58
CA MET C 170 7.62 -11.69 -8.38
C MET C 170 6.98 -11.53 -7.01
N PRO C 171 5.66 -11.58 -6.91
CA PRO C 171 5.03 -11.67 -5.58
C PRO C 171 5.54 -12.90 -4.83
N SER C 172 5.44 -12.83 -3.50
CA SER C 172 5.79 -13.97 -2.68
C SER C 172 4.82 -15.12 -2.91
N ALA C 173 5.27 -16.33 -2.57
CA ALA C 173 4.36 -17.47 -2.51
C ALA C 173 3.29 -17.25 -1.44
N GLU C 174 3.64 -16.60 -0.32
CA GLU C 174 2.66 -16.32 0.73
C GLU C 174 1.47 -15.55 0.16
N ALA C 175 1.76 -14.42 -0.49
CA ALA C 175 0.72 -13.59 -1.08
C ALA C 175 -0.10 -14.37 -2.09
N LEU C 176 0.56 -14.98 -3.09
CA LEU C 176 -0.16 -15.63 -4.18
C LEU C 176 -1.03 -16.79 -3.69
N ASN C 177 -0.58 -17.53 -2.67
CA ASN C 177 -1.40 -18.64 -2.20
C ASN C 177 -2.61 -18.14 -1.43
N GLY C 178 -2.42 -17.16 -0.54
CA GLY C 178 -3.54 -16.49 0.09
C GLY C 178 -4.48 -15.80 -0.91
N GLY C 179 -3.98 -15.48 -2.10
CA GLY C 179 -4.87 -14.94 -3.12
C GLY C 179 -5.76 -16.02 -3.72
N LEU C 180 -5.16 -17.15 -4.12
CA LEU C 180 -5.96 -18.27 -4.61
C LEU C 180 -6.96 -18.73 -3.56
N GLU C 181 -6.54 -18.77 -2.29
CA GLU C 181 -7.44 -19.16 -1.22
C GLU C 181 -8.69 -18.28 -1.20
N ILE C 182 -8.50 -16.98 -1.41
CA ILE C 182 -9.62 -16.05 -1.46
C ILE C 182 -10.56 -16.41 -2.60
N LEU C 183 -10.01 -16.67 -3.79
CA LEU C 183 -10.86 -17.10 -4.90
C LEU C 183 -11.60 -18.40 -4.55
N ARG C 184 -10.94 -19.30 -3.82
CA ARG C 184 -11.54 -20.61 -3.54
C ARG C 184 -12.65 -20.52 -2.53
N THR C 185 -12.57 -19.60 -1.56
CA THR C 185 -13.42 -19.64 -0.37
C THR C 185 -14.53 -18.59 -0.34
N VAL C 186 -14.31 -17.41 -0.92
CA VAL C 186 -15.23 -16.29 -0.76
C VAL C 186 -16.48 -16.48 -1.62
N ASP C 187 -17.60 -15.98 -1.08
CA ASP C 187 -18.88 -15.95 -1.79
C ASP C 187 -19.59 -14.68 -1.34
N LEU C 188 -19.63 -13.66 -2.21
CA LEU C 188 -20.28 -12.39 -1.91
C LEU C 188 -21.66 -12.25 -2.56
N ARG C 189 -22.18 -13.31 -3.17
CA ARG C 189 -23.45 -13.26 -3.89
C ARG C 189 -24.55 -12.65 -3.04
N GLN C 190 -24.78 -13.21 -1.85
CA GLN C 190 -25.82 -12.65 -1.01
C GLN C 190 -25.43 -11.25 -0.52
N ALA C 191 -24.16 -11.05 -0.17
CA ALA C 191 -23.73 -9.77 0.40
C ALA C 191 -23.96 -8.59 -0.54
N LEU C 192 -24.04 -8.84 -1.85
CA LEU C 192 -24.16 -7.79 -2.84
C LEU C 192 -25.59 -7.57 -3.31
N VAL C 193 -26.58 -8.06 -2.56
CA VAL C 193 -27.91 -8.24 -3.15
C VAL C 193 -28.63 -6.91 -3.31
N ARG C 194 -28.55 -6.02 -2.33
CA ARG C 194 -29.09 -4.67 -2.47
C ARG C 194 -28.00 -3.67 -2.10
N LEU C 195 -26.88 -3.75 -2.81
CA LEU C 195 -25.88 -2.71 -2.71
C LEU C 195 -26.56 -1.36 -2.86
N PRO C 196 -26.27 -0.37 -2.00
CA PRO C 196 -26.99 0.91 -2.08
C PRO C 196 -26.61 1.78 -3.28
N MET C 197 -25.51 1.49 -3.96
CA MET C 197 -24.99 2.34 -5.02
C MET C 197 -25.03 1.64 -6.38
N PRO C 198 -24.86 2.40 -7.47
CA PRO C 198 -24.87 1.79 -8.80
C PRO C 198 -23.79 0.73 -8.94
N PHE C 199 -24.09 -0.29 -9.75
CA PHE C 199 -23.29 -1.51 -9.83
C PHE C 199 -23.27 -2.00 -11.28
N LEU C 200 -22.13 -1.83 -11.95
CA LEU C 200 -21.93 -2.19 -13.35
C LEU C 200 -20.94 -3.34 -13.44
N ARG C 201 -21.33 -4.42 -14.11
CA ARG C 201 -20.55 -5.65 -14.21
C ARG C 201 -20.22 -5.91 -15.67
N LEU C 202 -18.95 -6.06 -15.98
CA LEU C 202 -18.52 -6.36 -17.34
C LEU C 202 -17.88 -7.73 -17.36
N TYR C 203 -18.06 -8.43 -18.49
CA TYR C 203 -17.73 -9.84 -18.64
C TYR C 203 -17.25 -10.08 -20.07
N GLY C 204 -16.52 -11.17 -20.25
CA GLY C 204 -16.09 -11.62 -21.56
C GLY C 204 -16.77 -12.94 -21.87
N ARG C 205 -17.24 -13.10 -23.11
CA ARG C 205 -17.96 -14.33 -23.44
C ARG C 205 -17.01 -15.52 -23.44
N LEU C 206 -15.80 -15.33 -23.94
CA LEU C 206 -14.87 -16.45 -24.06
C LEU C 206 -14.05 -16.68 -22.80
N ASP C 207 -14.42 -16.01 -21.69
CA ASP C 207 -13.70 -16.10 -20.42
C ASP C 207 -13.69 -17.54 -19.91
N GLY C 208 -12.49 -18.12 -19.71
CA GLY C 208 -12.40 -19.48 -19.20
C GLY C 208 -12.42 -19.58 -17.68
N LEU C 209 -12.23 -18.48 -16.98
CA LEU C 209 -12.20 -18.44 -15.52
C LEU C 209 -13.51 -18.01 -14.91
N VAL C 210 -14.19 -17.03 -15.52
CA VAL C 210 -15.48 -16.56 -15.04
C VAL C 210 -16.51 -16.94 -16.10
N PRO C 211 -17.34 -17.97 -15.88
CA PRO C 211 -18.24 -18.44 -16.95
C PRO C 211 -19.42 -17.51 -17.20
N ARG C 212 -19.74 -17.32 -18.50
CA ARG C 212 -20.66 -16.25 -18.92
C ARG C 212 -22.06 -16.37 -18.31
N LYS C 213 -22.46 -17.55 -17.86
CA LYS C 213 -23.75 -17.73 -17.18
C LYS C 213 -23.86 -16.97 -15.86
N VAL C 215 -25.80 -13.43 -15.89
CA VAL C 215 -27.24 -13.61 -16.12
C VAL C 215 -28.08 -14.25 -14.96
N PRO C 216 -27.59 -15.26 -14.22
CA PRO C 216 -28.13 -15.46 -12.86
C PRO C 216 -27.97 -14.24 -11.99
N LEU C 217 -26.89 -13.48 -12.19
CA LEU C 217 -26.67 -12.31 -11.36
C LEU C 217 -27.57 -11.15 -11.77
N LEU C 218 -27.97 -11.09 -13.05
CA LEU C 218 -28.95 -10.08 -13.45
C LEU C 218 -30.22 -10.19 -12.62
N ASP C 219 -30.65 -11.43 -12.31
CA ASP C 219 -31.85 -11.63 -11.50
C ASP C 219 -31.55 -11.54 -10.02
N TRP C 222 -29.16 -9.76 -8.69
CA TRP C 222 -28.88 -8.35 -8.46
C TRP C 222 -29.68 -7.53 -9.46
N PRO C 223 -31.00 -7.44 -9.27
CA PRO C 223 -31.85 -6.83 -10.29
C PRO C 223 -31.55 -5.36 -10.56
N GLU C 224 -31.02 -4.61 -9.60
CA GLU C 224 -30.64 -3.24 -9.90
C GLU C 224 -29.25 -3.10 -10.50
N SER C 225 -28.47 -4.18 -10.55
CA SER C 225 -27.15 -4.09 -11.18
C SER C 225 -27.29 -4.14 -12.70
N GLU C 226 -26.21 -3.81 -13.39
CA GLU C 226 -26.21 -3.83 -14.84
C GLU C 226 -25.03 -4.65 -15.32
N SER C 227 -25.14 -5.16 -16.54
CA SER C 227 -24.10 -6.03 -17.06
C SER C 227 -23.98 -5.88 -18.57
N ILE C 228 -22.76 -6.01 -19.07
CA ILE C 228 -22.44 -6.09 -20.50
C ILE C 228 -21.51 -7.29 -20.71
N LEU C 229 -21.88 -8.15 -21.67
CA LEU C 229 -21.08 -9.32 -22.04
C LEU C 229 -20.39 -9.02 -23.36
N PHE C 230 -19.06 -9.01 -23.35
CA PHE C 230 -18.24 -8.78 -24.53
C PHE C 230 -18.16 -10.07 -25.33
N ASP C 231 -18.82 -10.09 -26.50
CA ASP C 231 -18.98 -11.33 -27.26
C ASP C 231 -17.65 -11.88 -27.75
N LYS C 232 -16.66 -11.02 -27.96
CA LYS C 232 -15.39 -11.41 -28.56
C LYS C 232 -14.24 -11.39 -27.57
N ALA C 233 -14.51 -11.14 -26.29
CA ALA C 233 -13.47 -11.00 -25.30
C ALA C 233 -13.46 -12.20 -24.36
N ALA C 234 -12.29 -12.40 -23.74
N ALA C 234 -12.29 -12.40 -23.74
CA ALA C 234 -12.09 -13.46 -22.76
CA ALA C 234 -12.09 -13.46 -22.76
C ALA C 234 -11.95 -12.81 -21.39
C ALA C 234 -11.95 -12.81 -21.39
N HIS C 235 -10.89 -13.09 -20.61
CA HIS C 235 -10.77 -12.65 -19.23
C HIS C 235 -10.16 -11.25 -19.09
N ALA C 236 -9.67 -10.63 -20.18
CA ALA C 236 -9.11 -9.28 -20.14
C ALA C 236 -9.78 -8.39 -21.19
N PRO C 237 -11.07 -8.04 -21.01
CA PRO C 237 -11.76 -7.26 -22.03
C PRO C 237 -11.24 -5.83 -22.20
N PHE C 238 -10.60 -5.26 -21.18
CA PHE C 238 -9.95 -3.97 -21.36
C PHE C 238 -8.63 -4.07 -22.13
N VAL C 239 -8.06 -5.26 -22.26
CA VAL C 239 -6.84 -5.41 -23.04
C VAL C 239 -7.16 -5.71 -24.50
N SER C 240 -8.11 -6.61 -24.74
CA SER C 240 -8.49 -6.96 -26.10
C SER C 240 -9.46 -5.96 -26.73
N HIS C 241 -10.23 -5.21 -25.93
CA HIS C 241 -11.25 -4.29 -26.47
C HIS C 241 -11.26 -2.98 -25.69
N PRO C 242 -10.15 -2.24 -25.69
CA PRO C 242 -10.10 -0.99 -24.90
C PRO C 242 -11.21 0.00 -25.17
N ALA C 243 -11.45 0.31 -26.45
CA ALA C 243 -12.44 1.33 -26.80
C ALA C 243 -13.80 0.94 -26.27
N ALA C 244 -14.23 -0.30 -26.55
CA ALA C 244 -15.50 -0.79 -26.05
C ALA C 244 -15.50 -0.86 -24.52
N PHE C 245 -14.35 -1.12 -23.91
CA PHE C 245 -14.29 -1.20 -22.45
C PHE C 245 -14.52 0.18 -21.81
N CYS C 246 -13.94 1.24 -22.37
CA CYS C 246 -13.98 2.55 -21.72
C CYS C 246 -15.34 3.25 -21.80
N GLU C 247 -16.13 2.98 -22.85
CA GLU C 247 -17.42 3.64 -23.04
C GLU C 247 -18.39 3.45 -21.87
N PRO C 248 -18.63 2.23 -21.35
CA PRO C 248 -19.54 2.10 -20.20
C PRO C 248 -19.11 2.89 -18.98
N LEU C 249 -17.80 3.10 -18.79
CA LEU C 249 -17.29 3.90 -17.68
C LEU C 249 -17.58 5.38 -17.88
N LEU C 250 -17.28 5.91 -19.05
CA LEU C 250 -17.64 7.29 -19.34
C LEU C 250 -19.15 7.51 -19.17
N ALA C 251 -19.95 6.52 -19.54
CA ALA C 251 -21.40 6.65 -19.39
C ALA C 251 -21.82 6.51 -17.93
N LEU C 252 -21.15 5.64 -17.17
CA LEU C 252 -21.46 5.53 -15.75
C LEU C 252 -21.16 6.84 -15.03
N LYS C 253 -20.04 7.47 -15.38
CA LYS C 253 -19.69 8.77 -14.79
C LYS C 253 -20.81 9.78 -15.01
N THR C 254 -21.26 9.92 -16.27
CA THR C 254 -22.37 10.79 -16.63
C THR C 254 -23.64 10.49 -15.81
N ARG C 255 -23.98 9.20 -15.68
CA ARG C 255 -25.16 8.84 -14.89
C ARG C 255 -24.99 9.21 -13.42
N LEU C 256 -23.76 9.24 -12.92
CA LEU C 256 -23.52 9.66 -11.54
C LEU C 256 -23.66 11.17 -11.39
N GLY C 257 -23.62 11.93 -12.48
CA GLY C 257 -23.65 13.38 -12.42
C GLY C 257 -24.88 13.95 -11.71
N ASP D 3 -46.83 7.28 -23.09
CA ASP D 3 -46.87 5.82 -23.18
C ASP D 3 -47.14 5.31 -24.61
N ILE D 4 -46.31 4.35 -25.02
CA ILE D 4 -46.23 3.80 -26.38
C ILE D 4 -46.91 2.44 -26.41
N TRP D 5 -47.63 2.14 -27.48
CA TRP D 5 -48.29 0.84 -27.58
C TRP D 5 -47.24 -0.27 -27.57
N TRP D 6 -47.45 -1.26 -26.70
CA TRP D 6 -46.48 -2.31 -26.45
C TRP D 6 -47.24 -3.59 -26.18
N GLN D 7 -46.96 -4.63 -26.95
CA GLN D 7 -47.59 -5.93 -26.75
C GLN D 7 -46.53 -6.98 -26.50
N THR D 8 -46.66 -7.70 -25.40
CA THR D 8 -45.75 -8.80 -25.08
C THR D 8 -46.47 -10.12 -25.40
N ILE D 9 -45.89 -10.89 -26.32
CA ILE D 9 -46.31 -12.26 -26.62
C ILE D 9 -45.30 -13.21 -25.97
N GLY D 10 -45.69 -13.86 -24.88
CA GLY D 10 -44.78 -14.69 -24.11
C GLY D 10 -44.39 -16.01 -24.75
N GLU D 11 -43.94 -16.95 -23.90
CA GLU D 11 -43.57 -18.35 -24.18
C GLU D 11 -42.06 -18.57 -24.10
N GLY D 12 -41.27 -17.91 -24.97
CA GLY D 12 -39.82 -18.11 -24.97
C GLY D 12 -39.14 -17.57 -23.72
N ASP D 13 -37.85 -17.90 -23.57
CA ASP D 13 -37.08 -17.52 -22.39
C ASP D 13 -35.93 -16.56 -22.70
N CYS D 14 -35.81 -16.12 -23.95
CA CYS D 14 -34.95 -15.00 -24.34
C CYS D 14 -35.89 -13.90 -24.84
N HIS D 15 -35.69 -12.66 -24.36
CA HIS D 15 -36.56 -11.56 -24.76
C HIS D 15 -36.14 -11.00 -26.12
N LEU D 16 -37.14 -10.67 -26.96
CA LEU D 16 -36.93 -10.18 -28.33
C LEU D 16 -37.82 -8.97 -28.57
N VAL D 17 -37.20 -7.80 -28.78
CA VAL D 17 -37.89 -6.55 -29.11
C VAL D 17 -37.87 -6.37 -30.63
N LEU D 18 -39.06 -6.13 -31.23
CA LEU D 18 -39.25 -6.01 -32.67
C LEU D 18 -39.66 -4.59 -33.04
N LEU D 19 -38.88 -3.93 -33.91
CA LEU D 19 -39.16 -2.56 -34.31
C LEU D 19 -39.34 -2.50 -35.82
N HIS D 20 -40.50 -1.97 -36.23
CA HIS D 20 -40.90 -1.92 -37.63
C HIS D 20 -40.23 -0.74 -38.33
N GLY D 21 -40.47 -0.62 -39.64
CA GLY D 21 -39.88 0.42 -40.44
C GLY D 21 -40.79 1.61 -40.58
N TRP D 22 -40.32 2.59 -41.35
CA TRP D 22 -41.07 3.82 -41.55
C TRP D 22 -42.42 3.56 -42.20
N GLY D 23 -43.43 4.26 -41.73
CA GLY D 23 -44.76 4.18 -42.29
C GLY D 23 -45.59 2.97 -41.90
N LEU D 24 -45.00 1.97 -41.25
N LEU D 24 -44.99 1.97 -41.23
CA LEU D 24 -45.77 0.78 -40.94
CA LEU D 24 -45.69 0.73 -40.96
C LEU D 24 -45.99 0.67 -39.44
C LEU D 24 -46.06 0.67 -39.47
N ASN D 25 -46.23 -0.54 -38.96
CA ASN D 25 -46.52 -0.71 -37.53
C ASN D 25 -46.24 -2.16 -37.15
N ALA D 26 -46.49 -2.47 -35.87
CA ALA D 26 -46.08 -3.75 -35.31
C ALA D 26 -46.76 -4.92 -36.01
N GLN D 27 -47.90 -4.67 -36.66
CA GLN D 27 -48.67 -5.76 -37.23
C GLN D 27 -47.91 -6.47 -38.32
N VAL D 28 -46.92 -5.81 -38.93
CA VAL D 28 -46.17 -6.43 -39.99
C VAL D 28 -45.44 -7.69 -39.54
N TRP D 29 -45.30 -7.89 -38.25
CA TRP D 29 -44.58 -9.05 -37.74
C TRP D 29 -45.45 -10.30 -37.63
N ASP D 30 -46.71 -10.25 -38.10
CA ASP D 30 -47.60 -11.40 -38.01
C ASP D 30 -47.15 -12.57 -38.87
N CYS D 31 -46.30 -12.34 -39.87
CA CYS D 31 -45.77 -13.46 -40.64
C CYS D 31 -44.93 -14.38 -39.76
N ILE D 32 -44.20 -13.82 -38.80
CA ILE D 32 -43.18 -14.57 -38.07
C ILE D 32 -43.47 -14.72 -36.59
N THR D 33 -44.46 -14.05 -36.02
CA THR D 33 -44.73 -14.25 -34.60
C THR D 33 -45.03 -15.71 -34.26
N PRO D 34 -45.74 -16.50 -35.07
CA PRO D 34 -45.91 -17.92 -34.71
C PRO D 34 -44.61 -18.68 -34.64
N GLN D 35 -43.75 -18.57 -35.65
CA GLN D 35 -42.49 -19.30 -35.68
C GLN D 35 -41.51 -18.86 -34.59
N LEU D 36 -41.78 -17.74 -33.91
CA LEU D 36 -40.83 -17.16 -32.97
C LEU D 36 -41.32 -17.15 -31.53
N ALA D 37 -42.63 -17.22 -31.31
CA ALA D 37 -43.14 -17.19 -29.95
C ALA D 37 -42.63 -18.38 -29.15
N SER D 38 -42.29 -19.48 -29.83
CA SER D 38 -41.79 -20.66 -29.14
C SER D 38 -40.43 -20.42 -28.51
N HIS D 39 -39.66 -19.49 -29.07
CA HIS D 39 -38.30 -19.30 -28.66
C HIS D 39 -38.05 -18.00 -27.95
N PHE D 40 -38.92 -17.01 -28.14
CA PHE D 40 -38.69 -15.73 -27.52
C PHE D 40 -39.96 -15.26 -26.84
N THR D 41 -39.79 -14.54 -25.75
CA THR D 41 -40.81 -13.61 -25.31
C THR D 41 -40.73 -12.39 -26.23
N LEU D 42 -41.69 -12.27 -27.13
CA LEU D 42 -41.76 -11.20 -28.11
C LEU D 42 -42.35 -9.92 -27.53
N HIS D 43 -41.73 -8.78 -27.87
CA HIS D 43 -42.27 -7.47 -27.55
C HIS D 43 -42.52 -6.73 -28.86
N LEU D 44 -43.78 -6.62 -29.25
CA LEU D 44 -44.16 -5.92 -30.46
C LEU D 44 -44.45 -4.47 -30.10
N VAL D 45 -43.76 -3.55 -30.77
CA VAL D 45 -43.81 -2.13 -30.43
C VAL D 45 -44.25 -1.32 -31.64
N ASP D 46 -45.15 -0.38 -31.40
CA ASP D 46 -45.44 0.68 -32.37
C ASP D 46 -44.56 1.87 -32.03
N LEU D 47 -43.69 2.25 -32.97
CA LEU D 47 -42.78 3.38 -32.74
C LEU D 47 -43.58 4.63 -32.40
N PRO D 48 -43.07 5.50 -31.52
CA PRO D 48 -43.83 6.69 -31.11
C PRO D 48 -44.18 7.53 -32.32
N GLY D 49 -45.49 7.68 -32.56
CA GLY D 49 -46.02 8.36 -33.72
C GLY D 49 -46.69 7.44 -34.73
N TYR D 50 -46.26 6.18 -34.81
CA TYR D 50 -46.73 5.27 -35.84
C TYR D 50 -47.74 4.28 -35.26
N GLY D 51 -48.66 3.85 -36.11
CA GLY D 51 -49.64 2.84 -35.72
C GLY D 51 -50.49 3.28 -34.52
N ARG D 52 -50.53 2.42 -33.51
CA ARG D 52 -51.30 2.68 -32.31
C ARG D 52 -50.59 3.61 -31.32
N SER D 53 -49.37 4.04 -31.62
CA SER D 53 -48.69 5.05 -30.79
C SER D 53 -48.94 6.46 -31.34
N GLY D 54 -50.22 6.85 -31.37
CA GLY D 54 -50.58 8.15 -31.90
C GLY D 54 -50.28 9.31 -30.95
N GLY D 55 -50.39 10.52 -31.50
CA GLY D 55 -50.21 11.75 -30.75
C GLY D 55 -48.81 12.34 -30.76
N PHE D 56 -47.80 11.56 -31.18
CA PHE D 56 -46.42 12.01 -31.30
C PHE D 56 -46.13 12.53 -32.70
N GLY D 57 -45.28 13.55 -32.77
CA GLY D 57 -44.82 14.09 -34.04
C GLY D 57 -43.36 13.84 -34.30
N ALA D 58 -42.65 14.82 -34.85
CA ALA D 58 -41.24 14.60 -35.20
C ALA D 58 -40.38 14.56 -33.96
N MET D 59 -39.20 13.94 -34.09
CA MET D 59 -38.29 13.77 -32.97
C MET D 59 -36.98 13.19 -33.50
N SER D 60 -35.89 13.48 -32.76
CA SER D 60 -34.59 12.92 -33.06
C SER D 60 -34.62 11.40 -32.95
N LEU D 61 -33.71 10.74 -33.66
CA LEU D 61 -33.49 9.32 -33.45
C LEU D 61 -33.32 9.01 -31.99
N GLU D 62 -32.41 9.76 -31.34
CA GLU D 62 -32.11 9.54 -29.94
C GLU D 62 -33.37 9.62 -29.08
N ALA D 63 -34.18 10.65 -29.29
CA ALA D 63 -35.40 10.77 -28.48
C ALA D 63 -36.36 9.60 -28.73
N MET D 64 -36.49 9.16 -29.99
CA MET D 64 -37.34 8.02 -30.28
C MET D 64 -36.82 6.76 -29.60
N ALA D 65 -35.52 6.49 -29.73
CA ALA D 65 -34.93 5.36 -29.01
C ALA D 65 -35.14 5.48 -27.51
N GLN D 66 -35.04 6.70 -26.97
CA GLN D 66 -35.29 6.89 -25.53
C GLN D 66 -36.68 6.43 -25.16
N ARG D 67 -37.67 6.78 -25.98
CA ARG D 67 -39.05 6.49 -25.64
C ARG D 67 -39.33 5.00 -25.69
N VAL D 68 -38.72 4.30 -26.65
CA VAL D 68 -38.90 2.86 -26.74
C VAL D 68 -38.26 2.16 -25.55
N LEU D 69 -37.06 2.63 -25.16
CA LEU D 69 -36.34 2.04 -24.03
C LEU D 69 -37.15 2.12 -22.73
N GLU D 70 -37.77 3.27 -22.47
CA GLU D 70 -38.46 3.48 -21.20
C GLU D 70 -39.49 2.39 -20.90
N GLN D 71 -40.03 1.72 -21.92
CA GLN D 71 -40.96 0.63 -21.66
C GLN D 71 -40.41 -0.74 -22.05
N ALA D 72 -39.08 -0.85 -22.22
CA ALA D 72 -38.43 -2.08 -22.67
C ALA D 72 -38.18 -3.03 -21.50
N PRO D 73 -37.94 -4.31 -21.78
CA PRO D 73 -37.50 -5.23 -20.72
C PRO D 73 -36.09 -4.91 -20.27
N PRO D 74 -35.69 -5.30 -19.05
CA PRO D 74 -34.33 -4.97 -18.59
C PRO D 74 -33.24 -5.36 -19.58
N GLN D 75 -33.42 -6.51 -20.24
CA GLN D 75 -32.50 -6.96 -21.27
C GLN D 75 -33.27 -7.70 -22.35
N ALA D 76 -32.91 -7.47 -23.61
CA ALA D 76 -33.52 -8.20 -24.72
C ALA D 76 -32.57 -8.19 -25.90
N VAL D 77 -32.85 -9.09 -26.85
CA VAL D 77 -32.33 -8.94 -28.21
C VAL D 77 -33.18 -7.88 -28.92
N TRP D 78 -32.52 -6.88 -29.49
CA TRP D 78 -33.24 -5.82 -30.19
C TRP D 78 -33.12 -6.05 -31.68
N LEU D 79 -34.26 -6.15 -32.34
CA LEU D 79 -34.37 -6.38 -33.78
C LEU D 79 -35.06 -5.19 -34.42
N GLY D 80 -34.42 -4.59 -35.41
CA GLY D 80 -35.00 -3.46 -36.09
C GLY D 80 -35.09 -3.67 -37.59
N TRP D 81 -36.24 -3.33 -38.17
CA TRP D 81 -36.45 -3.36 -39.61
C TRP D 81 -36.44 -1.94 -40.17
N SER D 82 -35.57 -1.70 -41.17
CA SER D 82 -35.50 -0.42 -41.87
C SER D 82 -35.24 0.71 -40.87
N LEU D 83 -36.19 1.62 -40.72
CA LEU D 83 -36.04 2.69 -39.74
C LEU D 83 -35.90 2.11 -38.33
N GLY D 84 -36.70 1.09 -38.01
CA GLY D 84 -36.57 0.43 -36.72
C GLY D 84 -35.19 -0.15 -36.49
N GLY D 85 -34.45 -0.43 -37.56
CA GLY D 85 -33.06 -0.84 -37.39
C GLY D 85 -32.21 0.27 -36.83
N LEU D 86 -32.49 1.51 -37.23
CA LEU D 86 -31.75 2.66 -36.71
C LEU D 86 -32.10 2.89 -35.26
N VAL D 87 -33.40 2.89 -34.94
CA VAL D 87 -33.82 2.93 -33.55
C VAL D 87 -33.09 1.85 -32.74
N ALA D 88 -33.15 0.59 -33.20
CA ALA D 88 -32.49 -0.51 -32.49
C ALA D 88 -30.98 -0.31 -32.42
N SER D 89 -30.35 0.09 -33.53
CA SER D 89 -28.95 0.47 -33.47
C SER D 89 -28.71 1.56 -32.45
N GLN D 90 -29.57 2.57 -32.41
CA GLN D 90 -29.34 3.69 -31.49
C GLN D 90 -29.42 3.24 -30.03
N VAL D 91 -30.30 2.31 -29.73
CA VAL D 91 -30.39 1.82 -28.37
C VAL D 91 -29.10 1.10 -28.01
N ALA D 92 -28.60 0.25 -28.91
CA ALA D 92 -27.35 -0.47 -28.64
C ALA D 92 -26.21 0.49 -28.40
N ILE D 93 -26.19 1.60 -29.13
CA ILE D 93 -25.13 2.59 -28.98
C ILE D 93 -25.21 3.28 -27.63
N MET D 94 -26.43 3.57 -27.18
CA MET D 94 -26.75 4.40 -26.02
C MET D 94 -26.71 3.63 -24.69
N ARG D 95 -27.29 2.44 -24.65
CA ARG D 95 -27.31 1.62 -23.43
C ARG D 95 -27.06 0.17 -23.82
N PRO D 96 -25.80 -0.19 -24.03
CA PRO D 96 -25.47 -1.59 -24.28
C PRO D 96 -25.86 -2.51 -23.13
N GLU D 97 -25.95 -1.98 -21.90
CA GLU D 97 -26.40 -2.76 -20.77
C GLU D 97 -27.75 -3.42 -21.02
N ARG D 98 -28.59 -2.79 -21.83
CA ARG D 98 -29.96 -3.27 -22.03
C ARG D 98 -30.14 -4.03 -23.33
N VAL D 99 -29.07 -4.25 -24.11
CA VAL D 99 -29.15 -4.92 -25.40
C VAL D 99 -28.31 -6.20 -25.31
N GLN D 100 -28.96 -7.37 -25.37
CA GLN D 100 -28.19 -8.62 -25.41
C GLN D 100 -27.55 -8.85 -26.77
N ALA D 101 -28.19 -8.38 -27.85
CA ALA D 101 -27.69 -8.52 -29.22
C ALA D 101 -28.52 -7.63 -30.15
N LEU D 102 -27.88 -7.14 -31.20
CA LEU D 102 -28.49 -6.19 -32.14
C LEU D 102 -28.71 -6.86 -33.49
N VAL D 103 -29.95 -6.85 -33.96
CA VAL D 103 -30.29 -7.35 -35.29
C VAL D 103 -30.89 -6.22 -36.08
N THR D 104 -30.36 -5.98 -37.27
CA THR D 104 -31.05 -5.17 -38.27
C THR D 104 -31.44 -6.05 -39.47
N VAL D 105 -32.62 -5.80 -40.03
CA VAL D 105 -33.04 -6.48 -41.25
C VAL D 105 -33.38 -5.44 -42.31
N ALA D 106 -32.82 -5.62 -43.51
CA ALA D 106 -33.00 -4.69 -44.63
C ALA D 106 -32.94 -3.22 -44.18
N SER D 107 -31.91 -2.91 -43.42
CA SER D 107 -31.69 -1.58 -42.87
C SER D 107 -30.28 -1.14 -43.22
N SER D 108 -30.03 0.16 -43.11
CA SER D 108 -28.69 0.63 -43.39
C SER D 108 -28.35 1.71 -42.37
N PRO D 109 -27.13 1.73 -41.85
CA PRO D 109 -26.75 2.81 -40.93
C PRO D 109 -26.84 4.20 -41.55
N CYS D 110 -26.86 4.29 -42.88
CA CYS D 110 -26.84 5.55 -43.62
C CYS D 110 -27.67 5.32 -44.88
N PHE D 111 -28.96 5.66 -44.80
CA PHE D 111 -29.87 5.36 -45.92
C PHE D 111 -29.54 6.20 -47.14
N ALA D 112 -29.22 7.48 -46.92
CA ALA D 112 -28.88 8.38 -48.01
C ALA D 112 -27.46 8.13 -48.50
N ALA D 113 -27.29 8.10 -49.83
CA ALA D 113 -25.96 8.01 -50.40
C ALA D 113 -25.11 9.18 -49.94
N ARG D 114 -23.81 8.94 -49.76
CA ARG D 114 -22.84 9.94 -49.28
C ARG D 114 -21.47 9.87 -49.98
N ASP D 116 -18.64 8.67 -50.36
CA ASP D 116 -18.23 7.41 -50.98
C ASP D 116 -19.21 6.26 -50.72
N TRP D 117 -20.36 6.59 -50.13
CA TRP D 117 -21.24 5.60 -49.56
C TRP D 117 -22.43 5.36 -50.47
N PRO D 118 -22.70 4.13 -50.90
CA PRO D 118 -23.84 3.87 -51.78
C PRO D 118 -25.15 3.89 -51.02
N GLY D 119 -26.18 4.41 -51.66
CA GLY D 119 -27.46 4.45 -50.98
C GLY D 119 -28.55 5.01 -51.86
N ILE D 120 -29.54 5.62 -51.24
CA ILE D 120 -30.55 6.37 -51.96
C ILE D 120 -29.99 7.77 -52.18
N LYS D 121 -29.96 8.19 -53.45
CA LYS D 121 -29.49 9.51 -53.79
C LYS D 121 -30.45 10.53 -53.17
N PRO D 122 -29.93 11.56 -52.48
CA PRO D 122 -30.81 12.40 -51.66
C PRO D 122 -31.94 13.10 -52.42
N GLU D 123 -31.82 13.29 -53.74
N GLU D 123 -31.79 13.28 -53.74
CA GLU D 123 -32.90 13.90 -54.48
CA GLU D 123 -32.81 13.88 -54.57
C GLU D 123 -33.94 12.89 -54.95
C GLU D 123 -33.92 12.88 -54.89
N VAL D 124 -33.59 11.59 -54.95
CA VAL D 124 -34.60 10.56 -55.14
C VAL D 124 -35.46 10.42 -53.88
N LEU D 125 -34.89 10.68 -52.70
CA LEU D 125 -35.69 10.68 -51.49
C LEU D 125 -36.46 11.99 -51.35
N ALA D 126 -35.80 13.10 -51.66
CA ALA D 126 -36.48 14.39 -51.68
C ALA D 126 -37.60 14.39 -52.69
N GLY D 127 -37.42 13.71 -53.82
CA GLY D 127 -38.49 13.60 -54.78
C GLY D 127 -39.58 12.65 -54.33
N PHE D 128 -39.24 11.66 -53.49
CA PHE D 128 -40.28 10.89 -52.83
C PHE D 128 -40.97 11.73 -51.78
N GLN D 129 -40.22 12.61 -51.11
CA GLN D 129 -40.83 13.34 -50.01
C GLN D 129 -41.79 14.42 -50.53
N GLN D 130 -41.48 15.04 -51.68
CA GLN D 130 -42.42 16.03 -52.20
C GLN D 130 -43.66 15.35 -52.79
N GLN D 131 -43.48 14.17 -53.42
CA GLN D 131 -44.65 13.40 -53.88
C GLN D 131 -45.56 13.03 -52.71
N LEU D 132 -44.99 12.82 -51.52
CA LEU D 132 -45.80 12.49 -50.34
C LEU D 132 -46.65 13.67 -49.89
N SER D 133 -46.06 14.87 -49.81
CA SER D 133 -46.88 15.99 -49.34
C SER D 133 -47.87 16.45 -50.41
N ASP D 134 -47.57 16.26 -51.70
CA ASP D 134 -48.46 16.72 -52.77
C ASP D 134 -49.56 15.70 -53.06
N ASP D 135 -49.19 14.43 -53.17
CA ASP D 135 -50.02 13.41 -53.79
C ASP D 135 -49.97 12.21 -52.85
N PHE D 136 -50.55 12.38 -51.65
CA PHE D 136 -50.23 11.51 -50.52
C PHE D 136 -50.67 10.06 -50.75
N GLN D 137 -51.93 9.86 -51.12
CA GLN D 137 -52.46 8.49 -51.16
C GLN D 137 -51.79 7.67 -52.26
N ARG D 138 -51.57 8.27 -53.42
CA ARG D 138 -50.84 7.59 -54.50
C ARG D 138 -49.43 7.22 -54.04
N THR D 139 -48.74 8.16 -53.40
CA THR D 139 -47.37 7.89 -52.95
C THR D 139 -47.30 6.79 -51.90
N VAL D 140 -48.35 6.61 -51.09
CA VAL D 140 -48.37 5.47 -50.18
C VAL D 140 -48.40 4.16 -50.95
N GLU D 141 -49.13 4.13 -52.07
CA GLU D 141 -49.13 2.95 -52.90
C GLU D 141 -47.78 2.73 -53.58
N ARG D 142 -47.14 3.82 -54.07
CA ARG D 142 -45.77 3.67 -54.55
C ARG D 142 -44.88 3.05 -53.47
N PHE D 143 -44.90 3.64 -52.27
CA PHE D 143 -44.03 3.20 -51.19
C PHE D 143 -44.21 1.71 -50.90
N LEU D 144 -45.46 1.26 -50.73
CA LEU D 144 -45.70 -0.17 -50.49
C LEU D 144 -45.15 -1.01 -51.64
N ALA D 145 -45.32 -0.55 -52.88
CA ALA D 145 -44.78 -1.30 -54.00
C ALA D 145 -43.26 -1.33 -53.97
N LEU D 146 -42.63 -0.26 -53.47
CA LEU D 146 -41.19 -0.24 -53.34
C LEU D 146 -40.69 -1.29 -52.34
N GLN D 147 -41.52 -1.63 -51.34
CA GLN D 147 -41.11 -2.67 -50.38
C GLN D 147 -40.89 -4.00 -51.09
N THR D 148 -41.91 -4.50 -51.79
CA THR D 148 -41.93 -5.88 -52.24
C THR D 148 -41.68 -6.04 -53.73
N MET D 149 -41.18 -5.00 -54.40
CA MET D 149 -41.05 -5.04 -55.86
C MET D 149 -39.99 -6.05 -56.32
N GLY D 150 -40.28 -6.71 -57.43
CA GLY D 150 -39.24 -7.41 -58.15
C GLY D 150 -38.82 -8.75 -57.58
N THR D 151 -39.67 -9.39 -56.79
CA THR D 151 -39.40 -10.73 -56.30
C THR D 151 -40.45 -11.69 -56.83
N GLU D 152 -40.08 -12.97 -56.85
CA GLU D 152 -41.03 -14.02 -57.19
C GLU D 152 -42.28 -13.94 -56.33
N SER D 153 -42.12 -13.60 -55.05
CA SER D 153 -43.20 -13.58 -54.07
C SER D 153 -43.99 -12.27 -54.08
N ALA D 154 -43.66 -11.33 -54.98
CA ALA D 154 -44.09 -9.94 -54.84
C ALA D 154 -45.59 -9.82 -54.58
N ARG D 155 -46.40 -10.54 -55.37
N ARG D 155 -46.42 -10.51 -55.37
CA ARG D 155 -47.87 -10.46 -55.29
CA ARG D 155 -47.86 -10.39 -55.24
C ARG D 155 -48.38 -10.77 -53.89
C ARG D 155 -48.31 -10.71 -53.81
N GLN D 156 -47.95 -11.90 -53.31
CA GLN D 156 -48.36 -12.30 -51.98
C GLN D 156 -47.62 -11.52 -50.89
N ASP D 157 -46.38 -11.11 -51.15
CA ASP D 157 -45.69 -10.21 -50.23
C ASP D 157 -46.51 -8.95 -49.99
N ALA D 158 -46.99 -8.34 -51.07
CA ALA D 158 -47.77 -7.11 -50.99
C ALA D 158 -49.07 -7.31 -50.21
N ARG D 159 -49.71 -8.48 -50.33
CA ARG D 159 -50.96 -8.70 -49.58
C ARG D 159 -50.71 -8.61 -48.07
N ALA D 160 -49.56 -9.10 -47.60
CA ALA D 160 -49.28 -9.07 -46.17
C ALA D 160 -49.06 -7.64 -45.70
N LEU D 161 -48.22 -6.88 -46.41
CA LEU D 161 -47.98 -5.51 -45.98
C LEU D 161 -49.22 -4.63 -46.14
N LYS D 162 -50.18 -5.00 -47.00
CA LYS D 162 -51.41 -4.19 -47.05
C LYS D 162 -52.26 -4.39 -45.80
N GLN D 163 -52.32 -5.61 -45.26
CA GLN D 163 -53.18 -5.82 -44.10
C GLN D 163 -52.55 -5.23 -42.83
N ALA D 164 -51.24 -5.17 -42.74
CA ALA D 164 -50.60 -4.47 -41.63
C ALA D 164 -50.97 -2.98 -41.63
N VAL D 165 -50.96 -2.35 -42.80
CA VAL D 165 -51.27 -0.93 -42.88
C VAL D 165 -52.77 -0.67 -42.75
N LEU D 166 -53.57 -1.59 -43.22
CA LEU D 166 -55.05 -1.48 -43.37
C LEU D 166 -55.83 -1.06 -42.13
N SER D 167 -55.63 -1.72 -41.01
CA SER D 167 -56.56 -1.51 -39.87
C SER D 167 -56.15 -0.41 -38.91
N LEU D 168 -55.04 0.27 -39.14
CA LEU D 168 -54.54 1.13 -38.08
C LEU D 168 -54.35 2.55 -38.57
N PRO D 169 -54.27 3.52 -37.65
CA PRO D 169 -54.08 4.92 -38.08
C PRO D 169 -52.75 5.09 -38.76
N MET D 170 -52.63 6.19 -39.47
CA MET D 170 -51.35 6.55 -40.00
C MET D 170 -50.78 7.74 -39.25
N PRO D 171 -49.46 7.89 -39.27
CA PRO D 171 -48.81 8.96 -38.50
C PRO D 171 -49.32 10.31 -38.96
N SER D 172 -49.24 11.28 -38.07
CA SER D 172 -49.45 12.66 -38.48
C SER D 172 -48.44 13.03 -39.58
N ALA D 173 -48.73 14.13 -40.27
CA ALA D 173 -47.79 14.59 -41.29
C ALA D 173 -46.43 14.84 -40.67
N GLU D 174 -46.41 15.55 -39.54
CA GLU D 174 -45.17 15.87 -38.81
C GLU D 174 -44.36 14.61 -38.45
N ALA D 175 -45.00 13.55 -37.95
CA ALA D 175 -44.29 12.30 -37.65
C ALA D 175 -43.73 11.65 -38.92
N LEU D 176 -44.53 11.60 -39.98
CA LEU D 176 -44.03 11.05 -41.23
C LEU D 176 -42.82 11.81 -41.72
N ASN D 177 -42.88 13.14 -41.66
CA ASN D 177 -41.75 13.90 -42.17
C ASN D 177 -40.57 13.79 -41.22
N GLY D 178 -40.85 13.70 -39.91
CA GLY D 178 -39.79 13.38 -38.96
C GLY D 178 -39.06 12.11 -39.32
N GLY D 179 -39.78 11.08 -39.73
CA GLY D 179 -39.14 9.81 -40.05
C GLY D 179 -38.23 9.90 -41.25
N LEU D 180 -38.65 10.61 -42.30
CA LEU D 180 -37.82 10.78 -43.49
C LEU D 180 -36.63 11.69 -43.22
N GLU D 181 -36.77 12.53 -42.21
CA GLU D 181 -35.66 13.35 -41.77
C GLU D 181 -34.60 12.49 -41.11
N ILE D 182 -35.04 11.56 -40.23
CA ILE D 182 -34.12 10.61 -39.62
C ILE D 182 -33.38 9.80 -40.68
N LEU D 183 -34.11 9.33 -41.71
CA LEU D 183 -33.45 8.53 -42.75
C LEU D 183 -32.49 9.39 -43.56
N ARG D 184 -32.83 10.67 -43.76
CA ARG D 184 -32.02 11.54 -44.61
C ARG D 184 -30.66 11.84 -43.99
N THR D 185 -30.66 12.28 -42.72
CA THR D 185 -29.46 12.75 -42.04
C THR D 185 -28.63 11.61 -41.45
N VAL D 186 -29.21 10.84 -40.53
CA VAL D 186 -28.49 9.91 -39.66
C VAL D 186 -27.53 8.97 -40.40
N ASP D 187 -26.22 9.01 -40.00
CA ASP D 187 -25.14 8.17 -40.56
C ASP D 187 -24.38 7.54 -39.40
N LEU D 188 -24.91 6.42 -38.86
CA LEU D 188 -24.30 5.73 -37.73
C LEU D 188 -23.10 4.85 -38.12
N ARG D 189 -22.49 5.05 -39.29
CA ARG D 189 -21.48 4.11 -39.79
C ARG D 189 -20.28 3.98 -38.86
N GLN D 190 -19.90 5.07 -38.19
CA GLN D 190 -18.74 4.98 -37.30
C GLN D 190 -19.11 4.55 -35.90
N ALA D 191 -20.32 4.88 -35.44
CA ALA D 191 -20.72 4.68 -34.04
C ALA D 191 -20.97 3.23 -33.69
N LEU D 192 -21.00 2.33 -34.67
CA LEU D 192 -21.31 0.93 -34.42
C LEU D 192 -20.12 0.00 -34.59
N VAL D 193 -18.93 0.53 -34.90
CA VAL D 193 -17.75 -0.31 -35.04
C VAL D 193 -17.40 -1.02 -33.73
N ARG D 194 -17.74 -0.42 -32.59
CA ARG D 194 -17.21 -0.80 -31.28
C ARG D 194 -18.24 -1.52 -30.40
N LEU D 195 -19.30 -2.07 -30.99
CA LEU D 195 -20.36 -2.68 -30.19
C LEU D 195 -19.81 -3.89 -29.44
N PRO D 196 -20.05 -4.00 -28.12
CA PRO D 196 -19.54 -5.18 -27.40
C PRO D 196 -20.32 -6.46 -27.64
N MET D 197 -21.55 -6.39 -28.10
CA MET D 197 -22.47 -7.51 -28.17
C MET D 197 -22.63 -7.98 -29.61
N PRO D 198 -23.21 -9.16 -29.82
CA PRO D 198 -23.43 -9.64 -31.20
C PRO D 198 -24.20 -8.63 -32.05
N PHE D 199 -23.82 -8.55 -33.33
CA PHE D 199 -24.43 -7.64 -34.30
C PHE D 199 -24.71 -8.46 -35.55
N LEU D 200 -25.98 -8.77 -35.78
CA LEU D 200 -26.41 -9.60 -36.91
C LEU D 200 -27.21 -8.73 -37.88
N ARG D 201 -26.77 -8.70 -39.12
CA ARG D 201 -27.33 -7.83 -40.15
C ARG D 201 -27.87 -8.69 -41.27
N LEU D 202 -29.18 -8.58 -41.51
CA LEU D 202 -29.87 -9.33 -42.56
C LEU D 202 -30.29 -8.38 -43.68
N TYR D 203 -30.14 -8.85 -44.92
CA TYR D 203 -30.38 -8.00 -46.08
C TYR D 203 -31.03 -8.80 -47.18
N GLY D 204 -31.86 -8.13 -47.98
CA GLY D 204 -32.35 -8.70 -49.22
C GLY D 204 -31.43 -8.34 -50.38
N ARG D 205 -31.03 -9.35 -51.15
CA ARG D 205 -30.17 -9.11 -52.31
C ARG D 205 -30.83 -8.15 -53.29
N LEU D 206 -32.14 -8.30 -53.49
CA LEU D 206 -32.93 -7.51 -54.41
C LEU D 206 -33.53 -6.26 -53.77
N ASP D 207 -33.12 -5.91 -52.55
CA ASP D 207 -33.67 -4.71 -51.89
C ASP D 207 -33.29 -3.47 -52.68
N GLY D 208 -34.30 -2.66 -53.02
CA GLY D 208 -34.06 -1.44 -53.77
C GLY D 208 -33.83 -0.19 -52.95
N LEU D 209 -34.10 -0.20 -51.64
CA LEU D 209 -33.85 0.94 -50.77
C LEU D 209 -32.56 0.83 -49.96
N VAL D 210 -31.94 -0.34 -49.95
CA VAL D 210 -30.67 -0.61 -49.26
C VAL D 210 -29.82 -1.45 -50.21
N PRO D 211 -28.99 -0.84 -51.04
CA PRO D 211 -28.27 -1.60 -52.05
C PRO D 211 -27.42 -2.68 -51.42
N ARG D 212 -27.12 -3.71 -52.20
CA ARG D 212 -26.47 -4.92 -51.64
C ARG D 212 -24.99 -4.73 -51.24
N LYS D 213 -24.60 -3.47 -50.98
N LYS D 213 -24.62 -3.48 -50.97
CA LYS D 213 -23.22 -3.15 -50.51
CA LYS D 213 -23.24 -3.16 -50.52
C LYS D 213 -22.98 -3.60 -49.07
C LYS D 213 -23.04 -3.58 -49.06
N ILE D 214 -23.16 -4.89 -48.87
CA ILE D 214 -22.98 -5.49 -47.57
C ILE D 214 -21.52 -5.59 -47.27
N VAL D 215 -20.73 -5.74 -48.33
CA VAL D 215 -19.32 -6.01 -48.16
C VAL D 215 -18.60 -4.86 -47.47
N PRO D 216 -18.89 -3.56 -47.74
CA PRO D 216 -18.22 -2.50 -46.98
C PRO D 216 -18.42 -2.61 -45.49
N LEU D 217 -19.68 -2.74 -45.06
CA LEU D 217 -19.99 -2.88 -43.63
C LEU D 217 -19.35 -4.13 -43.03
N LEU D 218 -19.20 -5.20 -43.82
CA LEU D 218 -18.51 -6.41 -43.36
C LEU D 218 -17.10 -6.10 -42.86
N ASP D 219 -16.40 -5.17 -43.54
CA ASP D 219 -15.05 -4.79 -43.14
C ASP D 219 -14.98 -3.55 -42.26
N TRP D 222 -17.23 -3.15 -39.88
CA TRP D 222 -17.74 -3.71 -38.64
C TRP D 222 -17.33 -5.19 -38.55
N PRO D 223 -16.05 -5.48 -38.37
CA PRO D 223 -15.59 -6.86 -38.53
C PRO D 223 -16.11 -7.85 -37.46
N GLU D 224 -16.55 -7.39 -36.30
CA GLU D 224 -17.12 -8.34 -35.34
C GLU D 224 -18.60 -8.56 -35.57
N SER D 225 -19.19 -7.79 -36.47
CA SER D 225 -20.56 -8.02 -36.89
C SER D 225 -20.63 -9.20 -37.85
N GLU D 226 -21.83 -9.45 -38.34
CA GLU D 226 -22.08 -10.61 -39.18
C GLU D 226 -23.26 -10.28 -40.09
N SER D 227 -23.08 -10.49 -41.40
CA SER D 227 -24.11 -10.22 -42.39
C SER D 227 -24.61 -11.50 -43.04
N ILE D 228 -25.90 -11.50 -43.42
CA ILE D 228 -26.50 -12.60 -44.17
C ILE D 228 -27.34 -12.01 -45.29
N LEU D 229 -27.13 -12.52 -46.50
CA LEU D 229 -27.78 -12.04 -47.71
C LEU D 229 -28.81 -13.07 -48.15
N PHE D 230 -30.07 -12.63 -48.20
CA PHE D 230 -31.17 -13.45 -48.67
C PHE D 230 -31.32 -13.23 -50.18
N ASP D 231 -31.15 -14.31 -50.94
CA ASP D 231 -30.93 -14.20 -52.38
C ASP D 231 -32.18 -13.71 -53.11
N LYS D 232 -33.35 -14.25 -52.76
CA LYS D 232 -34.59 -13.98 -53.48
C LYS D 232 -35.40 -12.86 -52.86
N ALA D 233 -34.97 -12.32 -51.73
CA ALA D 233 -35.79 -11.37 -50.99
C ALA D 233 -35.43 -9.93 -51.37
N ALA D 234 -36.38 -9.03 -51.09
CA ALA D 234 -36.20 -7.61 -51.33
C ALA D 234 -36.09 -6.87 -50.00
N HIS D 235 -37.03 -5.97 -49.71
CA HIS D 235 -36.95 -5.11 -48.53
C HIS D 235 -37.70 -5.66 -47.32
N ALA D 236 -38.33 -6.83 -47.43
CA ALA D 236 -39.04 -7.43 -46.30
C ALA D 236 -38.77 -8.92 -46.28
N PRO D 237 -37.51 -9.33 -46.02
CA PRO D 237 -37.15 -10.75 -46.06
C PRO D 237 -37.97 -11.61 -45.11
N PHE D 238 -38.40 -11.06 -43.96
CA PHE D 238 -39.27 -11.81 -43.06
C PHE D 238 -40.66 -12.03 -43.64
N VAL D 239 -41.11 -11.19 -44.57
CA VAL D 239 -42.38 -11.43 -45.23
C VAL D 239 -42.24 -12.50 -46.32
N SER D 240 -41.23 -12.37 -47.17
CA SER D 240 -41.12 -13.28 -48.31
C SER D 240 -40.55 -14.64 -47.92
N HIS D 241 -39.60 -14.66 -46.99
CA HIS D 241 -38.93 -15.88 -46.55
C HIS D 241 -38.94 -15.97 -45.03
N PRO D 242 -40.12 -16.11 -44.43
CA PRO D 242 -40.16 -16.09 -42.97
C PRO D 242 -39.36 -17.19 -42.33
N ALA D 243 -39.46 -18.42 -42.88
CA ALA D 243 -38.75 -19.55 -42.30
C ALA D 243 -37.23 -19.36 -42.39
N ALA D 244 -36.73 -18.98 -43.57
CA ALA D 244 -35.31 -18.69 -43.68
C ALA D 244 -34.92 -17.51 -42.81
N PHE D 245 -35.85 -16.60 -42.54
CA PHE D 245 -35.52 -15.39 -41.81
C PHE D 245 -35.26 -15.67 -40.34
N CYS D 246 -36.02 -16.59 -39.74
CA CYS D 246 -35.82 -16.87 -38.32
C CYS D 246 -34.51 -17.63 -38.06
N GLU D 247 -34.04 -18.45 -39.03
CA GLU D 247 -32.87 -19.30 -38.82
C GLU D 247 -31.69 -18.57 -38.20
N PRO D 248 -31.25 -17.40 -38.69
CA PRO D 248 -30.20 -16.68 -37.96
C PRO D 248 -30.65 -16.22 -36.59
N LEU D 249 -31.94 -16.05 -36.34
CA LEU D 249 -32.36 -15.63 -35.01
C LEU D 249 -32.20 -16.77 -34.01
N LEU D 250 -32.63 -17.97 -34.38
CA LEU D 250 -32.45 -19.10 -33.48
C LEU D 250 -30.97 -19.39 -33.25
N ALA D 251 -30.14 -19.22 -34.31
CA ALA D 251 -28.70 -19.39 -34.13
C ALA D 251 -28.07 -18.29 -33.29
N LEU D 252 -28.67 -17.09 -33.30
CA LEU D 252 -28.22 -16.04 -32.38
C LEU D 252 -28.58 -16.40 -30.94
N LYS D 253 -29.75 -17.03 -30.73
CA LYS D 253 -30.06 -17.62 -29.43
C LYS D 253 -29.14 -18.78 -29.06
N THR D 254 -28.69 -19.57 -30.05
CA THR D 254 -27.70 -20.62 -29.76
C THR D 254 -26.42 -20.02 -29.18
N ARG D 255 -26.09 -18.80 -29.61
CA ARG D 255 -24.83 -18.17 -29.20
C ARG D 255 -24.96 -17.52 -27.83
N LEU D 256 -26.11 -16.90 -27.54
CA LEU D 256 -26.25 -16.19 -26.28
C LEU D 256 -26.47 -17.12 -25.10
N GLY D 257 -26.63 -18.42 -25.34
CA GLY D 257 -26.61 -19.40 -24.28
C GLY D 257 -27.94 -19.63 -23.61
N MET E 1 -22.45 -7.23 22.41
CA MET E 1 -21.02 -7.60 22.50
C MET E 1 -20.79 -8.81 23.37
N ASN E 2 -21.40 -9.94 23.00
CA ASN E 2 -21.32 -11.18 23.78
C ASN E 2 -20.10 -12.01 23.37
N ASP E 3 -18.92 -11.38 23.46
CA ASP E 3 -17.64 -12.05 23.25
C ASP E 3 -16.56 -11.37 24.07
N ILE E 4 -15.64 -12.16 24.61
CA ILE E 4 -14.52 -11.62 25.37
C ILE E 4 -13.48 -11.10 24.38
N TRP E 5 -13.24 -9.79 24.43
CA TRP E 5 -12.27 -9.21 23.52
C TRP E 5 -10.86 -9.58 23.96
N TRP E 6 -10.02 -9.94 23.00
CA TRP E 6 -8.74 -10.58 23.30
C TRP E 6 -7.78 -10.21 22.19
N GLN E 7 -6.66 -9.57 22.56
CA GLN E 7 -5.65 -9.14 21.62
C GLN E 7 -4.30 -9.74 22.01
N THR E 8 -3.56 -10.23 21.02
CA THR E 8 -2.25 -10.82 21.26
C THR E 8 -1.17 -9.94 20.66
N ILE E 9 -0.12 -9.67 21.45
CA ILE E 9 0.97 -8.79 21.02
C ILE E 9 2.29 -9.47 21.33
N GLY E 10 3.12 -9.65 20.32
CA GLY E 10 4.54 -9.87 20.52
C GLY E 10 5.04 -11.17 19.94
N GLU E 11 6.35 -11.43 20.19
CA GLU E 11 7.06 -12.59 19.69
C GLU E 11 8.09 -13.10 20.72
N GLY E 12 7.82 -12.93 22.00
CA GLY E 12 8.72 -13.36 23.06
C GLY E 12 8.60 -14.79 23.50
N ASP E 13 7.80 -15.62 22.81
CA ASP E 13 7.63 -17.06 23.06
C ASP E 13 7.49 -17.56 24.52
N CYS E 14 7.57 -16.68 25.50
CA CYS E 14 6.90 -16.89 26.77
C CYS E 14 5.60 -16.10 26.69
N HIS E 15 4.50 -16.72 27.11
CA HIS E 15 3.21 -16.03 27.08
C HIS E 15 2.94 -15.35 28.44
N LEU E 16 2.15 -14.28 28.38
CA LEU E 16 1.85 -13.47 29.57
C LEU E 16 0.44 -12.96 29.37
N VAL E 17 -0.49 -13.39 30.21
CA VAL E 17 -1.84 -12.86 30.19
C VAL E 17 -1.93 -11.72 31.19
N LEU E 18 -2.51 -10.60 30.75
CA LEU E 18 -2.67 -9.41 31.56
C LEU E 18 -4.16 -9.20 31.81
N LEU E 19 -4.55 -9.11 33.09
CA LEU E 19 -5.93 -8.98 33.51
C LEU E 19 -6.06 -7.68 34.29
N HIS E 20 -6.92 -6.79 33.81
CA HIS E 20 -7.12 -5.48 34.41
C HIS E 20 -7.97 -5.57 35.68
N GLY E 21 -8.39 -4.43 36.21
CA GLY E 21 -9.11 -4.36 37.46
C GLY E 21 -10.53 -3.88 37.29
N TRP E 22 -11.19 -3.67 38.43
CA TRP E 22 -12.60 -3.29 38.42
C TRP E 22 -12.83 -2.03 37.60
N GLY E 23 -13.78 -2.10 36.66
CA GLY E 23 -14.19 -0.99 35.82
C GLY E 23 -13.36 -0.78 34.56
N LEU E 24 -12.14 -1.30 34.53
CA LEU E 24 -11.20 -0.90 33.49
C LEU E 24 -11.20 -1.91 32.35
N ASN E 25 -10.15 -1.89 31.54
CA ASN E 25 -10.03 -2.70 30.33
C ASN E 25 -8.55 -2.79 30.00
N ALA E 26 -8.24 -3.45 28.89
CA ALA E 26 -6.84 -3.71 28.55
C ALA E 26 -6.06 -2.45 28.25
N GLN E 27 -6.74 -1.33 27.91
CA GLN E 27 -6.05 -0.08 27.63
C GLN E 27 -5.20 0.40 28.81
N VAL E 28 -5.48 -0.07 30.02
CA VAL E 28 -4.69 0.33 31.17
C VAL E 28 -3.26 -0.19 31.05
N TRP E 29 -3.02 -1.14 30.16
CA TRP E 29 -1.69 -1.66 29.89
C TRP E 29 -0.94 -0.88 28.78
N ASP E 30 -1.52 0.21 28.28
CA ASP E 30 -0.98 0.86 27.08
C ASP E 30 0.49 1.23 27.25
N CYS E 31 0.86 1.71 28.44
CA CYS E 31 2.19 2.25 28.73
C CYS E 31 3.19 1.19 29.13
N ILE E 32 2.76 -0.02 29.47
CA ILE E 32 3.73 -1.07 29.76
C ILE E 32 3.87 -2.11 28.64
N THR E 33 2.94 -2.15 27.66
CA THR E 33 3.12 -3.20 26.66
C THR E 33 4.38 -2.98 25.83
N PRO E 34 4.77 -1.72 25.48
CA PRO E 34 6.11 -1.51 24.87
C PRO E 34 7.27 -2.06 25.68
N GLN E 35 7.25 -1.86 27.00
CA GLN E 35 8.30 -2.38 27.86
C GLN E 35 8.37 -3.90 27.86
N LEU E 36 7.29 -4.59 27.51
CA LEU E 36 7.25 -6.03 27.72
C LEU E 36 7.05 -6.85 26.45
N ALA E 37 6.63 -6.24 25.34
CA ALA E 37 6.38 -7.00 24.13
C ALA E 37 7.67 -7.54 23.54
N SER E 38 8.81 -6.99 23.92
CA SER E 38 10.05 -7.56 23.43
C SER E 38 10.39 -8.86 24.16
N HIS E 39 9.80 -9.08 25.33
CA HIS E 39 10.13 -10.20 26.22
C HIS E 39 9.02 -11.23 26.35
N PHE E 40 7.86 -10.99 25.76
CA PHE E 40 6.70 -11.85 25.97
C PHE E 40 5.80 -11.78 24.74
N THR E 41 5.09 -12.87 24.50
CA THR E 41 3.83 -12.81 23.77
C THR E 41 2.76 -12.37 24.77
N LEU E 42 2.27 -11.14 24.60
CA LEU E 42 1.29 -10.52 25.49
C LEU E 42 -0.13 -10.76 25.00
N HIS E 43 -1.00 -11.19 25.92
CA HIS E 43 -2.44 -11.30 25.70
C HIS E 43 -3.15 -10.26 26.55
N LEU E 44 -3.68 -9.23 25.89
CA LEU E 44 -4.47 -8.18 26.53
C LEU E 44 -5.94 -8.63 26.51
N VAL E 45 -6.56 -8.67 27.70
CA VAL E 45 -7.92 -9.16 27.84
C VAL E 45 -8.78 -8.03 28.37
N ASP E 46 -10.00 -7.94 27.84
CA ASP E 46 -11.08 -7.19 28.47
C ASP E 46 -11.95 -8.20 29.18
N LEU E 47 -11.94 -8.19 30.52
CA LEU E 47 -12.77 -9.05 31.36
C LEU E 47 -14.22 -8.96 30.88
N PRO E 48 -15.00 -10.04 30.99
CA PRO E 48 -16.38 -10.00 30.48
C PRO E 48 -17.27 -9.17 31.39
N GLY E 49 -17.99 -8.22 30.79
CA GLY E 49 -18.63 -7.14 31.49
C GLY E 49 -17.95 -5.80 31.28
N TYR E 50 -16.67 -5.79 30.91
CA TYR E 50 -15.89 -4.57 30.85
C TYR E 50 -15.33 -4.29 29.45
N GLY E 51 -14.99 -3.04 29.22
CA GLY E 51 -14.31 -2.62 28.03
C GLY E 51 -15.06 -3.00 26.77
N ARG E 52 -14.33 -3.64 25.86
CA ARG E 52 -14.91 -4.14 24.61
C ARG E 52 -15.60 -5.48 24.78
N SER E 53 -15.61 -6.05 25.99
CA SER E 53 -16.38 -7.25 26.30
C SER E 53 -17.59 -6.88 27.14
N GLY E 54 -18.36 -5.89 26.69
CA GLY E 54 -19.40 -5.34 27.53
C GLY E 54 -20.68 -6.16 27.59
N GLY E 55 -21.00 -6.87 26.52
CA GLY E 55 -22.26 -7.61 26.44
C GLY E 55 -22.39 -8.78 27.40
N PHE E 56 -21.95 -8.59 28.64
CA PHE E 56 -22.07 -9.59 29.69
C PHE E 56 -22.63 -8.88 30.92
N GLY E 57 -22.92 -9.66 31.95
CA GLY E 57 -23.55 -9.12 33.15
C GLY E 57 -22.79 -9.56 34.38
N ALA E 58 -23.53 -9.67 35.49
CA ALA E 58 -22.93 -10.22 36.69
C ALA E 58 -22.67 -11.70 36.49
N MET E 59 -21.69 -12.20 37.24
CA MET E 59 -21.21 -13.58 37.13
C MET E 59 -20.23 -13.86 38.25
N SER E 60 -20.19 -15.12 38.68
CA SER E 60 -19.29 -15.58 39.73
C SER E 60 -17.84 -15.48 39.30
N LEU E 61 -16.94 -15.35 40.28
CA LEU E 61 -15.51 -15.32 40.00
C LEU E 61 -15.11 -16.51 39.14
N GLU E 62 -15.68 -17.69 39.41
CA GLU E 62 -15.31 -18.88 38.64
C GLU E 62 -15.93 -18.85 37.25
N ALA E 63 -17.14 -18.29 37.10
CA ALA E 63 -17.67 -18.08 35.76
C ALA E 63 -16.75 -17.18 34.94
N MET E 64 -16.21 -16.14 35.57
CA MET E 64 -15.36 -15.19 34.86
C MET E 64 -14.09 -15.87 34.40
N ALA E 65 -13.39 -16.51 35.35
CA ALA E 65 -12.16 -17.23 35.04
C ALA E 65 -12.38 -18.30 33.97
N GLN E 66 -13.52 -19.00 34.03
CA GLN E 66 -13.82 -20.01 33.00
C GLN E 66 -14.02 -19.37 31.65
N ARG E 67 -14.74 -18.25 31.58
CA ARG E 67 -14.93 -17.59 30.29
C ARG E 67 -13.61 -17.05 29.76
N VAL E 68 -12.78 -16.50 30.65
CA VAL E 68 -11.48 -15.95 30.25
C VAL E 68 -10.52 -17.07 29.80
N LEU E 69 -10.62 -18.24 30.43
CA LEU E 69 -9.74 -19.36 30.08
C LEU E 69 -9.96 -19.85 28.67
N GLU E 70 -11.23 -19.90 28.23
CA GLU E 70 -11.58 -20.53 26.96
C GLU E 70 -10.79 -19.99 25.78
N GLN E 71 -10.35 -18.72 25.82
CA GLN E 71 -9.58 -18.18 24.72
C GLN E 71 -8.11 -17.96 25.09
N ALA E 72 -7.64 -18.57 26.18
CA ALA E 72 -6.26 -18.38 26.63
C ALA E 72 -5.33 -19.43 26.01
N PRO E 73 -4.02 -19.15 25.92
CA PRO E 73 -3.11 -20.08 25.25
C PRO E 73 -2.94 -21.35 26.07
N PRO E 74 -2.34 -22.40 25.49
CA PRO E 74 -2.07 -23.62 26.25
C PRO E 74 -1.38 -23.35 27.59
N GLN E 75 -0.21 -22.72 27.57
CA GLN E 75 0.44 -22.29 28.81
C GLN E 75 0.81 -20.82 28.73
N ALA E 76 0.83 -20.17 29.90
CA ALA E 76 1.20 -18.77 29.98
C ALA E 76 1.48 -18.41 31.42
N VAL E 77 2.24 -17.34 31.60
CA VAL E 77 2.27 -16.63 32.88
C VAL E 77 1.00 -15.80 32.98
N TRP E 78 0.33 -15.87 34.13
CA TRP E 78 -0.91 -15.13 34.35
C TRP E 78 -0.65 -14.02 35.37
N LEU E 79 -0.84 -12.76 34.96
CA LEU E 79 -0.65 -11.59 35.81
C LEU E 79 -1.98 -10.86 35.92
N GLY E 80 -2.41 -10.63 37.13
CA GLY E 80 -3.70 -10.02 37.38
C GLY E 80 -3.52 -8.78 38.24
N TRP E 81 -4.26 -7.72 37.89
CA TRP E 81 -4.27 -6.49 38.65
C TRP E 81 -5.55 -6.41 39.46
N SER E 82 -5.42 -6.18 40.76
CA SER E 82 -6.57 -5.78 41.58
C SER E 82 -7.63 -6.87 41.42
N LEU E 83 -8.88 -6.52 41.08
CA LEU E 83 -9.88 -7.53 40.73
C LEU E 83 -9.35 -8.56 39.73
N GLY E 84 -8.48 -8.14 38.81
CA GLY E 84 -7.92 -9.09 37.85
C GLY E 84 -6.98 -10.10 38.48
N GLY E 85 -6.39 -9.77 39.62
CA GLY E 85 -5.58 -10.72 40.38
C GLY E 85 -6.38 -11.83 41.01
N LEU E 86 -7.69 -11.63 41.21
CA LEU E 86 -8.56 -12.71 41.65
C LEU E 86 -8.99 -13.62 40.50
N VAL E 87 -9.16 -13.07 39.30
CA VAL E 87 -9.44 -13.92 38.16
C VAL E 87 -8.23 -14.80 37.85
N ALA E 88 -7.04 -14.18 37.73
CA ALA E 88 -5.79 -14.92 37.56
C ALA E 88 -5.66 -16.05 38.58
N SER E 89 -5.72 -15.69 39.88
CA SER E 89 -5.60 -16.66 40.96
C SER E 89 -6.61 -17.80 40.83
N GLN E 90 -7.87 -17.46 40.58
CA GLN E 90 -8.88 -18.49 40.33
C GLN E 90 -8.44 -19.41 39.20
N VAL E 91 -7.87 -18.84 38.14
CA VAL E 91 -7.43 -19.65 37.01
C VAL E 91 -6.27 -20.56 37.42
N ALA E 92 -5.38 -20.11 38.31
CA ALA E 92 -4.32 -20.95 38.82
C ALA E 92 -4.78 -21.87 39.97
N ILE E 93 -6.09 -22.02 40.14
CA ILE E 93 -6.68 -23.04 40.99
C ILE E 93 -7.53 -24.03 40.19
N MET E 94 -8.28 -23.53 39.19
CA MET E 94 -9.15 -24.39 38.38
C MET E 94 -8.38 -25.25 37.37
N ARG E 95 -7.25 -24.77 36.86
CA ARG E 95 -6.54 -25.43 35.75
C ARG E 95 -5.06 -25.06 35.81
N PRO E 96 -4.33 -25.52 36.84
CA PRO E 96 -2.98 -24.99 37.09
C PRO E 96 -1.94 -25.47 36.07
N GLU E 97 -2.21 -26.53 35.32
CA GLU E 97 -1.33 -26.93 34.23
C GLU E 97 -1.23 -25.86 33.15
N ARG E 98 -2.22 -24.96 33.07
CA ARG E 98 -2.21 -23.90 32.07
C ARG E 98 -1.34 -22.71 32.47
N VAL E 99 -0.84 -22.67 33.70
CA VAL E 99 -0.32 -21.47 34.32
C VAL E 99 1.13 -21.72 34.71
N GLN E 100 2.08 -21.20 33.91
CA GLN E 100 3.50 -21.34 34.19
C GLN E 100 3.94 -20.55 35.41
N ALA E 101 3.14 -19.56 35.82
CA ALA E 101 3.45 -18.72 36.97
C ALA E 101 2.29 -17.78 37.25
N LEU E 102 2.03 -17.48 38.53
CA LEU E 102 0.95 -16.56 38.91
C LEU E 102 1.57 -15.29 39.47
N VAL E 103 1.19 -14.15 38.90
CA VAL E 103 1.62 -12.84 39.38
C VAL E 103 0.37 -12.03 39.71
N THR E 104 0.33 -11.45 40.90
CA THR E 104 -0.72 -10.51 41.27
C THR E 104 -0.08 -9.16 41.57
N VAL E 105 -0.83 -8.11 41.29
CA VAL E 105 -0.33 -6.74 41.43
C VAL E 105 -1.37 -5.97 42.22
N ALA E 106 -0.97 -5.47 43.38
CA ALA E 106 -1.86 -4.69 44.23
C ALA E 106 -3.23 -5.37 44.32
N SER E 107 -3.20 -6.64 44.73
CA SER E 107 -4.39 -7.46 44.83
C SER E 107 -4.31 -8.24 46.15
N SER E 108 -5.46 -8.68 46.64
CA SER E 108 -5.49 -9.49 47.87
C SER E 108 -6.36 -10.71 47.68
N PRO E 109 -6.06 -11.82 48.39
CA PRO E 109 -6.93 -13.00 48.28
C PRO E 109 -8.33 -12.76 48.80
N CYS E 110 -8.45 -11.93 49.83
CA CYS E 110 -9.75 -11.58 50.40
C CYS E 110 -9.77 -10.08 50.60
N PHE E 111 -10.48 -9.38 49.72
CA PHE E 111 -10.41 -7.92 49.70
C PHE E 111 -11.03 -7.31 50.93
N ALA E 112 -12.11 -7.91 51.44
CA ALA E 112 -12.81 -7.38 52.60
C ALA E 112 -12.19 -7.91 53.89
N ALA E 113 -12.07 -7.03 54.88
CA ALA E 113 -11.40 -7.32 56.14
C ALA E 113 -12.16 -8.38 56.95
N ARG E 114 -11.43 -9.03 57.85
CA ARG E 114 -11.96 -10.03 58.78
C ARG E 114 -11.17 -10.03 60.09
N TRP E 117 -7.91 -10.24 60.10
CA TRP E 117 -7.65 -10.02 58.67
C TRP E 117 -7.86 -8.57 58.24
N PRO E 118 -6.76 -7.87 57.94
CA PRO E 118 -6.89 -6.47 57.52
C PRO E 118 -7.40 -6.37 56.09
N GLY E 119 -8.09 -5.27 55.81
CA GLY E 119 -8.65 -5.04 54.49
C GLY E 119 -9.68 -3.93 54.48
N ILE E 120 -10.64 -4.04 53.56
CA ILE E 120 -11.72 -3.07 53.39
C ILE E 120 -12.93 -3.56 54.18
N LYS E 121 -13.59 -2.66 54.91
CA LYS E 121 -14.78 -3.05 55.64
C LYS E 121 -15.81 -3.61 54.66
N PRO E 122 -16.54 -4.67 55.02
CA PRO E 122 -17.52 -5.21 54.06
C PRO E 122 -18.66 -4.26 53.77
N GLU E 123 -19.14 -3.53 54.77
CA GLU E 123 -20.29 -2.66 54.57
C GLU E 123 -19.97 -1.47 53.68
N VAL E 124 -18.69 -1.11 53.53
CA VAL E 124 -18.36 0.00 52.64
C VAL E 124 -18.22 -0.45 51.20
N LEU E 125 -18.10 -1.76 50.95
CA LEU E 125 -18.34 -2.32 49.62
C LEU E 125 -19.82 -2.55 49.38
N ALA E 126 -20.62 -2.71 50.43
CA ALA E 126 -22.06 -2.61 50.29
C ALA E 126 -22.46 -1.19 49.88
N GLY E 127 -21.77 -0.18 50.45
CA GLY E 127 -22.07 1.21 50.10
C GLY E 127 -21.96 1.48 48.62
N PHE E 128 -20.82 1.09 48.03
CA PHE E 128 -20.60 1.35 46.61
C PHE E 128 -21.65 0.67 45.76
N GLN E 129 -21.98 -0.58 46.08
CA GLN E 129 -23.05 -1.29 45.37
C GLN E 129 -24.35 -0.51 45.44
N GLN E 130 -24.78 -0.16 46.64
CA GLN E 130 -25.98 0.66 46.80
C GLN E 130 -25.81 2.01 46.12
N GLN E 131 -24.74 2.75 46.49
CA GLN E 131 -24.49 4.06 45.90
C GLN E 131 -24.43 4.00 44.38
N LEU E 132 -24.01 2.85 43.82
CA LEU E 132 -23.99 2.69 42.36
C LEU E 132 -25.38 2.88 41.75
N SER E 133 -26.44 2.58 42.49
CA SER E 133 -27.79 2.78 41.96
C SER E 133 -28.31 4.20 42.15
N ASP E 134 -27.85 4.90 43.20
CA ASP E 134 -28.28 6.27 43.49
C ASP E 134 -27.49 7.33 42.74
N ASP E 135 -26.23 7.05 42.38
CA ASP E 135 -25.39 7.99 41.65
C ASP E 135 -24.36 7.13 40.91
N PHE E 136 -24.74 6.70 39.69
CA PHE E 136 -23.94 5.72 38.98
C PHE E 136 -22.56 6.26 38.68
N GLN E 137 -22.50 7.41 38.01
CA GLN E 137 -21.23 7.92 37.51
C GLN E 137 -20.25 8.21 38.64
N ARG E 138 -20.66 8.98 39.65
CA ARG E 138 -19.69 9.39 40.67
C ARG E 138 -19.27 8.22 41.57
N THR E 139 -20.13 7.22 41.75
CA THR E 139 -19.70 6.03 42.49
C THR E 139 -18.56 5.32 41.77
N VAL E 140 -18.67 5.22 40.44
CA VAL E 140 -17.58 4.63 39.65
C VAL E 140 -16.34 5.48 39.77
N GLU E 141 -16.49 6.79 39.55
CA GLU E 141 -15.34 7.69 39.64
C GLU E 141 -14.69 7.63 41.01
N ARG E 142 -15.49 7.61 42.07
CA ARG E 142 -14.94 7.65 43.42
C ARG E 142 -14.26 6.35 43.76
N PHE E 143 -14.81 5.23 43.30
CA PHE E 143 -14.13 3.96 43.53
C PHE E 143 -12.81 3.92 42.76
N LEU E 144 -12.83 4.31 41.49
CA LEU E 144 -11.59 4.38 40.72
C LEU E 144 -10.56 5.28 41.41
N ALA E 145 -11.01 6.45 41.92
CA ALA E 145 -10.08 7.38 42.56
C ALA E 145 -9.34 6.76 43.72
N LEU E 146 -9.94 5.76 44.37
CA LEU E 146 -9.27 5.09 45.47
C LEU E 146 -8.03 4.34 44.98
N GLN E 147 -8.02 3.91 43.72
CA GLN E 147 -6.96 3.04 43.23
C GLN E 147 -5.70 3.80 42.80
N THR E 148 -5.65 5.12 42.97
CA THR E 148 -4.47 5.89 42.56
C THR E 148 -4.02 6.85 43.63
N MET E 149 -4.95 7.32 44.46
CA MET E 149 -4.63 8.33 45.45
C MET E 149 -3.72 7.73 46.52
N GLY E 150 -2.86 8.59 47.07
CA GLY E 150 -1.78 8.18 47.95
C GLY E 150 -0.40 8.28 47.35
N THR E 151 -0.26 8.80 46.14
CA THR E 151 1.06 8.93 45.53
C THR E 151 1.30 10.37 45.12
N GLU E 152 2.58 10.67 44.88
CA GLU E 152 2.95 11.99 44.39
C GLU E 152 2.40 12.25 43.00
N SER E 153 2.09 11.19 42.23
CA SER E 153 1.54 11.32 40.89
C SER E 153 0.04 11.02 40.84
N ALA E 154 -0.66 11.17 41.97
CA ALA E 154 -2.03 10.67 42.09
C ALA E 154 -2.96 11.23 41.02
N ARG E 155 -2.82 12.51 40.65
CA ARG E 155 -3.78 13.11 39.72
C ARG E 155 -3.45 12.86 38.25
N GLN E 156 -2.20 12.61 37.90
CA GLN E 156 -1.89 12.06 36.59
C GLN E 156 -2.41 10.63 36.48
N ASP E 157 -2.03 9.79 37.44
CA ASP E 157 -2.42 8.39 37.40
C ASP E 157 -3.92 8.23 37.39
N ALA E 158 -4.63 9.08 38.15
CA ALA E 158 -6.08 9.01 38.17
C ALA E 158 -6.65 9.30 36.80
N ARG E 159 -6.16 10.34 36.13
CA ARG E 159 -6.78 10.59 34.84
C ARG E 159 -6.30 9.64 33.75
N ALA E 160 -5.22 8.89 33.98
CA ALA E 160 -4.91 7.77 33.09
C ALA E 160 -6.02 6.72 33.16
N LEU E 161 -6.51 6.42 34.36
CA LEU E 161 -7.54 5.40 34.49
C LEU E 161 -8.88 5.87 33.93
N LYS E 162 -9.21 7.15 34.14
CA LYS E 162 -10.48 7.68 33.64
C LYS E 162 -10.50 7.72 32.12
N GLN E 163 -9.35 8.04 31.50
CA GLN E 163 -9.23 8.00 30.05
C GLN E 163 -9.54 6.62 29.50
N ALA E 164 -8.96 5.57 30.12
CA ALA E 164 -9.19 4.19 29.68
C ALA E 164 -10.64 3.81 29.80
N VAL E 165 -11.34 4.32 30.81
CA VAL E 165 -12.75 4.01 31.01
C VAL E 165 -13.62 4.76 30.02
N LEU E 166 -13.34 6.06 29.79
CA LEU E 166 -14.24 6.91 29.01
C LEU E 166 -14.19 6.65 27.51
N SER E 167 -13.15 6.01 27.01
CA SER E 167 -13.01 5.79 25.57
C SER E 167 -13.64 4.49 25.12
N LEU E 168 -14.27 3.76 26.02
CA LEU E 168 -14.94 2.52 25.68
C LEU E 168 -16.31 2.49 26.36
N PRO E 169 -17.23 1.62 25.95
CA PRO E 169 -18.56 1.61 26.57
C PRO E 169 -18.48 1.43 28.07
N MET E 170 -19.26 2.23 28.79
CA MET E 170 -19.27 2.10 30.24
C MET E 170 -19.73 0.69 30.60
N PRO E 171 -19.01 -0.03 31.43
CA PRO E 171 -19.50 -1.32 31.90
C PRO E 171 -20.93 -1.23 32.45
N SER E 172 -21.71 -2.30 32.25
CA SER E 172 -23.07 -2.41 32.78
C SER E 172 -23.08 -2.29 34.31
N ALA E 173 -24.16 -1.70 34.83
CA ALA E 173 -24.32 -1.60 36.28
C ALA E 173 -24.38 -2.99 36.91
N GLU E 174 -24.93 -3.98 36.20
N GLU E 174 -24.98 -3.95 36.19
CA GLU E 174 -24.94 -5.32 36.80
CA GLU E 174 -25.01 -5.34 36.61
C GLU E 174 -23.54 -5.92 36.84
C GLU E 174 -23.60 -5.90 36.80
N ALA E 175 -22.79 -5.84 35.74
CA ALA E 175 -21.43 -6.36 35.79
C ALA E 175 -20.61 -5.62 36.84
N LEU E 176 -20.70 -4.29 36.85
CA LEU E 176 -20.03 -3.51 37.88
C LEU E 176 -20.47 -3.92 39.28
N ASN E 177 -21.77 -4.15 39.45
CA ASN E 177 -22.23 -4.65 40.74
C ASN E 177 -21.68 -6.05 40.99
N GLY E 178 -21.70 -6.90 39.96
CA GLY E 178 -21.12 -8.22 40.09
C GLY E 178 -19.67 -8.21 40.56
N GLY E 179 -18.86 -7.29 40.00
CA GLY E 179 -17.45 -7.26 40.38
C GLY E 179 -17.23 -6.80 41.82
N LEU E 180 -17.96 -5.76 42.24
CA LEU E 180 -17.95 -5.38 43.65
C LEU E 180 -18.36 -6.55 44.55
N GLU E 181 -19.29 -7.38 44.07
CA GLU E 181 -19.65 -8.57 44.82
C GLU E 181 -18.45 -9.50 44.99
N ILE E 182 -17.71 -9.73 43.90
CA ILE E 182 -16.54 -10.60 43.99
C ILE E 182 -15.57 -10.07 45.06
N LEU E 183 -15.22 -8.79 44.96
CA LEU E 183 -14.33 -8.20 45.96
C LEU E 183 -14.87 -8.43 47.37
N ARG E 184 -16.16 -8.10 47.58
CA ARG E 184 -16.71 -8.12 48.93
C ARG E 184 -16.72 -9.54 49.52
N THR E 185 -17.12 -10.54 48.72
CA THR E 185 -17.42 -11.86 49.26
C THR E 185 -16.23 -12.81 49.27
N VAL E 186 -15.43 -12.81 48.21
CA VAL E 186 -14.52 -13.93 47.98
C VAL E 186 -13.35 -13.87 48.94
N ASP E 187 -12.99 -15.04 49.49
CA ASP E 187 -11.71 -15.25 50.13
C ASP E 187 -11.02 -16.41 49.45
N LEU E 188 -9.79 -16.19 49.00
CA LEU E 188 -9.00 -17.22 48.37
C LEU E 188 -7.75 -17.55 49.18
N ARG E 189 -7.64 -17.00 50.39
CA ARG E 189 -6.47 -17.22 51.23
C ARG E 189 -6.16 -18.70 51.38
N GLN E 190 -7.18 -19.54 51.58
CA GLN E 190 -6.89 -20.93 51.85
C GLN E 190 -6.54 -21.72 50.58
N ALA E 191 -7.22 -21.46 49.46
CA ALA E 191 -6.98 -22.24 48.24
C ALA E 191 -5.67 -21.91 47.53
N LEU E 192 -4.86 -21.00 48.06
CA LEU E 192 -3.61 -20.62 47.43
C LEU E 192 -2.39 -21.09 48.20
N VAL E 193 -2.57 -21.83 49.28
CA VAL E 193 -1.47 -22.50 49.97
C VAL E 193 -1.03 -23.70 49.14
N LEU E 195 0.14 -24.62 46.37
CA LEU E 195 0.03 -24.18 44.97
C LEU E 195 1.36 -24.35 44.24
N PRO E 196 1.34 -25.09 43.11
CA PRO E 196 2.57 -25.71 42.57
C PRO E 196 3.31 -24.95 41.47
N MET E 197 3.09 -23.65 41.34
CA MET E 197 3.80 -22.80 40.39
C MET E 197 4.47 -21.68 41.15
N PRO E 198 5.51 -21.05 40.58
CA PRO E 198 6.03 -19.84 41.20
C PRO E 198 4.93 -18.78 41.29
N PHE E 199 4.91 -18.08 42.43
CA PHE E 199 3.81 -17.18 42.81
C PHE E 199 4.46 -15.86 43.20
N LEU E 200 4.35 -14.87 42.30
CA LEU E 200 4.95 -13.56 42.50
C LEU E 200 3.87 -12.56 42.89
N ARG E 201 4.14 -11.77 43.92
CA ARG E 201 3.14 -10.90 44.53
C ARG E 201 3.68 -9.47 44.61
N LEU E 202 2.94 -8.51 44.02
CA LEU E 202 3.40 -7.12 43.88
C LEU E 202 2.46 -6.17 44.60
N TYR E 203 3.03 -5.27 45.40
CA TYR E 203 2.22 -4.42 46.27
C TYR E 203 2.75 -3.01 46.30
N GLY E 204 1.83 -2.07 46.48
CA GLY E 204 2.16 -0.69 46.78
C GLY E 204 2.01 -0.38 48.25
N ARG E 205 3.10 0.09 48.87
CA ARG E 205 3.10 0.40 50.29
C ARG E 205 1.97 1.35 50.64
N LEU E 206 1.68 2.30 49.75
CA LEU E 206 0.71 3.35 50.02
C LEU E 206 -0.69 2.98 49.56
N ASP E 207 -0.91 1.70 49.20
CA ASP E 207 -2.20 1.25 48.69
C ASP E 207 -3.26 1.35 49.77
N GLY E 208 -4.30 2.16 49.54
CA GLY E 208 -5.39 2.25 50.48
C GLY E 208 -6.26 1.01 50.49
N LEU E 209 -6.61 0.48 49.31
CA LEU E 209 -7.51 -0.66 49.26
C LEU E 209 -6.84 -1.95 49.73
N VAL E 210 -5.53 -2.08 49.51
CA VAL E 210 -4.83 -3.30 49.90
C VAL E 210 -3.74 -2.91 50.90
N PRO E 211 -3.91 -3.25 52.19
CA PRO E 211 -3.10 -2.61 53.25
C PRO E 211 -1.62 -2.97 53.30
N ARG E 212 -1.25 -3.75 54.31
N ARG E 212 -1.25 -3.76 54.29
CA ARG E 212 0.08 -4.33 54.40
CA ARG E 212 0.10 -4.34 54.34
C ARG E 212 -0.01 -5.71 55.04
C ARG E 212 0.01 -5.71 55.02
N LYS E 213 -0.98 -6.49 54.59
CA LYS E 213 -1.22 -7.90 54.83
C LYS E 213 -0.20 -8.77 54.13
N ILE E 214 0.80 -8.10 53.58
CA ILE E 214 1.89 -8.80 52.88
C ILE E 214 2.65 -9.68 53.86
N VAL E 215 3.08 -9.10 54.98
CA VAL E 215 3.91 -9.85 55.93
C VAL E 215 3.17 -11.09 56.45
N PRO E 216 1.85 -11.08 56.72
CA PRO E 216 1.16 -12.35 56.97
C PRO E 216 1.06 -13.26 55.75
N LEU E 217 0.88 -12.71 54.54
CA LEU E 217 0.78 -13.58 53.38
C LEU E 217 2.13 -14.15 52.97
N LEU E 218 3.23 -13.48 53.35
CA LEU E 218 4.53 -14.14 53.33
C LEU E 218 4.52 -15.43 54.15
N ASP E 219 3.52 -15.60 55.02
CA ASP E 219 3.28 -16.84 55.75
C ASP E 219 1.88 -17.39 55.52
N TRP E 222 1.47 -18.98 52.92
CA TRP E 222 2.25 -18.95 51.68
C TRP E 222 3.76 -18.77 51.89
N PRO E 223 4.45 -19.78 52.44
CA PRO E 223 5.91 -19.64 52.64
C PRO E 223 6.72 -19.67 51.35
N GLU E 224 6.20 -20.21 50.25
CA GLU E 224 6.95 -20.25 49.00
C GLU E 224 6.41 -19.24 47.97
N SER E 225 5.63 -18.27 48.42
CA SER E 225 5.30 -17.09 47.64
C SER E 225 6.31 -16.00 47.94
N GLU E 226 6.79 -15.35 46.87
CA GLU E 226 7.64 -14.17 47.01
C GLU E 226 6.78 -12.91 46.89
N SER E 227 7.21 -11.86 47.57
CA SER E 227 6.51 -10.59 47.56
C SER E 227 7.52 -9.48 47.36
N ILE E 228 7.14 -8.45 46.61
CA ILE E 228 7.90 -7.22 46.48
C ILE E 228 6.98 -6.05 46.80
N LEU E 229 7.43 -5.14 47.66
CA LEU E 229 6.71 -3.91 47.97
C LEU E 229 7.41 -2.74 47.30
N PHE E 230 6.62 -1.84 46.68
CA PHE E 230 7.15 -0.61 46.13
C PHE E 230 6.83 0.51 47.11
N ASP E 231 7.87 1.18 47.60
CA ASP E 231 7.70 2.06 48.73
C ASP E 231 6.96 3.35 48.39
N LYS E 232 6.83 3.70 47.10
CA LYS E 232 6.16 4.94 46.70
C LYS E 232 4.95 4.70 45.79
N ALA E 233 4.46 3.46 45.70
CA ALA E 233 3.28 3.11 44.92
C ALA E 233 2.07 2.92 45.82
N ALA E 234 0.89 3.20 45.28
CA ALA E 234 -0.39 2.89 45.93
C ALA E 234 -1.01 1.70 45.21
N HIS E 235 -2.27 1.77 44.76
CA HIS E 235 -2.96 0.63 44.19
C HIS E 235 -2.65 0.36 42.72
N ALA E 236 -1.84 1.18 42.06
CA ALA E 236 -1.67 1.09 40.61
C ALA E 236 -0.19 1.23 40.25
N PRO E 237 0.65 0.34 40.78
CA PRO E 237 2.10 0.56 40.70
C PRO E 237 2.67 0.42 39.30
N PHE E 238 2.02 -0.31 38.40
CA PHE E 238 2.49 -0.34 37.03
C PHE E 238 2.23 0.99 36.33
N VAL E 239 1.23 1.74 36.80
CA VAL E 239 1.01 3.09 36.30
C VAL E 239 1.97 4.08 36.96
N SER E 240 2.00 4.10 38.29
CA SER E 240 2.86 5.06 39.00
C SER E 240 4.33 4.77 38.76
N HIS E 241 4.75 3.50 38.83
CA HIS E 241 6.15 3.13 38.69
C HIS E 241 6.32 2.03 37.63
N PRO E 242 6.37 2.40 36.35
CA PRO E 242 6.52 1.38 35.30
C PRO E 242 7.81 0.58 35.41
N ALA E 243 8.94 1.26 35.57
CA ALA E 243 10.23 0.58 35.56
C ALA E 243 10.33 -0.45 36.67
N ALA E 244 10.05 -0.03 37.91
CA ALA E 244 10.14 -0.97 39.01
C ALA E 244 9.15 -2.10 38.86
N PHE E 245 8.16 -1.97 37.97
CA PHE E 245 7.17 -3.03 37.76
C PHE E 245 7.67 -4.08 36.78
N CYS E 246 8.33 -3.66 35.69
CA CYS E 246 8.77 -4.61 34.66
C CYS E 246 9.99 -5.42 35.08
N GLU E 247 10.80 -4.88 35.98
CA GLU E 247 12.03 -5.58 36.39
C GLU E 247 11.75 -6.96 36.98
N PRO E 248 10.88 -7.10 37.99
CA PRO E 248 10.62 -8.44 38.54
C PRO E 248 9.99 -9.38 37.54
N LEU E 249 9.20 -8.88 36.59
CA LEU E 249 8.67 -9.75 35.54
C LEU E 249 9.80 -10.34 34.70
N LEU E 250 10.78 -9.51 34.31
CA LEU E 250 11.87 -10.01 33.47
C LEU E 250 12.78 -10.98 34.21
N ALA E 251 12.94 -10.81 35.53
CA ALA E 251 13.73 -11.74 36.31
C ALA E 251 12.97 -13.04 36.58
N LEU E 252 11.64 -12.98 36.69
CA LEU E 252 10.86 -14.21 36.79
C LEU E 252 11.02 -15.06 35.52
N LYS E 253 11.01 -14.42 34.35
CA LYS E 253 11.19 -15.14 33.09
C LYS E 253 12.55 -15.81 33.02
N THR E 254 13.58 -15.19 33.60
CA THR E 254 14.88 -15.86 33.69
C THR E 254 14.82 -17.07 34.64
N ARG E 255 13.95 -17.04 35.64
CA ARG E 255 13.88 -18.14 36.61
C ARG E 255 13.11 -19.34 36.10
N LEU E 256 12.49 -19.22 34.94
CA LEU E 256 11.95 -20.35 34.20
C LEU E 256 12.86 -20.61 33.00
N GLY E 257 12.43 -21.49 32.11
CA GLY E 257 13.17 -21.79 30.89
C GLY E 257 14.28 -22.79 31.09
N ASP F 3 19.70 -7.21 -41.31
CA ASP F 3 18.36 -7.79 -41.48
C ASP F 3 17.28 -6.92 -40.87
N ILE F 4 16.14 -6.79 -41.54
CA ILE F 4 15.07 -5.90 -41.09
C ILE F 4 13.99 -6.73 -40.42
N TRP F 5 13.61 -6.34 -39.19
CA TRP F 5 12.63 -7.05 -38.39
C TRP F 5 11.22 -6.64 -38.77
N TRP F 6 10.38 -7.63 -39.10
CA TRP F 6 8.96 -7.49 -39.42
C TRP F 6 8.14 -8.34 -38.46
N GLN F 7 6.90 -7.93 -38.25
CA GLN F 7 5.94 -8.74 -37.51
C GLN F 7 4.53 -8.43 -38.01
N THR F 8 3.78 -9.47 -38.29
CA THR F 8 2.41 -9.35 -38.75
C THR F 8 1.48 -9.70 -37.61
N ILE F 9 0.55 -8.79 -37.31
CA ILE F 9 -0.43 -8.97 -36.25
C ILE F 9 -1.84 -8.86 -36.86
N GLY F 10 -2.73 -9.74 -36.44
CA GLY F 10 -4.15 -9.50 -36.61
C GLY F 10 -4.77 -10.23 -37.78
N GLU F 11 -6.03 -10.62 -37.60
CA GLU F 11 -6.95 -10.89 -38.67
C GLU F 11 -7.20 -9.62 -39.46
N GLY F 12 -7.60 -9.76 -40.72
CA GLY F 12 -8.03 -8.61 -41.47
C GLY F 12 -7.79 -8.80 -42.95
N ASP F 13 -8.57 -8.06 -43.74
CA ASP F 13 -8.45 -8.13 -45.19
C ASP F 13 -7.65 -6.98 -45.77
N CYS F 14 -7.76 -5.79 -45.18
CA CYS F 14 -6.90 -4.67 -45.51
C CYS F 14 -5.57 -4.77 -44.76
N HIS F 15 -4.46 -4.63 -45.50
CA HIS F 15 -3.14 -4.69 -44.91
C HIS F 15 -2.68 -3.27 -44.60
N LEU F 16 -2.07 -3.11 -43.41
CA LEU F 16 -1.65 -1.80 -42.93
C LEU F 16 -0.23 -1.91 -42.36
N VAL F 17 0.68 -1.12 -42.95
CA VAL F 17 2.06 -0.97 -42.50
C VAL F 17 2.11 0.21 -41.53
N LEU F 18 2.91 0.09 -40.46
CA LEU F 18 3.08 1.16 -39.48
C LEU F 18 4.57 1.39 -39.28
N LEU F 19 5.03 2.61 -39.52
CA LEU F 19 6.45 2.96 -39.45
C LEU F 19 6.67 3.87 -38.26
N HIS F 20 7.55 3.46 -37.35
CA HIS F 20 7.84 4.24 -36.15
C HIS F 20 8.75 5.41 -36.49
N GLY F 21 8.93 6.30 -35.52
CA GLY F 21 9.75 7.48 -35.68
C GLY F 21 11.16 7.31 -35.13
N TRP F 22 11.86 8.45 -35.08
CA TRP F 22 13.29 8.47 -34.75
C TRP F 22 13.55 7.96 -33.34
N GLY F 23 14.65 7.22 -33.19
CA GLY F 23 15.11 6.78 -31.89
C GLY F 23 14.37 5.61 -31.28
N LEU F 24 13.22 5.22 -31.83
CA LEU F 24 12.38 4.19 -31.22
C LEU F 24 12.31 2.93 -32.09
N ASN F 25 11.16 2.27 -32.12
CA ASN F 25 11.02 0.97 -32.80
C ASN F 25 9.53 0.62 -32.78
N ALA F 26 9.20 -0.55 -33.32
CA ALA F 26 7.82 -0.97 -33.43
C ALA F 26 7.13 -1.04 -32.08
N GLN F 27 7.88 -1.09 -30.98
CA GLN F 27 7.25 -1.15 -29.66
C GLN F 27 6.38 0.06 -29.37
N VAL F 28 6.58 1.19 -30.06
CA VAL F 28 5.73 2.35 -29.82
C VAL F 28 4.27 2.04 -30.12
N TRP F 29 4.00 1.03 -30.96
CA TRP F 29 2.64 0.68 -31.35
C TRP F 29 1.94 -0.25 -30.37
N ASP F 30 2.58 -0.54 -29.23
CA ASP F 30 2.10 -1.56 -28.31
C ASP F 30 0.65 -1.33 -27.90
N CYS F 31 0.29 -0.08 -27.55
CA CYS F 31 -1.07 0.15 -27.11
C CYS F 31 -2.04 0.38 -28.26
N ILE F 32 -1.56 0.47 -29.49
CA ILE F 32 -2.42 0.78 -30.63
C ILE F 32 -2.82 -0.48 -31.38
N THR F 33 -1.94 -1.49 -31.46
CA THR F 33 -2.29 -2.68 -32.24
C THR F 33 -3.50 -3.42 -31.67
N PRO F 34 -3.72 -3.49 -30.36
CA PRO F 34 -5.01 -4.05 -29.90
C PRO F 34 -6.18 -3.37 -30.57
N GLN F 35 -6.09 -2.06 -30.83
CA GLN F 35 -7.21 -1.27 -31.35
C GLN F 35 -7.43 -1.45 -32.84
N LEU F 36 -6.40 -1.84 -33.61
CA LEU F 36 -6.52 -1.98 -35.07
C LEU F 36 -6.47 -3.41 -35.57
N ALA F 37 -6.09 -4.38 -34.72
CA ALA F 37 -5.90 -5.74 -35.21
C ALA F 37 -7.21 -6.35 -35.71
N SER F 38 -8.36 -5.94 -35.17
CA SER F 38 -9.62 -6.48 -35.67
C SER F 38 -9.94 -5.94 -37.07
N HIS F 39 -9.42 -4.77 -37.42
CA HIS F 39 -9.76 -4.16 -38.69
C HIS F 39 -8.72 -4.38 -39.78
N PHE F 40 -7.49 -4.68 -39.42
CA PHE F 40 -6.40 -4.72 -40.38
C PHE F 40 -5.53 -5.92 -40.12
N THR F 41 -4.84 -6.36 -41.17
CA THR F 41 -3.61 -7.12 -41.03
C THR F 41 -2.48 -6.12 -40.83
N LEU F 42 -1.98 -6.01 -39.60
CA LEU F 42 -0.94 -5.03 -39.27
C LEU F 42 0.46 -5.57 -39.59
N HIS F 43 1.30 -4.69 -40.12
CA HIS F 43 2.70 -5.02 -40.41
C HIS F 43 3.62 -4.03 -39.69
N LEU F 44 4.32 -4.52 -38.67
CA LEU F 44 5.17 -3.68 -37.84
C LEU F 44 6.63 -3.98 -38.15
N VAL F 45 7.44 -2.94 -38.18
CA VAL F 45 8.80 -3.03 -38.67
C VAL F 45 9.68 -2.14 -37.80
N ASP F 46 10.89 -2.61 -37.54
CA ASP F 46 11.96 -1.78 -37.03
C ASP F 46 12.71 -1.21 -38.25
N LEU F 47 12.69 0.10 -38.37
CA LEU F 47 13.45 0.72 -39.44
C LEU F 47 14.92 0.29 -39.33
N PRO F 48 15.63 0.17 -40.46
CA PRO F 48 17.04 -0.25 -40.41
C PRO F 48 17.89 0.72 -39.60
N GLY F 49 18.61 0.18 -38.61
CA GLY F 49 19.35 0.98 -37.66
C GLY F 49 18.70 1.08 -36.29
N TYR F 50 17.41 0.74 -36.18
CA TYR F 50 16.66 0.89 -34.95
C TYR F 50 16.16 -0.47 -34.48
N GLY F 51 15.87 -0.55 -33.18
CA GLY F 51 15.33 -1.75 -32.55
C GLY F 51 16.03 -3.03 -32.97
N ARG F 52 15.28 -3.98 -33.49
CA ARG F 52 15.83 -5.28 -33.87
C ARG F 52 16.40 -5.32 -35.28
N SER F 53 16.39 -4.21 -36.01
CA SER F 53 17.18 -4.02 -37.22
C SER F 53 18.39 -3.15 -36.91
N GLY F 54 19.02 -3.36 -35.76
CA GLY F 54 19.99 -2.40 -35.26
C GLY F 54 21.27 -2.35 -36.04
N GLY F 55 21.56 -3.36 -36.86
CA GLY F 55 22.84 -3.50 -37.54
C GLY F 55 22.97 -2.70 -38.83
N PHE F 56 22.54 -1.46 -38.81
CA PHE F 56 22.76 -0.58 -39.93
C PHE F 56 23.34 0.71 -39.40
N GLY F 57 23.92 1.49 -40.31
CA GLY F 57 24.42 2.82 -40.02
C GLY F 57 23.52 3.89 -40.61
N ALA F 58 24.12 5.03 -40.91
CA ALA F 58 23.38 6.12 -41.53
C ALA F 58 22.97 5.75 -42.95
N MET F 59 21.96 6.44 -43.45
CA MET F 59 21.58 6.22 -44.83
C MET F 59 20.60 7.30 -45.26
N SER F 60 20.44 7.40 -46.56
CA SER F 60 19.47 8.29 -47.16
C SER F 60 18.07 7.73 -46.98
N LEU F 61 17.08 8.63 -47.01
CA LEU F 61 15.71 8.19 -47.08
C LEU F 61 15.52 7.15 -48.17
N GLU F 62 16.18 7.33 -49.32
CA GLU F 62 15.94 6.46 -50.46
C GLU F 62 16.34 5.03 -50.15
N ALA F 63 17.54 4.83 -49.62
CA ALA F 63 18.01 3.49 -49.30
C ALA F 63 17.28 2.93 -48.08
N MET F 64 16.90 3.79 -47.13
CA MET F 64 16.01 3.34 -46.05
C MET F 64 14.67 2.87 -46.60
N ALA F 65 14.12 3.60 -47.58
CA ALA F 65 12.85 3.19 -48.18
C ALA F 65 12.99 1.90 -48.97
N GLN F 66 14.10 1.73 -49.71
CA GLN F 66 14.26 0.53 -50.52
C GLN F 66 14.44 -0.72 -49.67
N ARG F 67 15.18 -0.62 -48.58
CA ARG F 67 15.39 -1.81 -47.75
C ARG F 67 14.14 -2.17 -46.94
N VAL F 68 13.41 -1.17 -46.45
CA VAL F 68 12.13 -1.47 -45.80
C VAL F 68 11.18 -2.14 -46.78
N LEU F 69 11.02 -1.55 -47.96
CA LEU F 69 10.16 -2.08 -49.00
C LEU F 69 10.57 -3.48 -49.44
N GLU F 70 11.81 -3.87 -49.20
CA GLU F 70 12.33 -5.14 -49.70
C GLU F 70 11.65 -6.36 -49.05
N GLN F 71 11.07 -6.23 -47.86
CA GLN F 71 10.35 -7.36 -47.27
C GLN F 71 8.95 -6.97 -46.82
N ALA F 72 8.36 -5.94 -47.46
CA ALA F 72 7.04 -5.39 -47.20
C ALA F 72 5.98 -6.14 -48.02
N PRO F 73 4.81 -6.34 -47.43
CA PRO F 73 3.71 -7.02 -48.12
C PRO F 73 3.45 -6.48 -49.51
N PRO F 74 2.92 -7.33 -50.41
CA PRO F 74 2.69 -6.94 -51.82
C PRO F 74 1.82 -5.70 -52.05
N GLN F 75 0.76 -5.50 -51.25
CA GLN F 75 -0.03 -4.29 -51.30
C GLN F 75 -0.45 -3.96 -49.88
N ALA F 76 -0.50 -2.67 -49.55
CA ALA F 76 -0.88 -2.32 -48.19
C ALA F 76 -1.14 -0.83 -48.09
N VAL F 77 -1.83 -0.46 -47.03
CA VAL F 77 -1.79 0.91 -46.53
C VAL F 77 -0.47 1.11 -45.82
N TRP F 78 0.17 2.26 -46.05
CA TRP F 78 1.43 2.61 -45.39
C TRP F 78 1.18 3.81 -44.49
N LEU F 79 1.31 3.61 -43.18
CA LEU F 79 1.17 4.68 -42.21
C LEU F 79 2.52 4.96 -41.56
N GLY F 80 2.90 6.23 -41.50
CA GLY F 80 4.19 6.56 -40.95
C GLY F 80 4.15 7.78 -40.04
N TRP F 81 4.85 7.73 -38.91
CA TRP F 81 4.78 8.77 -37.89
C TRP F 81 6.15 9.39 -37.71
N SER F 82 6.19 10.73 -37.69
CA SER F 82 7.43 11.50 -37.60
C SER F 82 8.39 11.04 -38.70
N LEU F 83 9.65 10.73 -38.40
CA LEU F 83 10.60 10.24 -39.39
C LEU F 83 10.04 9.09 -40.22
N GLY F 84 9.22 8.23 -39.61
CA GLY F 84 8.66 7.12 -40.35
C GLY F 84 7.61 7.51 -41.37
N GLY F 85 7.05 8.72 -41.24
CA GLY F 85 6.17 9.22 -42.28
C GLY F 85 6.94 9.62 -43.52
N LEU F 86 8.18 10.06 -43.34
CA LEU F 86 9.06 10.33 -44.48
C LEU F 86 9.43 9.04 -45.20
N VAL F 87 9.68 7.96 -44.45
CA VAL F 87 9.89 6.66 -45.09
C VAL F 87 8.63 6.22 -45.85
N ALA F 88 7.45 6.50 -45.30
CA ALA F 88 6.19 6.10 -45.94
C ALA F 88 5.90 6.93 -47.18
N SER F 89 6.06 8.25 -47.08
CA SER F 89 5.94 9.12 -48.25
C SER F 89 6.93 8.69 -49.34
N GLN F 90 8.18 8.45 -48.96
CA GLN F 90 9.17 8.02 -49.95
C GLN F 90 8.78 6.68 -50.57
N VAL F 91 8.22 5.76 -49.78
CA VAL F 91 7.85 4.47 -50.37
C VAL F 91 6.73 4.65 -51.38
N ALA F 92 5.77 5.53 -51.10
CA ALA F 92 4.70 5.70 -52.07
C ALA F 92 5.20 6.41 -53.33
N ILE F 93 6.24 7.23 -53.18
CA ILE F 93 6.81 7.96 -54.32
C ILE F 93 7.55 6.99 -55.26
N MET F 94 8.33 6.08 -54.69
CA MET F 94 9.13 5.19 -55.53
C MET F 94 8.29 4.08 -56.16
N ARG F 95 7.41 3.44 -55.39
CA ARG F 95 6.72 2.23 -55.85
C ARG F 95 5.25 2.25 -55.46
N PRO F 96 4.45 3.11 -56.10
CA PRO F 96 2.99 3.12 -55.84
C PRO F 96 2.29 1.81 -56.16
N GLU F 97 2.97 0.89 -56.86
CA GLU F 97 2.44 -0.45 -57.13
C GLU F 97 1.88 -1.12 -55.87
N ARG F 98 2.59 -1.00 -54.74
CA ARG F 98 2.27 -1.74 -53.53
C ARG F 98 1.69 -0.87 -52.41
N VAL F 99 1.42 0.40 -52.68
CA VAL F 99 0.86 1.34 -51.70
C VAL F 99 -0.62 1.56 -52.05
N GLN F 100 -1.52 1.17 -51.14
CA GLN F 100 -2.94 1.40 -51.36
C GLN F 100 -3.42 2.78 -50.91
N ALA F 101 -2.68 3.43 -50.00
CA ALA F 101 -2.97 4.79 -49.58
C ALA F 101 -1.92 5.19 -48.57
N LEU F 102 -1.47 6.43 -48.60
CA LEU F 102 -0.47 6.91 -47.67
C LEU F 102 -1.16 7.55 -46.47
N VAL F 103 -0.68 7.20 -45.28
CA VAL F 103 -1.06 7.90 -44.05
C VAL F 103 0.21 8.37 -43.39
N THR F 104 0.23 9.65 -43.06
CA THR F 104 1.33 10.28 -42.36
C THR F 104 0.75 10.80 -41.05
N VAL F 105 1.54 10.73 -39.97
CA VAL F 105 1.03 11.04 -38.63
C VAL F 105 2.05 11.89 -37.91
N ALA F 106 1.64 13.11 -37.52
CA ALA F 106 2.50 14.11 -36.91
C ALA F 106 3.85 14.19 -37.64
N SER F 107 3.81 14.11 -38.97
CA SER F 107 4.99 14.19 -39.83
C SER F 107 4.92 15.42 -40.71
N SER F 108 6.09 15.92 -41.10
CA SER F 108 6.22 17.03 -42.05
C SER F 108 6.90 16.57 -43.34
N PRO F 109 6.50 17.09 -44.50
CA PRO F 109 7.18 16.73 -45.75
C PRO F 109 8.56 17.36 -45.88
N CYS F 110 8.89 18.35 -45.07
CA CYS F 110 10.24 18.88 -45.03
C CYS F 110 10.41 19.46 -43.63
N PHE F 111 11.01 18.68 -42.72
CA PHE F 111 10.90 19.02 -41.30
C PHE F 111 11.52 20.36 -41.00
N ALA F 112 12.61 20.71 -41.68
CA ALA F 112 13.32 21.95 -41.39
C ALA F 112 12.67 23.13 -42.13
N ALA F 113 12.77 24.31 -41.52
CA ALA F 113 12.20 25.51 -42.12
C ALA F 113 12.92 25.84 -43.43
N ARG F 114 12.16 25.93 -44.51
CA ARG F 114 12.60 26.50 -45.76
C ARG F 114 12.18 27.98 -45.83
N ASP F 115 12.15 28.54 -47.04
CA ASP F 115 11.80 29.95 -47.18
C ASP F 115 10.28 30.09 -47.22
N ASP F 116 9.74 30.81 -46.24
CA ASP F 116 8.30 30.96 -46.06
C ASP F 116 7.62 29.59 -46.03
N TRP F 117 8.32 28.61 -45.46
CA TRP F 117 7.80 27.28 -45.19
C TRP F 117 8.03 26.99 -43.71
N PRO F 118 6.99 26.62 -42.95
CA PRO F 118 7.13 26.55 -41.49
C PRO F 118 7.72 25.21 -41.06
N GLY F 119 8.74 25.27 -40.22
CA GLY F 119 9.37 24.06 -39.74
C GLY F 119 10.35 24.32 -38.63
N ILE F 120 11.23 23.33 -38.42
CA ILE F 120 12.25 23.39 -37.37
C ILE F 120 13.48 24.09 -37.93
N LYS F 121 14.01 25.06 -37.17
CA LYS F 121 15.19 25.81 -37.59
C LYS F 121 16.36 24.86 -37.83
N PRO F 122 16.92 24.82 -39.05
CA PRO F 122 17.93 23.80 -39.37
C PRO F 122 19.13 23.73 -38.44
N GLU F 123 19.42 24.78 -37.66
CA GLU F 123 20.61 24.75 -36.82
C GLU F 123 20.36 24.16 -35.45
N VAL F 124 19.11 24.12 -35.00
CA VAL F 124 18.86 23.36 -33.77
C VAL F 124 18.95 21.87 -34.05
N LEU F 125 18.69 21.46 -35.30
CA LEU F 125 18.87 20.06 -35.69
C LEU F 125 20.34 19.73 -35.82
N ALA F 126 21.10 20.59 -36.50
CA ALA F 126 22.55 20.44 -36.43
C ALA F 126 23.06 20.62 -35.00
N GLY F 127 22.25 21.22 -34.12
CA GLY F 127 22.62 21.40 -32.73
C GLY F 127 22.40 20.14 -31.92
N PHE F 128 21.32 19.42 -32.23
CA PHE F 128 21.12 18.09 -31.66
C PHE F 128 22.15 17.10 -32.20
N GLN F 129 22.40 17.15 -33.50
CA GLN F 129 23.37 16.23 -34.09
C GLN F 129 24.69 16.26 -33.34
N GLN F 130 25.11 17.44 -32.85
CA GLN F 130 26.41 17.53 -32.22
C GLN F 130 26.34 17.36 -30.71
N GLN F 131 25.21 17.70 -30.07
N GLN F 131 25.21 17.70 -30.08
CA GLN F 131 25.04 17.28 -28.68
CA GLN F 131 24.93 17.30 -28.70
C GLN F 131 24.87 15.77 -28.56
C GLN F 131 24.91 15.78 -28.57
N LEU F 132 24.90 15.05 -29.67
CA LEU F 132 24.80 13.60 -29.70
C LEU F 132 26.20 12.95 -29.76
N PHE F 136 25.44 11.87 -25.22
CA PHE F 136 24.63 10.98 -26.06
C PHE F 136 23.29 10.71 -25.39
N GLN F 137 23.36 10.05 -24.25
CA GLN F 137 22.15 9.73 -23.51
C GLN F 137 21.66 10.96 -22.75
N THR F 139 20.67 13.99 -24.57
CA THR F 139 20.34 14.31 -25.94
C THR F 139 19.19 13.44 -26.45
N VAL F 140 19.43 12.15 -26.52
CA VAL F 140 18.41 11.20 -26.92
C VAL F 140 17.18 11.32 -26.05
N PHE F 143 15.53 14.77 -26.56
CA PHE F 143 14.86 14.91 -27.86
C PHE F 143 13.58 14.11 -27.94
N LEU F 144 13.55 12.97 -27.28
CA LEU F 144 12.26 12.27 -27.21
C LEU F 144 11.28 13.04 -26.32
N ALA F 145 11.79 13.87 -25.39
CA ALA F 145 10.90 14.71 -24.60
C ALA F 145 10.15 15.72 -25.46
N LEU F 146 10.77 16.21 -26.54
CA LEU F 146 10.09 17.13 -27.44
C LEU F 146 8.90 16.47 -28.12
N GLN F 147 8.97 15.17 -28.40
CA GLN F 147 7.87 14.50 -29.07
C GLN F 147 6.61 14.46 -28.22
N THR F 148 6.73 14.64 -26.90
CA THR F 148 5.56 14.66 -26.02
C THR F 148 5.18 16.04 -25.51
N MET F 149 6.15 16.93 -25.25
CA MET F 149 5.90 18.19 -24.55
C MET F 149 4.77 19.00 -25.18
N GLY F 150 4.03 19.70 -24.32
CA GLY F 150 2.90 20.50 -24.72
C GLY F 150 1.55 19.88 -24.41
N THR F 151 1.49 18.55 -24.32
CA THR F 151 0.24 17.86 -24.05
C THR F 151 -0.24 18.12 -22.62
N GLU F 152 -1.44 17.62 -22.35
CA GLU F 152 -1.93 17.54 -20.97
C GLU F 152 -1.28 16.37 -20.23
N SER F 153 -1.10 15.24 -20.92
CA SER F 153 -0.51 14.02 -20.38
C SER F 153 0.98 13.93 -20.62
N ALA F 154 1.71 15.03 -20.41
CA ALA F 154 3.14 15.09 -20.76
C ALA F 154 3.95 13.99 -20.07
N ARG F 155 3.91 13.95 -18.74
CA ARG F 155 4.67 12.93 -18.01
C ARG F 155 4.31 11.53 -18.51
N GLN F 156 3.01 11.23 -18.56
CA GLN F 156 2.56 9.88 -18.95
C GLN F 156 2.96 9.54 -20.38
N ASP F 157 2.79 10.48 -21.31
CA ASP F 157 3.10 10.21 -22.70
C ASP F 157 4.59 9.98 -22.90
N ALA F 158 5.42 10.73 -22.19
CA ALA F 158 6.87 10.64 -22.35
C ALA F 158 7.42 9.36 -21.72
N ARG F 159 6.80 8.88 -20.65
CA ARG F 159 7.24 7.62 -20.07
C ARG F 159 6.89 6.45 -20.99
N ALA F 160 5.74 6.51 -21.66
CA ALA F 160 5.37 5.47 -22.62
C ALA F 160 6.37 5.37 -23.78
N LEU F 161 6.76 6.51 -24.36
CA LEU F 161 7.80 6.51 -25.39
C LEU F 161 9.10 5.96 -24.85
N LYS F 162 9.48 6.40 -23.63
CA LYS F 162 10.71 5.92 -23.01
C LYS F 162 10.71 4.41 -22.84
N GLN F 163 9.55 3.83 -22.47
CA GLN F 163 9.47 2.38 -22.38
C GLN F 163 9.82 1.72 -23.70
N ALA F 164 9.41 2.33 -24.83
CA ALA F 164 9.67 1.70 -26.14
C ALA F 164 11.16 1.51 -26.40
N VAL F 165 12.01 2.37 -25.82
CA VAL F 165 13.46 2.26 -26.05
C VAL F 165 14.12 1.22 -25.17
N LEU F 166 13.39 0.64 -24.22
CA LEU F 166 13.97 -0.32 -23.27
C LEU F 166 13.92 -1.75 -23.79
N SER F 167 14.85 -2.58 -23.30
CA SER F 167 14.97 -4.01 -23.59
C SER F 167 15.15 -4.32 -25.08
N LEU F 168 15.41 -3.32 -25.93
CA LEU F 168 15.85 -3.56 -27.30
C LEU F 168 17.17 -2.83 -27.52
N PRO F 169 18.00 -3.29 -28.47
CA PRO F 169 19.32 -2.65 -28.63
C PRO F 169 19.19 -1.16 -28.94
N MET F 170 19.97 -0.35 -28.21
CA MET F 170 19.96 1.09 -28.43
C MET F 170 20.43 1.43 -29.84
N PRO F 171 19.68 2.25 -30.60
CA PRO F 171 20.18 2.69 -31.90
C PRO F 171 21.60 3.23 -31.83
N SER F 172 22.39 2.95 -32.86
CA SER F 172 23.76 3.46 -32.92
C SER F 172 23.77 4.99 -33.08
N ALA F 173 24.94 5.56 -32.74
CA ALA F 173 25.14 7.00 -32.93
C ALA F 173 24.99 7.39 -34.40
N GLU F 174 25.61 6.61 -35.29
CA GLU F 174 25.54 6.88 -36.73
C GLU F 174 24.11 6.81 -37.22
N ALA F 175 23.40 5.71 -36.90
CA ALA F 175 22.01 5.61 -37.34
C ALA F 175 21.22 6.80 -36.85
N LEU F 176 21.31 7.08 -35.54
CA LEU F 176 20.58 8.21 -35.00
C LEU F 176 21.02 9.52 -35.64
N ASN F 177 22.31 9.64 -35.97
CA ASN F 177 22.82 10.84 -36.63
C ASN F 177 22.23 10.98 -38.03
N GLY F 178 22.31 9.92 -38.84
CA GLY F 178 21.76 9.97 -40.18
C GLY F 178 20.26 10.13 -40.19
N GLY F 179 19.59 9.66 -39.14
CA GLY F 179 18.17 9.92 -39.01
C GLY F 179 17.84 11.39 -38.85
N LEU F 180 18.69 12.12 -38.13
CA LEU F 180 18.51 13.57 -38.01
C LEU F 180 18.83 14.25 -39.34
N GLU F 181 19.87 13.77 -40.03
CA GLU F 181 20.20 14.31 -41.34
C GLU F 181 19.03 14.17 -42.30
N ILE F 182 18.27 13.08 -42.19
CA ILE F 182 17.11 12.91 -43.06
C ILE F 182 16.05 13.96 -42.74
N LEU F 183 15.81 14.23 -41.46
CA LEU F 183 14.83 15.25 -41.10
C LEU F 183 15.31 16.64 -41.53
N ARG F 184 16.62 16.88 -41.46
CA ARG F 184 17.20 18.20 -41.71
C ARG F 184 17.35 18.52 -43.19
N THR F 185 17.43 17.52 -44.06
CA THR F 185 17.75 17.78 -45.47
C THR F 185 16.61 17.47 -46.43
N VAL F 186 15.67 16.60 -46.06
CA VAL F 186 14.70 16.08 -47.01
C VAL F 186 13.55 17.07 -47.19
N ASP F 187 13.07 17.18 -48.44
CA ASP F 187 11.85 17.93 -48.78
C ASP F 187 11.08 17.12 -49.83
N LEU F 188 9.82 16.78 -49.53
CA LEU F 188 9.05 15.90 -50.41
C LEU F 188 7.79 16.54 -50.98
N ARG F 189 7.63 17.86 -50.88
CA ARG F 189 6.54 18.54 -51.60
C ARG F 189 6.68 18.50 -53.14
N PRO F 196 -1.59 10.14 -56.40
CA PRO F 196 -1.68 8.83 -57.07
C PRO F 196 -2.60 7.85 -56.33
N MET F 197 -2.64 7.95 -55.00
CA MET F 197 -3.48 7.13 -54.13
C MET F 197 -4.09 8.06 -53.10
N PRO F 198 -5.14 7.62 -52.41
CA PRO F 198 -5.69 8.44 -51.31
C PRO F 198 -4.60 8.73 -50.28
N PHE F 199 -4.57 9.98 -49.82
CA PHE F 199 -3.47 10.47 -48.98
C PHE F 199 -4.07 11.26 -47.84
N LEU F 200 -3.84 10.79 -46.61
CA LEU F 200 -4.43 11.34 -45.41
C LEU F 200 -3.33 11.73 -44.44
N ARG F 201 -3.53 12.85 -43.76
CA ARG F 201 -2.50 13.41 -42.90
C ARG F 201 -3.13 13.78 -41.57
N LEU F 202 -2.53 13.31 -40.47
CA LEU F 202 -2.98 13.60 -39.12
C LEU F 202 -1.91 14.39 -38.40
N TYR F 203 -2.33 15.43 -37.68
CA TYR F 203 -1.41 16.34 -37.00
C TYR F 203 -1.90 16.57 -35.59
N GLY F 204 -1.11 17.31 -34.82
CA GLY F 204 -1.52 17.65 -33.47
C GLY F 204 -1.27 19.12 -33.18
N ARG F 205 -2.35 19.87 -32.94
CA ARG F 205 -2.25 21.32 -32.80
C ARG F 205 -1.20 21.74 -31.78
N LEU F 206 -0.89 20.88 -30.81
CA LEU F 206 0.08 21.24 -29.78
C LEU F 206 1.49 20.72 -30.08
N ASP F 207 1.73 20.24 -31.31
CA ASP F 207 2.94 19.52 -31.68
C ASP F 207 4.23 20.09 -31.10
N GLY F 208 4.80 21.10 -31.76
CA GLY F 208 6.07 21.65 -31.34
C GLY F 208 7.25 21.17 -32.15
N LEU F 209 7.06 20.18 -33.02
CA LEU F 209 8.05 19.81 -34.00
C LEU F 209 7.50 19.84 -35.42
N VAL F 210 6.19 19.94 -35.57
CA VAL F 210 5.52 19.99 -36.87
C VAL F 210 4.47 21.10 -36.74
N PRO F 211 4.84 22.37 -36.99
CA PRO F 211 3.95 23.50 -36.71
C PRO F 211 2.90 23.72 -37.81
N LYS F 213 0.97 24.97 -40.50
CA LYS F 213 1.60 24.30 -41.63
C LYS F 213 0.63 23.33 -42.29
N ILE F 214 -0.42 22.99 -41.54
CA ILE F 214 -1.41 22.05 -42.02
C ILE F 214 -2.20 22.63 -43.18
N VAL F 215 -2.33 23.96 -43.22
CA VAL F 215 -3.19 24.60 -44.23
C VAL F 215 -2.47 24.85 -45.56
N PRO F 216 -1.15 25.20 -45.61
CA PRO F 216 -0.50 25.28 -46.92
C PRO F 216 -0.56 24.00 -47.72
N LEU F 217 -0.26 22.87 -47.09
CA LEU F 217 -0.11 21.61 -47.79
C LEU F 217 -1.44 21.01 -48.24
N LEU F 218 -2.56 21.47 -47.69
CA LEU F 218 -3.87 21.16 -48.29
C LEU F 218 -3.91 21.66 -49.75
N ASP F 219 -3.35 22.84 -49.99
CA ASP F 219 -3.06 23.42 -51.33
C ASP F 219 -3.99 23.03 -52.46
N GLU F 226 -6.62 14.87 -48.16
CA GLU F 226 -7.45 15.20 -46.99
C GLU F 226 -6.65 15.09 -45.68
N SER F 227 -6.99 15.91 -44.70
CA SER F 227 -6.21 15.98 -43.46
C SER F 227 -7.15 16.06 -42.25
N ILE F 228 -6.56 15.98 -41.05
CA ILE F 228 -7.29 15.98 -39.79
C ILE F 228 -6.39 16.57 -38.72
N LEU F 229 -6.91 17.52 -37.96
CA LEU F 229 -6.18 18.07 -36.84
C LEU F 229 -6.72 17.48 -35.54
N PHE F 230 -5.81 17.22 -34.60
CA PHE F 230 -6.11 16.76 -33.25
C PHE F 230 -5.72 17.89 -32.31
N ASP F 231 -6.72 18.63 -31.82
CA ASP F 231 -6.46 19.92 -31.18
C ASP F 231 -5.92 19.83 -29.75
N LYS F 232 -5.89 18.64 -29.14
CA LYS F 232 -5.26 18.50 -27.83
C LYS F 232 -4.13 17.46 -27.82
N ALA F 233 -3.92 16.74 -28.92
CA ALA F 233 -2.74 15.91 -29.11
C ALA F 233 -1.55 16.78 -29.49
N ALA F 234 -0.36 16.24 -29.27
CA ALA F 234 0.86 16.92 -29.66
C ALA F 234 1.56 16.15 -30.79
N HIS F 235 2.87 15.94 -30.65
CA HIS F 235 3.64 15.23 -31.67
C HIS F 235 3.46 13.72 -31.66
N ALA F 236 2.78 13.15 -30.66
CA ALA F 236 2.46 11.71 -30.64
C ALA F 236 0.98 11.54 -30.36
N PRO F 237 0.13 11.75 -31.38
CA PRO F 237 -1.31 11.69 -31.16
C PRO F 237 -1.87 10.29 -30.97
N PHE F 238 -1.15 9.24 -31.37
CA PHE F 238 -1.61 7.89 -31.05
C PHE F 238 -1.30 7.51 -29.61
N VAL F 239 -0.35 8.21 -28.99
CA VAL F 239 -0.06 8.06 -27.56
C VAL F 239 -1.16 8.69 -26.72
N SER F 240 -1.34 10.00 -26.86
CA SER F 240 -2.24 10.75 -26.00
C SER F 240 -3.72 10.56 -26.31
N HIS F 241 -4.10 10.26 -27.56
CA HIS F 241 -5.50 10.18 -27.96
C HIS F 241 -5.77 9.01 -28.91
N PRO F 242 -5.64 7.77 -28.42
CA PRO F 242 -5.81 6.61 -29.32
C PRO F 242 -7.14 6.54 -30.04
N ALA F 243 -8.24 6.91 -29.38
CA ALA F 243 -9.55 6.80 -30.02
C ALA F 243 -9.67 7.76 -31.20
N ALA F 244 -9.22 9.02 -31.03
CA ALA F 244 -9.27 9.99 -32.12
C ALA F 244 -8.35 9.58 -33.27
N PHE F 245 -7.19 8.98 -32.95
CA PHE F 245 -6.25 8.56 -33.96
C PHE F 245 -6.81 7.45 -34.85
N CYS F 246 -7.50 6.47 -34.25
CA CYS F 246 -7.90 5.30 -35.02
C CYS F 246 -9.11 5.56 -35.91
N GLU F 247 -10.10 6.35 -35.46
CA GLU F 247 -11.31 6.52 -36.25
C GLU F 247 -11.10 6.96 -37.70
N PRO F 248 -10.20 7.89 -38.04
CA PRO F 248 -9.99 8.20 -39.47
C PRO F 248 -9.40 7.05 -40.26
N LEU F 249 -8.69 6.13 -39.61
CA LEU F 249 -8.12 4.97 -40.30
C LEU F 249 -9.21 4.01 -40.75
N LEU F 250 -10.30 3.93 -39.99
CA LEU F 250 -11.42 3.05 -40.32
C LEU F 250 -12.34 3.69 -41.36
N ALA F 251 -12.56 5.00 -41.24
CA ALA F 251 -13.22 5.76 -42.30
C ALA F 251 -12.45 5.62 -43.61
N LEU F 252 -11.11 5.61 -43.53
CA LEU F 252 -10.27 5.45 -44.71
C LEU F 252 -10.48 4.09 -45.36
N LYS F 253 -10.75 3.06 -44.56
CA LYS F 253 -10.75 1.72 -45.14
C LYS F 253 -11.97 1.48 -46.02
N THR F 254 -13.09 2.16 -45.77
CA THR F 254 -14.23 2.00 -46.67
C THR F 254 -14.22 3.00 -47.83
N ARG F 255 -13.56 4.16 -47.67
CA ARG F 255 -13.20 4.97 -48.84
C ARG F 255 -12.58 4.11 -49.93
N LEU F 256 -11.60 3.28 -49.54
CA LEU F 256 -10.90 2.35 -50.44
C LEU F 256 -11.89 1.42 -51.15
#